data_5QRU
# 
_entry.id   5QRU 
# 
_audit_conform.dict_name       mmcif_pdbx.dic 
_audit_conform.dict_version    5.387 
_audit_conform.dict_location   http://mmcif.pdb.org/dictionaries/ascii/mmcif_pdbx.dic 
# 
loop_
_database_2.database_id 
_database_2.database_code 
_database_2.pdbx_database_accession 
_database_2.pdbx_DOI 
PDB   5QRU         pdb_00005qru 10.2210/pdb5qru/pdb 
WWPDB D_1001402327 ?            ?                   
# 
loop_
_pdbx_audit_revision_history.ordinal 
_pdbx_audit_revision_history.data_content_type 
_pdbx_audit_revision_history.major_revision 
_pdbx_audit_revision_history.minor_revision 
_pdbx_audit_revision_history.revision_date 
1 'Structure model' 1 0 2019-07-10 
2 'Structure model' 1 1 2019-08-07 
3 'Structure model' 1 2 2024-03-06 
# 
_pdbx_audit_revision_details.ordinal             1 
_pdbx_audit_revision_details.revision_ordinal    1 
_pdbx_audit_revision_details.data_content_type   'Structure model' 
_pdbx_audit_revision_details.provider            repository 
_pdbx_audit_revision_details.type                'Initial release' 
_pdbx_audit_revision_details.description         ? 
_pdbx_audit_revision_details.details             ? 
# 
loop_
_pdbx_audit_revision_group.ordinal 
_pdbx_audit_revision_group.revision_ordinal 
_pdbx_audit_revision_group.data_content_type 
_pdbx_audit_revision_group.group 
1 2 'Structure model' 'Author supporting evidence' 
2 2 'Structure model' 'Data collection'            
3 2 'Structure model' 'Structure summary'          
4 3 'Structure model' 'Data collection'            
5 3 'Structure model' 'Database references'        
6 3 'Structure model' 'Derived calculations'       
# 
loop_
_pdbx_audit_revision_category.ordinal 
_pdbx_audit_revision_category.revision_ordinal 
_pdbx_audit_revision_category.data_content_type 
_pdbx_audit_revision_category.category 
1 2 'Structure model' pdbx_entity_instance_feature 
2 2 'Structure model' pdbx_entry_details           
3 3 'Structure model' chem_comp_atom               
4 3 'Structure model' chem_comp_bond               
5 3 'Structure model' database_2                   
6 3 'Structure model' pdbx_struct_conn_angle       
7 3 'Structure model' struct_conn                  
# 
loop_
_pdbx_audit_revision_item.ordinal 
_pdbx_audit_revision_item.revision_ordinal 
_pdbx_audit_revision_item.data_content_type 
_pdbx_audit_revision_item.item 
1  3 'Structure model' '_database_2.pdbx_DOI'                        
2  3 'Structure model' '_database_2.pdbx_database_accession'         
3  3 'Structure model' '_pdbx_struct_conn_angle.ptnr1_auth_comp_id'  
4  3 'Structure model' '_pdbx_struct_conn_angle.ptnr1_auth_seq_id'   
5  3 'Structure model' '_pdbx_struct_conn_angle.ptnr1_label_alt_id'  
6  3 'Structure model' '_pdbx_struct_conn_angle.ptnr1_label_asym_id' 
7  3 'Structure model' '_pdbx_struct_conn_angle.ptnr1_label_atom_id' 
8  3 'Structure model' '_pdbx_struct_conn_angle.ptnr1_label_comp_id' 
9  3 'Structure model' '_pdbx_struct_conn_angle.ptnr1_label_seq_id'  
10 3 'Structure model' '_pdbx_struct_conn_angle.ptnr1_symmetry'      
11 3 'Structure model' '_pdbx_struct_conn_angle.ptnr2_auth_seq_id'   
12 3 'Structure model' '_pdbx_struct_conn_angle.ptnr2_label_asym_id' 
13 3 'Structure model' '_pdbx_struct_conn_angle.ptnr3_auth_comp_id'  
14 3 'Structure model' '_pdbx_struct_conn_angle.ptnr3_auth_seq_id'   
15 3 'Structure model' '_pdbx_struct_conn_angle.ptnr3_label_alt_id'  
16 3 'Structure model' '_pdbx_struct_conn_angle.ptnr3_label_asym_id' 
17 3 'Structure model' '_pdbx_struct_conn_angle.ptnr3_label_atom_id' 
18 3 'Structure model' '_pdbx_struct_conn_angle.ptnr3_label_comp_id' 
19 3 'Structure model' '_pdbx_struct_conn_angle.ptnr3_label_seq_id'  
20 3 'Structure model' '_pdbx_struct_conn_angle.ptnr3_symmetry'      
21 3 'Structure model' '_pdbx_struct_conn_angle.value'               
22 3 'Structure model' '_struct_conn.pdbx_dist_value'                
23 3 'Structure model' '_struct_conn.pdbx_ptnr1_label_alt_id'        
24 3 'Structure model' '_struct_conn.ptnr1_auth_comp_id'             
25 3 'Structure model' '_struct_conn.ptnr1_auth_seq_id'              
26 3 'Structure model' '_struct_conn.ptnr1_label_asym_id'            
27 3 'Structure model' '_struct_conn.ptnr1_label_atom_id'            
28 3 'Structure model' '_struct_conn.ptnr1_label_comp_id'            
29 3 'Structure model' '_struct_conn.ptnr1_label_seq_id'             
30 3 'Structure model' '_struct_conn.ptnr2_auth_comp_id'             
31 3 'Structure model' '_struct_conn.ptnr2_auth_seq_id'              
32 3 'Structure model' '_struct_conn.ptnr2_label_asym_id'            
33 3 'Structure model' '_struct_conn.ptnr2_label_atom_id'            
34 3 'Structure model' '_struct_conn.ptnr2_label_comp_id'            
35 3 'Structure model' '_struct_conn.ptnr2_symmetry'                 
# 
_pdbx_database_status.entry_id                        5QRU 
_pdbx_database_status.status_code                     REL 
_pdbx_database_status.status_code_sf                  REL 
_pdbx_database_status.status_code_mr                  ? 
_pdbx_database_status.status_code_cs                  ? 
_pdbx_database_status.recvd_initial_deposition_date   2019-05-25 
_pdbx_database_status.deposit_site                    RCSB 
_pdbx_database_status.process_site                    RCSB 
_pdbx_database_status.SG_entry                        ? 
_pdbx_database_status.pdb_format_compatible           Y 
_pdbx_database_status.methods_development_category    ? 
_pdbx_database_status.status_code_nmr_data            ? 
# 
loop_
_audit_author.name 
_audit_author.pdbx_ordinal 
'Newman, J.A.'        1  
'Gavard, A.E.'        2  
'Fernandez-Cid, A.'   3  
'Sherestha, L.'       4  
'Burgess-Brown, N.A.' 5  
'von Delft, F.'       6  
'Arrowsmith, C.H.'    7  
'Edwards, A.'         8  
'Bountra, C.'         9  
'Gileadi, O.'         10 
# 
_citation.id                        primary 
_citation.title                     'PanDDA analysis group deposition' 
_citation.journal_abbrev            'To Be Published' 
_citation.journal_volume            ? 
_citation.page_first                ? 
_citation.page_last                 ? 
_citation.year                      ? 
_citation.journal_id_ASTM           ? 
_citation.country                   ? 
_citation.journal_id_ISSN           ? 
_citation.journal_id_CSD            0353 
_citation.book_publisher            ? 
_citation.pdbx_database_id_PubMed   ? 
_citation.pdbx_database_id_DOI      ? 
# 
loop_
_citation_author.citation_id 
_citation_author.name 
_citation_author.identifier_ORCID 
_citation_author.ordinal 
primary 'Newman, J.A.'        ? 1  
primary 'Gavard, A.E.'        ? 2  
primary 'Fernandez-Cid, A.'   ? 3  
primary 'Sherestha, L.'       ? 4  
primary 'Burgess-Brown, N.A.' ? 5  
primary 'von Delft, F.'       ? 6  
primary 'Arrowsmith, C.H.'    ? 7  
primary 'Edwards, A.'         ? 8  
primary 'Bountra, C.'         ? 9  
primary 'Gileadi, O.'         ? 10 
# 
loop_
_entity.id 
_entity.type 
_entity.src_method 
_entity.pdbx_description 
_entity.formula_weight 
_entity.pdbx_number_of_molecules 
_entity.pdbx_ec 
_entity.pdbx_mutation 
_entity.pdbx_fragment 
_entity.details 
1 polymer     man 'T-box transcription factor T'            19597.586 1  ? ? ? ? 
2 non-polymer syn 'CADMIUM ION'                             112.411   5  ? ? ? ? 
3 non-polymer syn 'N-(2-methoxy-5-methylphenyl)glycinamide' 194.230   1  ? ? ? ? 
4 water       nat water                                     18.015    71 ? ? ? ? 
# 
_entity_name_com.entity_id   1 
_entity_name_com.name        'Brachyury protein,Protein T' 
# 
_entity_poly.entity_id                      1 
_entity_poly.type                           'polypeptide(L)' 
_entity_poly.nstd_linkage                   no 
_entity_poly.nstd_monomer                   no 
_entity_poly.pdbx_seq_one_letter_code       
;GELRVGLEESELWLRFKELTNEMIVTKNGRRMFPVLKVNVSGLDPNAMYSFLLDFVAADNHRWKYVNGEWVPGGKPEPQA
PSCVYIHPDSPNFGAHWMKAPVSFSKVKLTNKLNGGGQIMLNSLHKYEPRIHIVRVGGPQRMITSHCFPETQFIAVTAYQ
NEEITALKIKYN
;
_entity_poly.pdbx_seq_one_letter_code_can   
;GELRVGLEESELWLRFKELTNEMIVTKNGRRMFPVLKVNVSGLDPNAMYSFLLDFVAADNHRWKYVNGEWVPGGKPEPQA
PSCVYIHPDSPNFGAHWMKAPVSFSKVKLTNKLNGGGQIMLNSLHKYEPRIHIVRVGGPQRMITSHCFPETQFIAVTAYQ
NEEITALKIKYN
;
_entity_poly.pdbx_strand_id                 A 
_entity_poly.pdbx_target_identifier         ? 
# 
loop_
_pdbx_entity_nonpoly.entity_id 
_pdbx_entity_nonpoly.name 
_pdbx_entity_nonpoly.comp_id 
2 'CADMIUM ION'                             CD  
3 'N-(2-methoxy-5-methylphenyl)glycinamide' NY7 
4 water                                     HOH 
# 
loop_
_entity_poly_seq.entity_id 
_entity_poly_seq.num 
_entity_poly_seq.mon_id 
_entity_poly_seq.hetero 
1 1   GLY n 
1 2   GLU n 
1 3   LEU n 
1 4   ARG n 
1 5   VAL n 
1 6   GLY n 
1 7   LEU n 
1 8   GLU n 
1 9   GLU n 
1 10  SER n 
1 11  GLU n 
1 12  LEU n 
1 13  TRP n 
1 14  LEU n 
1 15  ARG n 
1 16  PHE n 
1 17  LYS n 
1 18  GLU n 
1 19  LEU n 
1 20  THR n 
1 21  ASN n 
1 22  GLU n 
1 23  MET n 
1 24  ILE n 
1 25  VAL n 
1 26  THR n 
1 27  LYS n 
1 28  ASN n 
1 29  GLY n 
1 30  ARG n 
1 31  ARG n 
1 32  MET n 
1 33  PHE n 
1 34  PRO n 
1 35  VAL n 
1 36  LEU n 
1 37  LYS n 
1 38  VAL n 
1 39  ASN n 
1 40  VAL n 
1 41  SER n 
1 42  GLY n 
1 43  LEU n 
1 44  ASP n 
1 45  PRO n 
1 46  ASN n 
1 47  ALA n 
1 48  MET n 
1 49  TYR n 
1 50  SER n 
1 51  PHE n 
1 52  LEU n 
1 53  LEU n 
1 54  ASP n 
1 55  PHE n 
1 56  VAL n 
1 57  ALA n 
1 58  ALA n 
1 59  ASP n 
1 60  ASN n 
1 61  HIS n 
1 62  ARG n 
1 63  TRP n 
1 64  LYS n 
1 65  TYR n 
1 66  VAL n 
1 67  ASN n 
1 68  GLY n 
1 69  GLU n 
1 70  TRP n 
1 71  VAL n 
1 72  PRO n 
1 73  GLY n 
1 74  GLY n 
1 75  LYS n 
1 76  PRO n 
1 77  GLU n 
1 78  PRO n 
1 79  GLN n 
1 80  ALA n 
1 81  PRO n 
1 82  SER n 
1 83  CYS n 
1 84  VAL n 
1 85  TYR n 
1 86  ILE n 
1 87  HIS n 
1 88  PRO n 
1 89  ASP n 
1 90  SER n 
1 91  PRO n 
1 92  ASN n 
1 93  PHE n 
1 94  GLY n 
1 95  ALA n 
1 96  HIS n 
1 97  TRP n 
1 98  MET n 
1 99  LYS n 
1 100 ALA n 
1 101 PRO n 
1 102 VAL n 
1 103 SER n 
1 104 PHE n 
1 105 SER n 
1 106 LYS n 
1 107 VAL n 
1 108 LYS n 
1 109 LEU n 
1 110 THR n 
1 111 ASN n 
1 112 LYS n 
1 113 LEU n 
1 114 ASN n 
1 115 GLY n 
1 116 GLY n 
1 117 GLY n 
1 118 GLN n 
1 119 ILE n 
1 120 MET n 
1 121 LEU n 
1 122 ASN n 
1 123 SER n 
1 124 LEU n 
1 125 HIS n 
1 126 LYS n 
1 127 TYR n 
1 128 GLU n 
1 129 PRO n 
1 130 ARG n 
1 131 ILE n 
1 132 HIS n 
1 133 ILE n 
1 134 VAL n 
1 135 ARG n 
1 136 VAL n 
1 137 GLY n 
1 138 GLY n 
1 139 PRO n 
1 140 GLN n 
1 141 ARG n 
1 142 MET n 
1 143 ILE n 
1 144 THR n 
1 145 SER n 
1 146 HIS n 
1 147 CYS n 
1 148 PHE n 
1 149 PRO n 
1 150 GLU n 
1 151 THR n 
1 152 GLN n 
1 153 PHE n 
1 154 ILE n 
1 155 ALA n 
1 156 VAL n 
1 157 THR n 
1 158 ALA n 
1 159 TYR n 
1 160 GLN n 
1 161 ASN n 
1 162 GLU n 
1 163 GLU n 
1 164 ILE n 
1 165 THR n 
1 166 ALA n 
1 167 LEU n 
1 168 LYS n 
1 169 ILE n 
1 170 LYS n 
1 171 TYR n 
1 172 ASN n 
# 
_entity_src_gen.entity_id                          1 
_entity_src_gen.pdbx_src_id                        1 
_entity_src_gen.pdbx_alt_source_flag               sample 
_entity_src_gen.pdbx_seq_type                      'Biological sequence' 
_entity_src_gen.pdbx_beg_seq_num                   1 
_entity_src_gen.pdbx_end_seq_num                   172 
_entity_src_gen.gene_src_common_name               Human 
_entity_src_gen.gene_src_genus                     ? 
_entity_src_gen.pdbx_gene_src_gene                 'TBXT, T' 
_entity_src_gen.gene_src_species                   ? 
_entity_src_gen.gene_src_strain                    ? 
_entity_src_gen.gene_src_tissue                    ? 
_entity_src_gen.gene_src_tissue_fraction           ? 
_entity_src_gen.gene_src_details                   ? 
_entity_src_gen.pdbx_gene_src_fragment             ? 
_entity_src_gen.pdbx_gene_src_scientific_name      'Homo sapiens' 
_entity_src_gen.pdbx_gene_src_ncbi_taxonomy_id     9606 
_entity_src_gen.pdbx_gene_src_variant              ? 
_entity_src_gen.pdbx_gene_src_cell_line            ? 
_entity_src_gen.pdbx_gene_src_atcc                 ? 
_entity_src_gen.pdbx_gene_src_organ                ? 
_entity_src_gen.pdbx_gene_src_organelle            ? 
_entity_src_gen.pdbx_gene_src_cell                 ? 
_entity_src_gen.pdbx_gene_src_cellular_location    ? 
_entity_src_gen.host_org_common_name               ? 
_entity_src_gen.pdbx_host_org_scientific_name      'Escherichia coli' 
_entity_src_gen.pdbx_host_org_ncbi_taxonomy_id     562 
_entity_src_gen.host_org_genus                     ? 
_entity_src_gen.pdbx_host_org_gene                 ? 
_entity_src_gen.pdbx_host_org_organ                ? 
_entity_src_gen.host_org_species                   ? 
_entity_src_gen.pdbx_host_org_tissue               ? 
_entity_src_gen.pdbx_host_org_tissue_fraction      ? 
_entity_src_gen.pdbx_host_org_strain               ? 
_entity_src_gen.pdbx_host_org_variant              ? 
_entity_src_gen.pdbx_host_org_cell_line            ? 
_entity_src_gen.pdbx_host_org_atcc                 ? 
_entity_src_gen.pdbx_host_org_culture_collection   ? 
_entity_src_gen.pdbx_host_org_cell                 ? 
_entity_src_gen.pdbx_host_org_organelle            ? 
_entity_src_gen.pdbx_host_org_cellular_location    ? 
_entity_src_gen.pdbx_host_org_vector_type          ? 
_entity_src_gen.pdbx_host_org_vector               ? 
_entity_src_gen.host_org_details                   ? 
_entity_src_gen.expression_system_id               ? 
_entity_src_gen.plasmid_name                       ? 
_entity_src_gen.plasmid_details                    ? 
_entity_src_gen.pdbx_description                   ? 
# 
loop_
_chem_comp.id 
_chem_comp.type 
_chem_comp.mon_nstd_flag 
_chem_comp.name 
_chem_comp.pdbx_synonyms 
_chem_comp.formula 
_chem_comp.formula_weight 
ALA 'L-peptide linking' y ALANINE                                   ? 'C3 H7 N O2'     89.093  
ARG 'L-peptide linking' y ARGININE                                  ? 'C6 H15 N4 O2 1' 175.209 
ASN 'L-peptide linking' y ASPARAGINE                                ? 'C4 H8 N2 O3'    132.118 
ASP 'L-peptide linking' y 'ASPARTIC ACID'                           ? 'C4 H7 N O4'     133.103 
CD  non-polymer         . 'CADMIUM ION'                             ? 'Cd 2'           112.411 
CYS 'L-peptide linking' y CYSTEINE                                  ? 'C3 H7 N O2 S'   121.158 
GLN 'L-peptide linking' y GLUTAMINE                                 ? 'C5 H10 N2 O3'   146.144 
GLU 'L-peptide linking' y 'GLUTAMIC ACID'                           ? 'C5 H9 N O4'     147.129 
GLY 'peptide linking'   y GLYCINE                                   ? 'C2 H5 N O2'     75.067  
HIS 'L-peptide linking' y HISTIDINE                                 ? 'C6 H10 N3 O2 1' 156.162 
HOH non-polymer         . WATER                                     ? 'H2 O'           18.015  
ILE 'L-peptide linking' y ISOLEUCINE                                ? 'C6 H13 N O2'    131.173 
LEU 'L-peptide linking' y LEUCINE                                   ? 'C6 H13 N O2'    131.173 
LYS 'L-peptide linking' y LYSINE                                    ? 'C6 H15 N2 O2 1' 147.195 
MET 'L-peptide linking' y METHIONINE                                ? 'C5 H11 N O2 S'  149.211 
NY7 non-polymer         . 'N-(2-methoxy-5-methylphenyl)glycinamide' ? 'C10 H14 N2 O2'  194.230 
PHE 'L-peptide linking' y PHENYLALANINE                             ? 'C9 H11 N O2'    165.189 
PRO 'L-peptide linking' y PROLINE                                   ? 'C5 H9 N O2'     115.130 
SER 'L-peptide linking' y SERINE                                    ? 'C3 H7 N O3'     105.093 
THR 'L-peptide linking' y THREONINE                                 ? 'C4 H9 N O3'     119.119 
TRP 'L-peptide linking' y TRYPTOPHAN                                ? 'C11 H12 N2 O2'  204.225 
TYR 'L-peptide linking' y TYROSINE                                  ? 'C9 H11 N O3'    181.189 
VAL 'L-peptide linking' y VALINE                                    ? 'C5 H11 N O2'    117.146 
# 
loop_
_pdbx_poly_seq_scheme.asym_id 
_pdbx_poly_seq_scheme.entity_id 
_pdbx_poly_seq_scheme.seq_id 
_pdbx_poly_seq_scheme.mon_id 
_pdbx_poly_seq_scheme.ndb_seq_num 
_pdbx_poly_seq_scheme.pdb_seq_num 
_pdbx_poly_seq_scheme.auth_seq_num 
_pdbx_poly_seq_scheme.pdb_mon_id 
_pdbx_poly_seq_scheme.auth_mon_id 
_pdbx_poly_seq_scheme.pdb_strand_id 
_pdbx_poly_seq_scheme.pdb_ins_code 
_pdbx_poly_seq_scheme.hetero 
A 1 1   GLY 1   40  ?   ?   ?   A . n 
A 1 2   GLU 2   41  41  GLU GLU A . n 
A 1 3   LEU 3   42  42  LEU LEU A . n 
A 1 4   ARG 4   43  43  ARG ARG A . n 
A 1 5   VAL 5   44  44  VAL VAL A . n 
A 1 6   GLY 6   45  45  GLY GLY A . n 
A 1 7   LEU 7   46  46  LEU LEU A . n 
A 1 8   GLU 8   47  47  GLU GLU A . n 
A 1 9   GLU 9   48  48  GLU GLU A . n 
A 1 10  SER 10  49  49  SER SER A . n 
A 1 11  GLU 11  50  50  GLU GLU A . n 
A 1 12  LEU 12  51  51  LEU LEU A . n 
A 1 13  TRP 13  52  52  TRP TRP A . n 
A 1 14  LEU 14  53  53  LEU LEU A . n 
A 1 15  ARG 15  54  54  ARG ARG A . n 
A 1 16  PHE 16  55  55  PHE PHE A . n 
A 1 17  LYS 17  56  56  LYS LYS A . n 
A 1 18  GLU 18  57  57  GLU GLU A . n 
A 1 19  LEU 19  58  58  LEU LEU A . n 
A 1 20  THR 20  59  59  THR THR A . n 
A 1 21  ASN 21  60  60  ASN ASN A . n 
A 1 22  GLU 22  61  61  GLU GLU A . n 
A 1 23  MET 23  62  62  MET MET A . n 
A 1 24  ILE 24  63  63  ILE ILE A . n 
A 1 25  VAL 25  64  64  VAL VAL A . n 
A 1 26  THR 26  65  65  THR THR A . n 
A 1 27  LYS 27  66  66  LYS LYS A . n 
A 1 28  ASN 28  67  67  ASN ASN A . n 
A 1 29  GLY 29  68  68  GLY GLY A . n 
A 1 30  ARG 30  69  69  ARG ARG A . n 
A 1 31  ARG 31  70  70  ARG ARG A . n 
A 1 32  MET 32  71  71  MET MET A . n 
A 1 33  PHE 33  72  72  PHE PHE A . n 
A 1 34  PRO 34  73  73  PRO PRO A . n 
A 1 35  VAL 35  74  74  VAL VAL A . n 
A 1 36  LEU 36  75  75  LEU LEU A . n 
A 1 37  LYS 37  76  76  LYS LYS A . n 
A 1 38  VAL 38  77  77  VAL VAL A . n 
A 1 39  ASN 39  78  78  ASN ASN A . n 
A 1 40  VAL 40  79  79  VAL VAL A . n 
A 1 41  SER 41  80  80  SER SER A . n 
A 1 42  GLY 42  81  81  GLY GLY A . n 
A 1 43  LEU 43  82  82  LEU LEU A . n 
A 1 44  ASP 44  83  83  ASP ASP A . n 
A 1 45  PRO 45  84  84  PRO PRO A . n 
A 1 46  ASN 46  85  85  ASN ASN A . n 
A 1 47  ALA 47  86  86  ALA ALA A . n 
A 1 48  MET 48  87  87  MET MET A . n 
A 1 49  TYR 49  88  88  TYR TYR A . n 
A 1 50  SER 50  89  89  SER SER A . n 
A 1 51  PHE 51  90  90  PHE PHE A . n 
A 1 52  LEU 52  91  91  LEU LEU A . n 
A 1 53  LEU 53  92  92  LEU LEU A . n 
A 1 54  ASP 54  93  93  ASP ASP A . n 
A 1 55  PHE 55  94  94  PHE PHE A . n 
A 1 56  VAL 56  95  95  VAL VAL A . n 
A 1 57  ALA 57  96  96  ALA ALA A . n 
A 1 58  ALA 58  97  97  ALA ALA A . n 
A 1 59  ASP 59  98  98  ASP ASP A . n 
A 1 60  ASN 60  99  99  ASN ASN A . n 
A 1 61  HIS 61  100 100 HIS HIS A . n 
A 1 62  ARG 62  101 101 ARG ARG A . n 
A 1 63  TRP 63  102 102 TRP TRP A . n 
A 1 64  LYS 64  103 103 LYS LYS A . n 
A 1 65  TYR 65  104 104 TYR TYR A . n 
A 1 66  VAL 66  105 105 VAL VAL A . n 
A 1 67  ASN 67  106 106 ASN ASN A . n 
A 1 68  GLY 68  107 107 GLY GLY A . n 
A 1 69  GLU 69  108 108 GLU GLU A . n 
A 1 70  TRP 70  109 109 TRP TRP A . n 
A 1 71  VAL 71  110 110 VAL VAL A . n 
A 1 72  PRO 72  111 111 PRO PRO A . n 
A 1 73  GLY 73  112 112 GLY GLY A . n 
A 1 74  GLY 74  113 113 GLY GLY A . n 
A 1 75  LYS 75  114 114 LYS LYS A . n 
A 1 76  PRO 76  115 115 PRO PRO A . n 
A 1 77  GLU 77  116 116 GLU GLU A . n 
A 1 78  PRO 78  117 117 PRO PRO A . n 
A 1 79  GLN 79  118 118 GLN GLN A . n 
A 1 80  ALA 80  119 119 ALA ALA A . n 
A 1 81  PRO 81  120 120 PRO PRO A . n 
A 1 82  SER 82  121 121 SER SER A . n 
A 1 83  CYS 83  122 122 CYS CYS A . n 
A 1 84  VAL 84  123 123 VAL VAL A . n 
A 1 85  TYR 85  124 124 TYR TYR A . n 
A 1 86  ILE 86  125 125 ILE ILE A . n 
A 1 87  HIS 87  126 126 HIS HIS A . n 
A 1 88  PRO 88  127 127 PRO PRO A . n 
A 1 89  ASP 89  128 128 ASP ASP A . n 
A 1 90  SER 90  129 129 SER SER A . n 
A 1 91  PRO 91  130 130 PRO PRO A . n 
A 1 92  ASN 92  131 131 ASN ASN A . n 
A 1 93  PHE 93  132 132 PHE PHE A . n 
A 1 94  GLY 94  133 133 GLY GLY A . n 
A 1 95  ALA 95  134 134 ALA ALA A . n 
A 1 96  HIS 96  135 135 HIS HIS A . n 
A 1 97  TRP 97  136 136 TRP TRP A . n 
A 1 98  MET 98  137 137 MET MET A . n 
A 1 99  LYS 99  138 138 LYS LYS A . n 
A 1 100 ALA 100 139 139 ALA ALA A . n 
A 1 101 PRO 101 140 140 PRO PRO A . n 
A 1 102 VAL 102 141 141 VAL VAL A . n 
A 1 103 SER 103 142 142 SER SER A . n 
A 1 104 PHE 104 143 143 PHE PHE A . n 
A 1 105 SER 105 144 144 SER SER A . n 
A 1 106 LYS 106 145 145 LYS LYS A . n 
A 1 107 VAL 107 146 146 VAL VAL A . n 
A 1 108 LYS 108 147 147 LYS LYS A . n 
A 1 109 LEU 109 148 148 LEU LEU A . n 
A 1 110 THR 110 149 149 THR THR A . n 
A 1 111 ASN 111 150 150 ASN ASN A . n 
A 1 112 LYS 112 151 151 LYS LYS A . n 
A 1 113 LEU 113 152 152 LEU LEU A . n 
A 1 114 ASN 114 153 153 ASN ASN A . n 
A 1 115 GLY 115 154 154 GLY GLY A . n 
A 1 116 GLY 116 155 155 GLY GLY A . n 
A 1 117 GLY 117 156 156 GLY GLY A . n 
A 1 118 GLN 118 157 157 GLN GLN A . n 
A 1 119 ILE 119 158 158 ILE ILE A . n 
A 1 120 MET 120 159 159 MET MET A . n 
A 1 121 LEU 121 160 160 LEU LEU A . n 
A 1 122 ASN 122 161 161 ASN ASN A . n 
A 1 123 SER 123 162 162 SER SER A . n 
A 1 124 LEU 124 163 163 LEU LEU A . n 
A 1 125 HIS 125 164 164 HIS HIS A . n 
A 1 126 LYS 126 165 165 LYS LYS A . n 
A 1 127 TYR 127 166 166 TYR TYR A . n 
A 1 128 GLU 128 167 167 GLU GLU A . n 
A 1 129 PRO 129 168 168 PRO PRO A . n 
A 1 130 ARG 130 169 169 ARG ARG A . n 
A 1 131 ILE 131 170 170 ILE ILE A . n 
A 1 132 HIS 132 171 171 HIS HIS A . n 
A 1 133 ILE 133 172 172 ILE ILE A . n 
A 1 134 VAL 134 173 173 VAL VAL A . n 
A 1 135 ARG 135 174 174 ARG ARG A . n 
A 1 136 VAL 136 175 175 VAL VAL A . n 
A 1 137 GLY 137 176 176 GLY GLY A . n 
A 1 138 GLY 138 177 177 GLY GLY A . n 
A 1 139 PRO 139 178 178 PRO PRO A . n 
A 1 140 GLN 140 179 179 GLN GLN A . n 
A 1 141 ARG 141 180 180 ARG ARG A . n 
A 1 142 MET 142 181 181 MET MET A . n 
A 1 143 ILE 143 182 182 ILE ILE A . n 
A 1 144 THR 144 183 183 THR THR A . n 
A 1 145 SER 145 184 184 SER SER A . n 
A 1 146 HIS 146 185 185 HIS HIS A . n 
A 1 147 CYS 147 186 186 CYS CYS A . n 
A 1 148 PHE 148 187 187 PHE PHE A . n 
A 1 149 PRO 149 188 188 PRO PRO A . n 
A 1 150 GLU 150 189 189 GLU GLU A . n 
A 1 151 THR 151 190 190 THR THR A . n 
A 1 152 GLN 152 191 191 GLN GLN A . n 
A 1 153 PHE 153 192 192 PHE PHE A . n 
A 1 154 ILE 154 193 193 ILE ILE A . n 
A 1 155 ALA 155 194 194 ALA ALA A . n 
A 1 156 VAL 156 195 195 VAL VAL A . n 
A 1 157 THR 157 196 196 THR THR A . n 
A 1 158 ALA 158 197 197 ALA ALA A . n 
A 1 159 TYR 159 198 198 TYR TYR A . n 
A 1 160 GLN 160 199 199 GLN GLN A . n 
A 1 161 ASN 161 200 200 ASN ASN A . n 
A 1 162 GLU 162 201 201 GLU GLU A . n 
A 1 163 GLU 163 202 202 GLU GLU A . n 
A 1 164 ILE 164 203 203 ILE ILE A . n 
A 1 165 THR 165 204 204 THR THR A . n 
A 1 166 ALA 166 205 205 ALA ALA A . n 
A 1 167 LEU 167 206 206 LEU LEU A . n 
A 1 168 LYS 168 207 207 LYS LYS A . n 
A 1 169 ILE 169 208 208 ILE ILE A . n 
A 1 170 LYS 170 209 209 LYS LYS A . n 
A 1 171 TYR 171 210 210 TYR TYR A . n 
A 1 172 ASN 172 211 211 ASN ASN A . n 
# 
loop_
_pdbx_nonpoly_scheme.asym_id 
_pdbx_nonpoly_scheme.entity_id 
_pdbx_nonpoly_scheme.mon_id 
_pdbx_nonpoly_scheme.ndb_seq_num 
_pdbx_nonpoly_scheme.pdb_seq_num 
_pdbx_nonpoly_scheme.auth_seq_num 
_pdbx_nonpoly_scheme.pdb_mon_id 
_pdbx_nonpoly_scheme.auth_mon_id 
_pdbx_nonpoly_scheme.pdb_strand_id 
_pdbx_nonpoly_scheme.pdb_ins_code 
B 2 CD  1  301 1  CD  CD  A . 
C 2 CD  1  302 2  CD  CD  A . 
D 2 CD  1  303 3  CD  CD  A . 
E 2 CD  1  304 4  CD  CD  A . 
F 2 CD  1  305 5  CD  CD  A . 
G 3 NY7 1  306 1  NY7 LIG A . 
H 4 HOH 1  401 79 HOH HOH A . 
H 4 HOH 2  402 48 HOH HOH A . 
H 4 HOH 3  403 53 HOH HOH A . 
H 4 HOH 4  404 24 HOH HOH A . 
H 4 HOH 5  405 45 HOH HOH A . 
H 4 HOH 6  406 21 HOH HOH A . 
H 4 HOH 7  407 54 HOH HOH A . 
H 4 HOH 8  408 61 HOH HOH A . 
H 4 HOH 9  409 58 HOH HOH A . 
H 4 HOH 10 410 32 HOH HOH A . 
H 4 HOH 11 411 71 HOH HOH A . 
H 4 HOH 12 412 14 HOH HOH A . 
H 4 HOH 13 413 68 HOH HOH A . 
H 4 HOH 14 414 44 HOH HOH A . 
H 4 HOH 15 415 16 HOH HOH A . 
H 4 HOH 16 416 41 HOH HOH A . 
H 4 HOH 17 417 50 HOH HOH A . 
H 4 HOH 18 418 70 HOH HOH A . 
H 4 HOH 19 419 17 HOH HOH A . 
H 4 HOH 20 420 51 HOH HOH A . 
H 4 HOH 21 421 49 HOH HOH A . 
H 4 HOH 22 422 69 HOH HOH A . 
H 4 HOH 23 423 52 HOH HOH A . 
H 4 HOH 24 424 4  HOH HOH A . 
H 4 HOH 25 425 33 HOH HOH A . 
H 4 HOH 26 426 31 HOH HOH A . 
H 4 HOH 27 427 55 HOH HOH A . 
H 4 HOH 28 428 47 HOH HOH A . 
H 4 HOH 29 429 52 HOH HOH A . 
H 4 HOH 30 430 18 HOH HOH A . 
H 4 HOH 31 431 10 HOH HOH A . 
H 4 HOH 32 432 60 HOH HOH A . 
H 4 HOH 33 433 56 HOH HOH A . 
H 4 HOH 34 434 45 HOH HOH A . 
H 4 HOH 35 435 67 HOH HOH A . 
H 4 HOH 36 436 8  HOH HOH A . 
H 4 HOH 37 437 6  HOH HOH A . 
H 4 HOH 38 438 63 HOH HOH A . 
H 4 HOH 39 439 1  HOH HOH A . 
H 4 HOH 40 440 75 HOH HOH A . 
H 4 HOH 41 441 8  HOH HOH A . 
H 4 HOH 42 442 73 HOH HOH A . 
H 4 HOH 43 443 64 HOH HOH A . 
H 4 HOH 44 444 66 HOH HOH A . 
H 4 HOH 45 445 30 HOH HOH A . 
H 4 HOH 46 446 14 HOH HOH A . 
H 4 HOH 47 447 28 HOH HOH A . 
H 4 HOH 48 448 2  HOH HOH A . 
H 4 HOH 49 449 12 HOH HOH A . 
H 4 HOH 50 450 23 HOH HOH A . 
H 4 HOH 51 451 11 HOH HOH A . 
H 4 HOH 52 452 46 HOH HOH A . 
H 4 HOH 53 453 4  HOH HOH A . 
H 4 HOH 54 454 77 HOH HOH A . 
H 4 HOH 55 455 1  HOH HOH A . 
H 4 HOH 56 456 65 HOH HOH A . 
H 4 HOH 57 457 15 HOH HOH A . 
H 4 HOH 58 458 6  HOH HOH A . 
H 4 HOH 59 459 7  HOH HOH A . 
H 4 HOH 60 460 5  HOH HOH A . 
H 4 HOH 61 461 3  HOH HOH A . 
H 4 HOH 62 462 72 HOH HOH A . 
H 4 HOH 63 463 3  HOH HOH A . 
H 4 HOH 64 464 10 HOH HOH A . 
H 4 HOH 65 465 13 HOH HOH A . 
H 4 HOH 66 466 62 HOH HOH A . 
H 4 HOH 67 467 78 HOH HOH A . 
H 4 HOH 68 468 43 HOH HOH A . 
H 4 HOH 69 469 16 HOH HOH A . 
H 4 HOH 70 470 17 HOH HOH A . 
H 4 HOH 71 471 18 HOH HOH A . 
# 
loop_
_pdbx_unobs_or_zero_occ_atoms.id 
_pdbx_unobs_or_zero_occ_atoms.PDB_model_num 
_pdbx_unobs_or_zero_occ_atoms.polymer_flag 
_pdbx_unobs_or_zero_occ_atoms.occupancy_flag 
_pdbx_unobs_or_zero_occ_atoms.auth_asym_id 
_pdbx_unobs_or_zero_occ_atoms.auth_comp_id 
_pdbx_unobs_or_zero_occ_atoms.auth_seq_id 
_pdbx_unobs_or_zero_occ_atoms.PDB_ins_code 
_pdbx_unobs_or_zero_occ_atoms.auth_atom_id 
_pdbx_unobs_or_zero_occ_atoms.label_alt_id 
_pdbx_unobs_or_zero_occ_atoms.label_asym_id 
_pdbx_unobs_or_zero_occ_atoms.label_comp_id 
_pdbx_unobs_or_zero_occ_atoms.label_seq_id 
_pdbx_unobs_or_zero_occ_atoms.label_atom_id 
1 1 Y 1 A ARG 43 ? CG  ? A ARG 4 CG  
2 1 Y 1 A ARG 43 ? CD  ? A ARG 4 CD  
3 1 Y 1 A ARG 43 ? NE  ? A ARG 4 NE  
4 1 Y 1 A ARG 43 ? CZ  ? A ARG 4 CZ  
5 1 Y 1 A ARG 43 ? NH1 ? A ARG 4 NH1 
6 1 Y 1 A ARG 43 ? NH2 ? A ARG 4 NH2 
# 
loop_
_software.pdbx_ordinal 
_software.name 
_software.version 
_software.date 
_software.type 
_software.contact_author 
_software.contact_author_email 
_software.classification 
_software.location 
_software.language 
_software.citation_id 
1 REFMAC      5.8.0238 ?               program 'Garib N. Murshudov' garib@ysbl.york.ac.uk    refinement        
http://www.ccp4.ac.uk/dist/html/refmac5.html        Fortran_77 ? 
2 Aimless     0.7.1    27/03/18        program 'Phil Evans'         ?                        'data scaling'    
http://www.mrc-lmb.cam.ac.uk/harry/pre/aimless.html ?          ? 
3 PDB_EXTRACT 3.23     'SEP. 23, 2016' package PDB                  deposit@deposit.rcsb.org 'data extraction' 
http://sw-tools.pdb.org/apps/PDB_EXTRACT/           C++        ? 
4 XDS         .        ?               program ?                    ?                        'data reduction'  ? ?          ? 
5 REFMAC      .        ?               program ?                    ?                        phasing           ? ?          ? 
# 
_cell.entry_id           5QRU 
_cell.length_a           60.080 
_cell.length_b           60.080 
_cell.length_c           110.130 
_cell.angle_alpha        90.000 
_cell.angle_beta         90.000 
_cell.angle_gamma        90.000 
_cell.Z_PDB              8 
_cell.pdbx_unique_axis   ? 
# 
_symmetry.entry_id                         5QRU 
_symmetry.Int_Tables_number                91 
_symmetry.space_group_name_H-M             'P 41 2 2' 
_symmetry.pdbx_full_space_group_name_H-M   ? 
_symmetry.cell_setting                     ? 
# 
_exptl.crystals_number   1 
_exptl.entry_id          5QRU 
_exptl.method            'X-RAY DIFFRACTION' 
# 
_exptl_crystal.id                    1 
_exptl_crystal.pdbx_mosaicity        0.000 
_exptl_crystal.pdbx_mosaicity_esd    ? 
_exptl_crystal.density_Matthews      2.54 
_exptl_crystal.density_diffrn        ? 
_exptl_crystal.density_meas          ? 
_exptl_crystal.density_meas_temp     ? 
_exptl_crystal.density_percent_sol   51.49 
_exptl_crystal.size_max              ? 
_exptl_crystal.size_mid              ? 
_exptl_crystal.size_min              ? 
_exptl_crystal.size_rad              ? 
_exptl_crystal.description           ? 
# 
_exptl_crystal_grow.crystal_id      1 
_exptl_crystal_grow.method          'VAPOR DIFFUSION, SITTING DROP' 
_exptl_crystal_grow.pH              4.5 
_exptl_crystal_grow.temp            298 
_exptl_crystal_grow.pdbx_details    '0.1 M CdCl, 0.1 M Acetate pH 4.5, 32% PEG 400' 
_exptl_crystal_grow.temp_details    ? 
_exptl_crystal_grow.pdbx_pH_range   ? 
# 
_diffrn.id                     1 
_diffrn.ambient_temp           100 
_diffrn.crystal_id             1 
_diffrn.ambient_temp_details   ? 
# 
_diffrn_detector.detector               PIXEL 
_diffrn_detector.type                   'DECTRIS PILATUS 6M' 
_diffrn_detector.pdbx_collection_date   2018-07-22 
_diffrn_detector.diffrn_id              1 
_diffrn_detector.details                ? 
# 
_diffrn_radiation.diffrn_id                        1 
_diffrn_radiation.wavelength_id                    1 
_diffrn_radiation.pdbx_diffrn_protocol             'SINGLE WAVELENGTH' 
_diffrn_radiation.pdbx_monochromatic_or_laue_m_l   M 
_diffrn_radiation.monochromator                    ? 
_diffrn_radiation.pdbx_scattering_type             x-ray 
# 
_diffrn_radiation_wavelength.id           1 
_diffrn_radiation_wavelength.wavelength   0.91587 
_diffrn_radiation_wavelength.wt           1.0 
# 
_diffrn_source.diffrn_id                   1 
_diffrn_source.source                      SYNCHROTRON 
_diffrn_source.type                        'DIAMOND BEAMLINE I04-1' 
_diffrn_source.pdbx_wavelength_list        0.91587 
_diffrn_source.pdbx_synchrotron_site       Diamond 
_diffrn_source.pdbx_synchrotron_beamline   I04-1 
_diffrn_source.pdbx_wavelength             ? 
# 
_reflns.entry_id                     5QRU 
_reflns.pdbx_diffrn_id               1 
_reflns.pdbx_ordinal                 1 
_reflns.observed_criterion_sigma_I   ? 
_reflns.observed_criterion_sigma_F   ? 
_reflns.d_resolution_low             55.060 
_reflns.d_resolution_high            1.760 
_reflns.number_obs                   20742 
_reflns.number_all                   ? 
_reflns.percent_possible_obs         99.800 
_reflns.pdbx_Rmerge_I_obs            0.087 
_reflns.pdbx_Rsym_value              ? 
_reflns.pdbx_netI_over_sigmaI        14.300 
_reflns.B_iso_Wilson_estimate        ? 
_reflns.pdbx_redundancy              12.700 
_reflns.pdbx_Rrim_I_all              0.091 
_reflns.pdbx_Rpim_I_all              0.026 
_reflns.pdbx_CC_half                 0.999 
_reflns.pdbx_netI_over_av_sigmaI     ? 
_reflns.pdbx_number_measured_all     263653 
_reflns.pdbx_scaling_rejects         1 
_reflns.pdbx_chi_squared             ? 
_reflns.Rmerge_F_all                 ? 
_reflns.Rmerge_F_obs                 ? 
_reflns.observed_criterion_F_max     ? 
_reflns.observed_criterion_F_min     ? 
_reflns.observed_criterion_I_max     ? 
_reflns.observed_criterion_I_min     ? 
_reflns.pdbx_d_res_high_opt          ? 
_reflns.pdbx_d_res_low_opt           ? 
_reflns.details                      ? 
# 
loop_
_reflns_shell.pdbx_diffrn_id 
_reflns_shell.pdbx_ordinal 
_reflns_shell.d_res_high 
_reflns_shell.d_res_low 
_reflns_shell.number_measured_obs 
_reflns_shell.number_measured_all 
_reflns_shell.number_unique_obs 
_reflns_shell.pdbx_rejects 
_reflns_shell.Rmerge_I_obs 
_reflns_shell.meanI_over_sigI_obs 
_reflns_shell.pdbx_Rsym_value 
_reflns_shell.pdbx_chi_squared 
_reflns_shell.pdbx_redundancy 
_reflns_shell.percent_possible_obs 
_reflns_shell.pdbx_netI_over_sigmaI_obs 
_reflns_shell.number_possible 
_reflns_shell.number_unique_all 
_reflns_shell.Rmerge_F_all 
_reflns_shell.Rmerge_F_obs 
_reflns_shell.Rmerge_I_all 
_reflns_shell.meanI_over_sigI_all 
_reflns_shell.percent_possible_all 
_reflns_shell.pdbx_Rrim_I_all 
_reflns_shell.pdbx_Rpim_I_all 
_reflns_shell.pdbx_CC_half 
1 1 1.760 1.810  ? 20002 ? ? 2.437 ? ? ? 13.400 ? 1.200  ? 1495 ? ? ? ? 99.900 2.534 0.688 0.673 
1 2 7.870 55.060 ? 3091  ? ? 0.042 ? ? ? 10.400 ? 42.500 ? 297  ? ? ? ? 99.600 0.044 0.013 0.999 
# 
_refine.entry_id                                 5QRU 
_refine.pdbx_refine_id                           'X-RAY DIFFRACTION' 
_refine.ls_d_res_high                            1.7600 
_refine.ls_d_res_low                             52.8000 
_refine.pdbx_ls_sigma_F                          0.000 
_refine.pdbx_data_cutoff_high_absF               ? 
_refine.pdbx_data_cutoff_low_absF                ? 
_refine.ls_percent_reflns_obs                    99.7500 
_refine.ls_number_reflns_obs                     19693 
_refine.ls_number_reflns_all                     ? 
_refine.pdbx_ls_cross_valid_method               THROUGHOUT 
_refine.ls_matrix_type                           ? 
_refine.pdbx_R_Free_selection_details            RANDOM 
_refine.details                                  
'HYDROGENS HAVE BEEN ADDED IN THE RIDING POSITIONS U VALUES      : REFINED INDIVIDUALLY' 
_refine.ls_R_factor_all                          ? 
_refine.ls_R_factor_obs                          0.2164 
_refine.ls_R_factor_R_work                       0.2150 
_refine.ls_wR_factor_R_work                      ? 
_refine.ls_R_factor_R_free                       0.2477 
_refine.ls_wR_factor_R_free                      ? 
_refine.ls_percent_reflns_R_free                 4.8000 
_refine.ls_number_reflns_R_free                  1002 
_refine.ls_number_reflns_R_work                  ? 
_refine.ls_R_factor_R_free_error                 ? 
_refine.B_iso_mean                               43.7670 
_refine.solvent_model_param_bsol                 ? 
_refine.solvent_model_param_ksol                 ? 
_refine.pdbx_isotropic_thermal_model             ? 
_refine.aniso_B[1][1]                            1.4500 
_refine.aniso_B[2][2]                            1.4500 
_refine.aniso_B[3][3]                            -2.9100 
_refine.aniso_B[1][2]                            -0.0000 
_refine.aniso_B[1][3]                            -0.0000 
_refine.aniso_B[2][3]                            -0.0000 
_refine.correlation_coeff_Fo_to_Fc               0.9610 
_refine.correlation_coeff_Fo_to_Fc_free          0.9490 
_refine.overall_SU_R_Cruickshank_DPI             ? 
_refine.pdbx_overall_SU_R_free_Cruickshank_DPI   ? 
_refine.pdbx_overall_SU_R_Blow_DPI               ? 
_refine.pdbx_overall_SU_R_free_Blow_DPI          ? 
_refine.overall_SU_R_free                        ? 
_refine.pdbx_overall_ESU_R                       0.1420 
_refine.pdbx_overall_ESU_R_Free                  0.1310 
_refine.overall_SU_ML                            0.1120 
_refine.overall_SU_B                             3.8010 
_refine.solvent_model_details                    MASK 
_refine.pdbx_solvent_vdw_probe_radii             1.2000 
_refine.pdbx_solvent_ion_probe_radii             0.8000 
_refine.pdbx_solvent_shrinkage_radii             0.8000 
_refine.ls_number_parameters                     ? 
_refine.ls_number_restraints                     ? 
_refine.pdbx_starting_model                      6f58 
_refine.pdbx_method_to_determine_struct          'FOURIER SYNTHESIS' 
_refine.pdbx_stereochemistry_target_values       'MAXIMUM LIKELIHOOD' 
_refine.pdbx_stereochem_target_val_spec_case     ? 
_refine.overall_FOM_work_R_set                   ? 
_refine.B_iso_max                                118.130 
_refine.B_iso_min                                23.470 
_refine.pdbx_overall_phase_error                 ? 
_refine.occupancy_max                            ? 
_refine.occupancy_min                            ? 
_refine.pdbx_diffrn_id                           1 
_refine.pdbx_TLS_residual_ADP_flag               ? 
_refine.pdbx_ls_sigma_I                          ? 
_refine.pdbx_data_cutoff_high_rms_absF           ? 
_refine.ls_R_factor_R_free_error_details         ? 
# 
_refine_hist.cycle_id                         final 
_refine_hist.pdbx_refine_id                   'X-RAY DIFFRACTION' 
_refine_hist.d_res_high                       1.7600 
_refine_hist.d_res_low                        52.8000 
_refine_hist.pdbx_number_atoms_ligand         18 
_refine_hist.number_atoms_solvent             71 
_refine_hist.number_atoms_total               1458 
_refine_hist.pdbx_number_residues_total       172 
_refine_hist.pdbx_B_iso_mean_ligand           62.01 
_refine_hist.pdbx_B_iso_mean_solvent          42.21 
_refine_hist.pdbx_number_atoms_protein        1369 
_refine_hist.pdbx_number_atoms_nucleic_acid   0 
# 
loop_
_refine_ls_restr.pdbx_refine_id 
_refine_ls_restr.type 
_refine_ls_restr.number 
_refine_ls_restr.dev_ideal 
_refine_ls_restr.dev_ideal_target 
_refine_ls_restr.weight 
_refine_ls_restr.pdbx_restraint_function 
'X-RAY DIFFRACTION' r_bond_refined_d       1876 0.009  0.013  ? ? 
'X-RAY DIFFRACTION' r_bond_other_d         1556 0.001  0.017  ? ? 
'X-RAY DIFFRACTION' r_angle_refined_deg    2321 1.622  1.642  ? ? 
'X-RAY DIFFRACTION' r_angle_other_deg      3638 1.297  1.568  ? ? 
'X-RAY DIFFRACTION' r_dihedral_angle_1_deg 213  7.954  5.000  ? ? 
'X-RAY DIFFRACTION' r_dihedral_angle_2_deg 80   30.395 23.500 ? ? 
'X-RAY DIFFRACTION' r_dihedral_angle_3_deg 280  17.365 15.000 ? ? 
'X-RAY DIFFRACTION' r_dihedral_angle_4_deg 7    19.066 15.000 ? ? 
'X-RAY DIFFRACTION' r_chiral_restr         209  0.078  0.200  ? ? 
'X-RAY DIFFRACTION' r_gen_planes_refined   1931 0.009  0.020  ? ? 
'X-RAY DIFFRACTION' r_gen_planes_other     338  0.002  0.020  ? ? 
'X-RAY DIFFRACTION' r_mcbond_it            918  3.610  4.514  ? ? 
'X-RAY DIFFRACTION' r_mcbond_other         915  3.612  4.512  ? ? 
'X-RAY DIFFRACTION' r_mcangle_it           1049 5.587  6.661  ? ? 
# 
_refine_ls_shell.d_res_high                       1.7600 
_refine_ls_shell.d_res_low                        1.8060 
_refine_ls_shell.pdbx_total_number_of_bins_used   20 
_refine_ls_shell.percent_reflns_obs               99.6000 
_refine_ls_shell.number_reflns_R_work             1398 
_refine_ls_shell.R_factor_all                     ? 
_refine_ls_shell.R_factor_R_work                  0.3410 
_refine_ls_shell.R_factor_R_free                  0.3510 
_refine_ls_shell.percent_reflns_R_free            ? 
_refine_ls_shell.number_reflns_R_free             92 
_refine_ls_shell.R_factor_R_free_error            ? 
_refine_ls_shell.number_reflns_all                1490 
_refine_ls_shell.number_reflns_obs                ? 
_refine_ls_shell.pdbx_refine_id                   'X-RAY DIFFRACTION' 
# 
_struct.entry_id                  5QRU 
_struct.title                     
'PanDDA analysis group deposition -- Crystal Structure of human Brachyury in complex with Z235341991' 
_struct.pdbx_model_details        ? 
_struct.pdbx_CASP_flag            ? 
_struct.pdbx_model_type_details   ? 
# 
_struct_keywords.entry_id        5QRU 
_struct_keywords.text            'SGC - Diamond I04-1 fragment screening, PanDDA, XChemExplorer, TRANSCRIPTION' 
_struct_keywords.pdbx_keywords   TRANSCRIPTION 
# 
loop_
_struct_asym.id 
_struct_asym.pdbx_blank_PDB_chainid_flag 
_struct_asym.pdbx_modified 
_struct_asym.entity_id 
_struct_asym.details 
A N N 1 ? 
B N N 2 ? 
C N N 2 ? 
D N N 2 ? 
E N N 2 ? 
F N N 2 ? 
G N N 3 ? 
H N N 4 ? 
# 
_struct_ref.id                         1 
_struct_ref.db_name                    UNP 
_struct_ref.db_code                    TBXT_HUMAN 
_struct_ref.pdbx_db_accession          O15178 
_struct_ref.pdbx_db_isoform            ? 
_struct_ref.entity_id                  1 
_struct_ref.pdbx_seq_one_letter_code   
;ELRVGLEESELWLRFKELTNEMIVTKNGRRMFPVLKVNVSGLDPNAMYSFLLDFVAADNHRWKYVNGEWVPGGKPEPQAP
SCVYIHPDSPNFGAHWMKAPVSFSKVKLTNKLNGGGQIMLNSLHKYEPRIHIVRVGGPQRMITSHCFPETQFIAVTAYQN
EEITALKIKYN
;
_struct_ref.pdbx_align_begin           41 
# 
_struct_ref_seq.align_id                      1 
_struct_ref_seq.ref_id                        1 
_struct_ref_seq.pdbx_PDB_id_code              5QRU 
_struct_ref_seq.pdbx_strand_id                A 
_struct_ref_seq.seq_align_beg                 2 
_struct_ref_seq.pdbx_seq_align_beg_ins_code   ? 
_struct_ref_seq.seq_align_end                 172 
_struct_ref_seq.pdbx_seq_align_end_ins_code   ? 
_struct_ref_seq.pdbx_db_accession             O15178 
_struct_ref_seq.db_align_beg                  41 
_struct_ref_seq.pdbx_db_align_beg_ins_code    ? 
_struct_ref_seq.db_align_end                  211 
_struct_ref_seq.pdbx_db_align_end_ins_code    ? 
_struct_ref_seq.pdbx_auth_seq_align_beg       41 
_struct_ref_seq.pdbx_auth_seq_align_end       211 
# 
_struct_ref_seq_dif.align_id                     1 
_struct_ref_seq_dif.pdbx_pdb_id_code             5QRU 
_struct_ref_seq_dif.mon_id                       GLY 
_struct_ref_seq_dif.pdbx_pdb_strand_id           A 
_struct_ref_seq_dif.seq_num                      1 
_struct_ref_seq_dif.pdbx_pdb_ins_code            ? 
_struct_ref_seq_dif.pdbx_seq_db_name             UNP 
_struct_ref_seq_dif.pdbx_seq_db_accession_code   O15178 
_struct_ref_seq_dif.db_mon_id                    ? 
_struct_ref_seq_dif.pdbx_seq_db_seq_num          ? 
_struct_ref_seq_dif.details                      'expression tag' 
_struct_ref_seq_dif.pdbx_auth_seq_num            40 
_struct_ref_seq_dif.pdbx_ordinal                 1 
# 
_pdbx_struct_assembly.id                   1 
_pdbx_struct_assembly.details              author_defined_assembly 
_pdbx_struct_assembly.method_details       ? 
_pdbx_struct_assembly.oligomeric_details   monomeric 
_pdbx_struct_assembly.oligomeric_count     1 
# 
_pdbx_struct_assembly_gen.assembly_id       1 
_pdbx_struct_assembly_gen.oper_expression   1 
_pdbx_struct_assembly_gen.asym_id_list      A,B,C,D,E,F,G,H 
# 
_pdbx_struct_oper_list.id                   1 
_pdbx_struct_oper_list.type                 'identity operation' 
_pdbx_struct_oper_list.name                 1_555 
_pdbx_struct_oper_list.symmetry_operation   x,y,z 
_pdbx_struct_oper_list.matrix[1][1]         1.0000000000 
_pdbx_struct_oper_list.matrix[1][2]         0.0000000000 
_pdbx_struct_oper_list.matrix[1][3]         0.0000000000 
_pdbx_struct_oper_list.vector[1]            0.0000000000 
_pdbx_struct_oper_list.matrix[2][1]         0.0000000000 
_pdbx_struct_oper_list.matrix[2][2]         1.0000000000 
_pdbx_struct_oper_list.matrix[2][3]         0.0000000000 
_pdbx_struct_oper_list.vector[2]            0.0000000000 
_pdbx_struct_oper_list.matrix[3][1]         0.0000000000 
_pdbx_struct_oper_list.matrix[3][2]         0.0000000000 
_pdbx_struct_oper_list.matrix[3][3]         1.0000000000 
_pdbx_struct_oper_list.vector[3]            0.0000000000 
# 
loop_
_struct_conf.conf_type_id 
_struct_conf.id 
_struct_conf.pdbx_PDB_helix_id 
_struct_conf.beg_label_comp_id 
_struct_conf.beg_label_asym_id 
_struct_conf.beg_label_seq_id 
_struct_conf.pdbx_beg_PDB_ins_code 
_struct_conf.end_label_comp_id 
_struct_conf.end_label_asym_id 
_struct_conf.end_label_seq_id 
_struct_conf.pdbx_end_PDB_ins_code 
_struct_conf.beg_auth_comp_id 
_struct_conf.beg_auth_asym_id 
_struct_conf.beg_auth_seq_id 
_struct_conf.end_auth_comp_id 
_struct_conf.end_auth_asym_id 
_struct_conf.end_auth_seq_id 
_struct_conf.pdbx_PDB_helix_class 
_struct_conf.details 
_struct_conf.pdbx_PDB_helix_length 
HELX_P HELX_P1 AA1 GLU A 9   ? LEU A 19  ? GLU A 48  LEU A 58  1 ? 11 
HELX_P HELX_P2 AA2 GLY A 94  ? LYS A 99  ? GLY A 133 LYS A 138 1 ? 6  
HELX_P HELX_P3 AA3 PRO A 149 ? GLN A 152 ? PRO A 188 GLN A 191 5 ? 4  
HELX_P HELX_P4 AA4 ASN A 161 ? ASN A 172 ? ASN A 200 ASN A 211 1 ? 12 
# 
_struct_conf_type.id          HELX_P 
_struct_conf_type.criteria    ? 
_struct_conf_type.reference   ? 
# 
loop_
_struct_conn.id 
_struct_conn.conn_type_id 
_struct_conn.pdbx_leaving_atom_flag 
_struct_conn.pdbx_PDB_id 
_struct_conn.ptnr1_label_asym_id 
_struct_conn.ptnr1_label_comp_id 
_struct_conn.ptnr1_label_seq_id 
_struct_conn.ptnr1_label_atom_id 
_struct_conn.pdbx_ptnr1_label_alt_id 
_struct_conn.pdbx_ptnr1_PDB_ins_code 
_struct_conn.pdbx_ptnr1_standard_comp_id 
_struct_conn.ptnr1_symmetry 
_struct_conn.ptnr2_label_asym_id 
_struct_conn.ptnr2_label_comp_id 
_struct_conn.ptnr2_label_seq_id 
_struct_conn.ptnr2_label_atom_id 
_struct_conn.pdbx_ptnr2_label_alt_id 
_struct_conn.pdbx_ptnr2_PDB_ins_code 
_struct_conn.ptnr1_auth_asym_id 
_struct_conn.ptnr1_auth_comp_id 
_struct_conn.ptnr1_auth_seq_id 
_struct_conn.ptnr2_auth_asym_id 
_struct_conn.ptnr2_auth_comp_id 
_struct_conn.ptnr2_auth_seq_id 
_struct_conn.ptnr2_symmetry 
_struct_conn.pdbx_ptnr3_label_atom_id 
_struct_conn.pdbx_ptnr3_label_seq_id 
_struct_conn.pdbx_ptnr3_label_comp_id 
_struct_conn.pdbx_ptnr3_label_asym_id 
_struct_conn.pdbx_ptnr3_label_alt_id 
_struct_conn.pdbx_ptnr3_PDB_ins_code 
_struct_conn.details 
_struct_conn.pdbx_dist_value 
_struct_conn.pdbx_value_order 
_struct_conn.pdbx_role 
metalc1  metalc ? ? A HIS 61  NE2 ? ? ? 1_555 E CD  . CD ? ? A HIS 100 A CD  304 1_555 ? ? ? ? ? ? ? 2.231 ? ? 
metalc2  metalc ? ? A CYS 83  SG  ? ? ? 1_555 D CD  . CD ? ? A CYS 122 A CD  303 1_555 ? ? ? ? ? ? ? 2.702 ? ? 
metalc3  metalc ? ? A CYS 83  SG  ? ? ? 1_555 F CD  . CD ? ? A CYS 122 A CD  305 1_555 ? ? ? ? ? ? ? 2.394 ? ? 
metalc4  metalc ? ? A GLU 128 OE1 ? ? ? 1_555 B CD  . CD ? ? A GLU 167 A CD  301 1_555 ? ? ? ? ? ? ? 2.554 ? ? 
metalc5  metalc ? ? A GLU 128 OE1 ? ? ? 1_555 B CD  . CD ? ? A GLU 167 A CD  301 5_655 ? ? ? ? ? ? ? 2.554 ? ? 
metalc6  metalc ? ? A GLU 128 OE1 ? ? ? 1_555 C CD  . CD ? ? A GLU 167 A CD  302 1_555 ? ? ? ? ? ? ? 2.689 ? ? 
metalc7  metalc ? ? A GLU 128 OE2 ? ? ? 1_555 C CD  . CD ? ? A GLU 167 A CD  302 1_555 ? ? ? ? ? ? ? 2.302 ? ? 
metalc8  metalc ? ? A CYS 147 SG  A ? ? 1_555 B CD  . CD ? ? A CYS 186 A CD  301 1_555 ? ? ? ? ? ? ? 2.527 ? ? 
metalc9  metalc ? ? A CYS 147 SG  B ? ? 1_555 B CD  . CD ? ? A CYS 186 A CD  301 1_555 ? ? ? ? ? ? ? 2.458 ? ? 
metalc10 metalc ? ? A CYS 147 SG  A ? ? 1_555 B CD  . CD ? ? A CYS 186 A CD  301 5_655 ? ? ? ? ? ? ? 2.527 ? ? 
metalc11 metalc ? ? A CYS 147 SG  B ? ? 1_555 B CD  . CD ? ? A CYS 186 A CD  301 5_655 ? ? ? ? ? ? ? 2.458 ? ? 
metalc12 metalc ? ? A CYS 147 SG  A ? ? 1_555 C CD  . CD ? ? A CYS 186 A CD  302 5_655 ? ? ? ? ? ? ? 2.574 ? ? 
metalc13 metalc ? ? A CYS 147 SG  B ? ? 1_555 C CD  . CD ? ? A CYS 186 A CD  302 5_655 ? ? ? ? ? ? ? 2.504 ? ? 
metalc14 metalc ? ? B CD  .   CD  ? ? ? 1_555 H HOH . O  ? ? A CD  301 A HOH 455 1_555 ? ? ? ? ? ? ? 2.185 ? ? 
metalc15 metalc ? ? B CD  .   CD  ? ? ? 1_555 H HOH . O  ? ? A CD  301 A HOH 455 5_655 ? ? ? ? ? ? ? 2.185 ? ? 
metalc16 metalc ? ? C CD  .   CD  ? ? ? 1_555 H HOH . O  ? ? A CD  302 A HOH 453 5_655 ? ? ? ? ? ? ? 2.410 ? ? 
metalc17 metalc ? ? C CD  .   CD  ? ? ? 1_555 H HOH . O  ? ? A CD  302 A HOH 461 1_555 ? ? ? ? ? ? ? 2.393 ? ? 
metalc18 metalc ? ? D CD  .   CD  ? ? ? 1_555 H HOH . O  ? ? A CD  303 A HOH 454 1_555 ? ? ? ? ? ? ? 2.402 ? ? 
metalc19 metalc ? ? D CD  .   CD  ? ? ? 1_555 H HOH . O  ? ? A CD  303 A HOH 470 1_555 ? ? ? ? ? ? ? 2.553 ? ? 
metalc20 metalc ? ? E CD  .   CD  ? ? ? 1_555 H HOH . O  ? ? A CD  304 A HOH 458 1_555 ? ? ? ? ? ? ? 2.416 ? ? 
metalc21 metalc ? ? E CD  .   CD  ? ? ? 1_555 H HOH . O  ? ? A CD  304 A HOH 459 1_555 ? ? ? ? ? ? ? 2.468 ? ? 
metalc22 metalc ? ? E CD  .   CD  ? ? ? 1_555 H HOH . O  ? ? A CD  304 A HOH 460 1_555 ? ? ? ? ? ? ? 2.213 ? ? 
metalc23 metalc ? ? F CD  .   CD  ? ? ? 1_555 H HOH . O  ? ? A CD  305 A HOH 449 1_555 ? ? ? ? ? ? ? 2.556 ? ? 
metalc24 metalc ? ? F CD  .   CD  ? ? ? 1_555 H HOH . O  ? ? A CD  305 A HOH 471 1_555 ? ? ? ? ? ? ? 2.618 ? ? 
# 
_struct_conn_type.id          metalc 
_struct_conn_type.criteria    ? 
_struct_conn_type.reference   ? 
# 
loop_
_pdbx_struct_conn_angle.id 
_pdbx_struct_conn_angle.ptnr1_label_atom_id 
_pdbx_struct_conn_angle.ptnr1_label_alt_id 
_pdbx_struct_conn_angle.ptnr1_label_asym_id 
_pdbx_struct_conn_angle.ptnr1_label_comp_id 
_pdbx_struct_conn_angle.ptnr1_label_seq_id 
_pdbx_struct_conn_angle.ptnr1_auth_atom_id 
_pdbx_struct_conn_angle.ptnr1_auth_asym_id 
_pdbx_struct_conn_angle.ptnr1_auth_comp_id 
_pdbx_struct_conn_angle.ptnr1_auth_seq_id 
_pdbx_struct_conn_angle.ptnr1_PDB_ins_code 
_pdbx_struct_conn_angle.ptnr1_symmetry 
_pdbx_struct_conn_angle.ptnr2_label_atom_id 
_pdbx_struct_conn_angle.ptnr2_label_alt_id 
_pdbx_struct_conn_angle.ptnr2_label_asym_id 
_pdbx_struct_conn_angle.ptnr2_label_comp_id 
_pdbx_struct_conn_angle.ptnr2_label_seq_id 
_pdbx_struct_conn_angle.ptnr2_auth_atom_id 
_pdbx_struct_conn_angle.ptnr2_auth_asym_id 
_pdbx_struct_conn_angle.ptnr2_auth_comp_id 
_pdbx_struct_conn_angle.ptnr2_auth_seq_id 
_pdbx_struct_conn_angle.ptnr2_PDB_ins_code 
_pdbx_struct_conn_angle.ptnr2_symmetry 
_pdbx_struct_conn_angle.ptnr3_label_atom_id 
_pdbx_struct_conn_angle.ptnr3_label_alt_id 
_pdbx_struct_conn_angle.ptnr3_label_asym_id 
_pdbx_struct_conn_angle.ptnr3_label_comp_id 
_pdbx_struct_conn_angle.ptnr3_label_seq_id 
_pdbx_struct_conn_angle.ptnr3_auth_atom_id 
_pdbx_struct_conn_angle.ptnr3_auth_asym_id 
_pdbx_struct_conn_angle.ptnr3_auth_comp_id 
_pdbx_struct_conn_angle.ptnr3_auth_seq_id 
_pdbx_struct_conn_angle.ptnr3_PDB_ins_code 
_pdbx_struct_conn_angle.ptnr3_symmetry 
_pdbx_struct_conn_angle.value 
_pdbx_struct_conn_angle.value_esd 
1  NE2 ? A HIS 61  ? A HIS 100 ? 1_555 CD ? E CD . ? A CD 304 ? 1_555 O   ? H HOH .   ? A HOH 458 ? 1_555 100.3 ? 
2  NE2 ? A HIS 61  ? A HIS 100 ? 1_555 CD ? E CD . ? A CD 304 ? 1_555 O   ? H HOH .   ? A HOH 459 ? 1_555 102.3 ? 
3  O   ? H HOH .   ? A HOH 458 ? 1_555 CD ? E CD . ? A CD 304 ? 1_555 O   ? H HOH .   ? A HOH 459 ? 1_555 122.0 ? 
4  NE2 ? A HIS 61  ? A HIS 100 ? 1_555 CD ? E CD . ? A CD 304 ? 1_555 O   ? H HOH .   ? A HOH 460 ? 1_555 113.2 ? 
5  O   ? H HOH .   ? A HOH 458 ? 1_555 CD ? E CD . ? A CD 304 ? 1_555 O   ? H HOH .   ? A HOH 460 ? 1_555 106.3 ? 
6  O   ? H HOH .   ? A HOH 459 ? 1_555 CD ? E CD . ? A CD 304 ? 1_555 O   ? H HOH .   ? A HOH 460 ? 1_555 112.2 ? 
7  SG  ? A CYS 83  ? A CYS 122 ? 1_555 CD ? D CD . ? A CD 303 ? 1_555 O   ? H HOH .   ? A HOH 454 ? 1_555 93.2  ? 
8  SG  ? A CYS 83  ? A CYS 122 ? 1_555 CD ? D CD . ? A CD 303 ? 1_555 O   ? H HOH .   ? A HOH 470 ? 1_555 86.8  ? 
9  O   ? H HOH .   ? A HOH 454 ? 1_555 CD ? D CD . ? A CD 303 ? 1_555 O   ? H HOH .   ? A HOH 470 ? 1_555 170.0 ? 
10 SG  ? A CYS 83  ? A CYS 122 ? 1_555 CD ? F CD . ? A CD 305 ? 1_555 O   ? H HOH .   ? A HOH 449 ? 1_555 99.0  ? 
11 SG  ? A CYS 83  ? A CYS 122 ? 1_555 CD ? F CD . ? A CD 305 ? 1_555 O   ? H HOH .   ? A HOH 471 ? 1_555 87.6  ? 
12 O   ? H HOH .   ? A HOH 449 ? 1_555 CD ? F CD . ? A CD 305 ? 1_555 O   ? H HOH .   ? A HOH 471 ? 1_555 172.4 ? 
13 OE1 ? A GLU 128 ? A GLU 167 ? 1_555 CD ? B CD . ? A CD 301 ? 1_555 OE1 ? A GLU 128 ? A GLU 167 ? 1_555 0.0   ? 
14 OE1 ? A GLU 128 ? A GLU 167 ? 1_555 CD ? B CD . ? A CD 301 ? 1_555 SG  A A CYS 147 ? A CYS 186 ? 1_555 92.3  ? 
15 OE1 ? A GLU 128 ? A GLU 167 ? 1_555 CD ? B CD . ? A CD 301 ? 1_555 SG  A A CYS 147 ? A CYS 186 ? 1_555 92.3  ? 
16 OE1 ? A GLU 128 ? A GLU 167 ? 1_555 CD ? B CD . ? A CD 301 ? 1_555 SG  B A CYS 147 ? A CYS 186 ? 1_555 88.6  ? 
17 OE1 ? A GLU 128 ? A GLU 167 ? 1_555 CD ? B CD . ? A CD 301 ? 1_555 SG  B A CYS 147 ? A CYS 186 ? 1_555 88.6  ? 
18 SG  A A CYS 147 ? A CYS 186 ? 1_555 CD ? B CD . ? A CD 301 ? 1_555 SG  B A CYS 147 ? A CYS 186 ? 1_555 38.3  ? 
19 OE1 ? A GLU 128 ? A GLU 167 ? 1_555 CD ? B CD . ? A CD 301 ? 1_555 SG  A A CYS 147 ? A CYS 186 ? 1_555 92.3  ? 
20 OE1 ? A GLU 128 ? A GLU 167 ? 1_555 CD ? B CD . ? A CD 301 ? 1_555 SG  A A CYS 147 ? A CYS 186 ? 1_555 92.3  ? 
21 SG  A A CYS 147 ? A CYS 186 ? 1_555 CD ? B CD . ? A CD 301 ? 1_555 SG  A A CYS 147 ? A CYS 186 ? 1_555 0.0   ? 
22 SG  B A CYS 147 ? A CYS 186 ? 1_555 CD ? B CD . ? A CD 301 ? 1_555 SG  A A CYS 147 ? A CYS 186 ? 1_555 38.3  ? 
23 OE1 ? A GLU 128 ? A GLU 167 ? 1_555 CD ? B CD . ? A CD 301 ? 1_555 SG  B A CYS 147 ? A CYS 186 ? 1_555 88.6  ? 
24 OE1 ? A GLU 128 ? A GLU 167 ? 1_555 CD ? B CD . ? A CD 301 ? 1_555 SG  B A CYS 147 ? A CYS 186 ? 1_555 88.6  ? 
25 SG  A A CYS 147 ? A CYS 186 ? 1_555 CD ? B CD . ? A CD 301 ? 1_555 SG  B A CYS 147 ? A CYS 186 ? 1_555 38.3  ? 
26 SG  B A CYS 147 ? A CYS 186 ? 1_555 CD ? B CD . ? A CD 301 ? 1_555 SG  B A CYS 147 ? A CYS 186 ? 1_555 0.0   ? 
27 SG  A A CYS 147 ? A CYS 186 ? 1_555 CD ? B CD . ? A CD 301 ? 1_555 SG  B A CYS 147 ? A CYS 186 ? 1_555 38.3  ? 
28 OE1 ? A GLU 128 ? A GLU 167 ? 1_555 CD ? B CD . ? A CD 301 ? 1_555 O   ? H HOH .   ? A HOH 455 ? 1_555 89.9  ? 
29 OE1 ? A GLU 128 ? A GLU 167 ? 1_555 CD ? B CD . ? A CD 301 ? 1_555 O   ? H HOH .   ? A HOH 455 ? 1_555 89.9  ? 
30 SG  A A CYS 147 ? A CYS 186 ? 1_555 CD ? B CD . ? A CD 301 ? 1_555 O   ? H HOH .   ? A HOH 455 ? 1_555 111.5 ? 
31 SG  B A CYS 147 ? A CYS 186 ? 1_555 CD ? B CD . ? A CD 301 ? 1_555 O   ? H HOH .   ? A HOH 455 ? 1_555 149.7 ? 
32 SG  A A CYS 147 ? A CYS 186 ? 1_555 CD ? B CD . ? A CD 301 ? 1_555 O   ? H HOH .   ? A HOH 455 ? 1_555 111.5 ? 
33 SG  B A CYS 147 ? A CYS 186 ? 1_555 CD ? B CD . ? A CD 301 ? 1_555 O   ? H HOH .   ? A HOH 455 ? 1_555 149.7 ? 
34 OE1 ? A GLU 128 ? A GLU 167 ? 1_555 CD ? B CD . ? A CD 301 ? 1_555 O   ? H HOH .   ? A HOH 455 ? 5_655 92.9  ? 
35 OE1 ? A GLU 128 ? A GLU 167 ? 1_555 CD ? B CD . ? A CD 301 ? 1_555 O   ? H HOH .   ? A HOH 455 ? 5_655 92.9  ? 
36 SG  A A CYS 147 ? A CYS 186 ? 1_555 CD ? B CD . ? A CD 301 ? 1_555 O   ? H HOH .   ? A HOH 455 ? 5_655 78.3  ? 
37 SG  B A CYS 147 ? A CYS 186 ? 1_555 CD ? B CD . ? A CD 301 ? 1_555 O   ? H HOH .   ? A HOH 455 ? 5_655 116.6 ? 
38 SG  A A CYS 147 ? A CYS 186 ? 1_555 CD ? B CD . ? A CD 301 ? 1_555 O   ? H HOH .   ? A HOH 455 ? 5_655 78.3  ? 
39 SG  B A CYS 147 ? A CYS 186 ? 1_555 CD ? B CD . ? A CD 301 ? 1_555 O   ? H HOH .   ? A HOH 455 ? 5_655 116.6 ? 
40 O   ? H HOH .   ? A HOH 455 ? 1_555 CD ? B CD . ? A CD 301 ? 1_555 O   ? H HOH .   ? A HOH 455 ? 5_655 33.3  ? 
41 OE1 ? A GLU 128 ? A GLU 167 ? 1_555 CD ? C CD . ? A CD 302 ? 1_555 OE2 ? A GLU 128 ? A GLU 167 ? 1_555 50.0  ? 
42 OE1 ? A GLU 128 ? A GLU 167 ? 1_555 CD ? C CD . ? A CD 302 ? 1_555 SG  A A CYS 147 ? A CYS 186 ? 1_555 33.5  ? 
43 OE2 ? A GLU 128 ? A GLU 167 ? 1_555 CD ? C CD . ? A CD 302 ? 1_555 SG  A A CYS 147 ? A CYS 186 ? 1_555 74.5  ? 
44 OE1 ? A GLU 128 ? A GLU 167 ? 1_555 CD ? C CD . ? A CD 302 ? 1_555 SG  B A CYS 147 ? A CYS 186 ? 1_555 45.9  ? 
45 OE2 ? A GLU 128 ? A GLU 167 ? 1_555 CD ? C CD . ? A CD 302 ? 1_555 SG  B A CYS 147 ? A CYS 186 ? 1_555 77.0  ? 
46 SG  A A CYS 147 ? A CYS 186 ? 1_555 CD ? C CD . ? A CD 302 ? 1_555 SG  B A CYS 147 ? A CYS 186 ? 1_555 15.8  ? 
47 OE1 ? A GLU 128 ? A GLU 167 ? 1_555 CD ? C CD . ? A CD 302 ? 1_555 O   ? H HOH .   ? A HOH 453 ? 5_655 143.4 ? 
48 OE2 ? A GLU 128 ? A GLU 167 ? 1_555 CD ? C CD . ? A CD 302 ? 1_555 O   ? H HOH .   ? A HOH 453 ? 5_655 103.4 ? 
49 SG  A A CYS 147 ? A CYS 186 ? 1_555 CD ? C CD . ? A CD 302 ? 1_555 O   ? H HOH .   ? A HOH 453 ? 5_655 126.8 ? 
50 SG  B A CYS 147 ? A CYS 186 ? 1_555 CD ? C CD . ? A CD 302 ? 1_555 O   ? H HOH .   ? A HOH 453 ? 5_655 111.0 ? 
51 OE1 ? A GLU 128 ? A GLU 167 ? 1_555 CD ? C CD . ? A CD 302 ? 1_555 O   ? H HOH .   ? A HOH 461 ? 1_555 106.5 ? 
52 OE2 ? A GLU 128 ? A GLU 167 ? 1_555 CD ? C CD . ? A CD 302 ? 1_555 O   ? H HOH .   ? A HOH 461 ? 1_555 104.5 ? 
53 SG  A A CYS 147 ? A CYS 186 ? 1_555 CD ? C CD . ? A CD 302 ? 1_555 O   ? H HOH .   ? A HOH 461 ? 1_555 127.8 ? 
54 SG  B A CYS 147 ? A CYS 186 ? 1_555 CD ? C CD . ? A CD 302 ? 1_555 O   ? H HOH .   ? A HOH 461 ? 1_555 143.1 ? 
55 O   ? H HOH .   ? A HOH 453 ? 5_655 CD ? C CD . ? A CD 302 ? 1_555 O   ? H HOH .   ? A HOH 461 ? 1_555 104.5 ? 
# 
loop_
_struct_mon_prot_cis.pdbx_id 
_struct_mon_prot_cis.label_comp_id 
_struct_mon_prot_cis.label_seq_id 
_struct_mon_prot_cis.label_asym_id 
_struct_mon_prot_cis.label_alt_id 
_struct_mon_prot_cis.pdbx_PDB_ins_code 
_struct_mon_prot_cis.auth_comp_id 
_struct_mon_prot_cis.auth_seq_id 
_struct_mon_prot_cis.auth_asym_id 
_struct_mon_prot_cis.pdbx_label_comp_id_2 
_struct_mon_prot_cis.pdbx_label_seq_id_2 
_struct_mon_prot_cis.pdbx_label_asym_id_2 
_struct_mon_prot_cis.pdbx_PDB_ins_code_2 
_struct_mon_prot_cis.pdbx_auth_comp_id_2 
_struct_mon_prot_cis.pdbx_auth_seq_id_2 
_struct_mon_prot_cis.pdbx_auth_asym_id_2 
_struct_mon_prot_cis.pdbx_PDB_model_num 
_struct_mon_prot_cis.pdbx_omega_angle 
1 PHE 33 A . ? PHE 72  A PRO 34 A ? PRO 73  A 1 -6.66  
2 SER 90 A . ? SER 129 A PRO 91 A ? PRO 130 A 1 -17.18 
# 
loop_
_struct_sheet.id 
_struct_sheet.type 
_struct_sheet.number_strands 
_struct_sheet.details 
AA1 ? 3 ? 
AA2 ? 5 ? 
AA3 ? 4 ? 
AA4 ? 3 ? 
AA5 ? 2 ? 
# 
loop_
_struct_sheet_order.sheet_id 
_struct_sheet_order.range_id_1 
_struct_sheet_order.range_id_2 
_struct_sheet_order.offset 
_struct_sheet_order.sense 
AA1 1 2 ? anti-parallel 
AA1 2 3 ? anti-parallel 
AA2 1 2 ? parallel      
AA2 2 3 ? anti-parallel 
AA2 3 4 ? anti-parallel 
AA2 4 5 ? anti-parallel 
AA3 1 2 ? anti-parallel 
AA3 2 3 ? anti-parallel 
AA3 3 4 ? anti-parallel 
AA4 1 2 ? anti-parallel 
AA4 2 3 ? parallel      
AA5 1 2 ? anti-parallel 
# 
loop_
_struct_sheet_range.sheet_id 
_struct_sheet_range.id 
_struct_sheet_range.beg_label_comp_id 
_struct_sheet_range.beg_label_asym_id 
_struct_sheet_range.beg_label_seq_id 
_struct_sheet_range.pdbx_beg_PDB_ins_code 
_struct_sheet_range.end_label_comp_id 
_struct_sheet_range.end_label_asym_id 
_struct_sheet_range.end_label_seq_id 
_struct_sheet_range.pdbx_end_PDB_ins_code 
_struct_sheet_range.beg_auth_comp_id 
_struct_sheet_range.beg_auth_asym_id 
_struct_sheet_range.beg_auth_seq_id 
_struct_sheet_range.end_auth_comp_id 
_struct_sheet_range.end_auth_asym_id 
_struct_sheet_range.end_auth_seq_id 
AA1 1 ARG A 4   ? LEU A 7   ? ARG A 43  LEU A 46  
AA1 2 LYS A 37  ? SER A 41  ? LYS A 76  SER A 80  
AA1 3 VAL A 102 ? SER A 103 ? VAL A 141 SER A 142 
AA2 1 GLU A 22  ? ILE A 24  ? GLU A 61  ILE A 63  
AA2 2 PHE A 153 ? VAL A 156 ? PHE A 192 VAL A 195 
AA2 3 LYS A 126 ? VAL A 136 ? LYS A 165 VAL A 175 
AA2 4 MET A 48  ? ALA A 57  ? MET A 87  ALA A 96  
AA2 5 ASN A 92  ? PHE A 93  ? ASN A 131 PHE A 132 
AA3 1 TYR A 85  ? ILE A 86  ? TYR A 124 ILE A 125 
AA3 2 MET A 48  ? ALA A 57  ? MET A 87  ALA A 96  
AA3 3 LYS A 126 ? VAL A 136 ? LYS A 165 VAL A 175 
AA3 4 MET A 142 ? CYS A 147 ? MET A 181 CYS A 186 
AA4 1 ARG A 30  ? ARG A 31  ? ARG A 69  ARG A 70  
AA4 2 LYS A 108 ? THR A 110 ? LYS A 147 THR A 149 
AA4 3 ILE A 119 ? MET A 120 ? ILE A 158 MET A 159 
AA5 1 TRP A 63  ? VAL A 66  ? TRP A 102 VAL A 105 
AA5 2 GLU A 69  ? PRO A 72  ? GLU A 108 PRO A 111 
# 
loop_
_pdbx_struct_sheet_hbond.sheet_id 
_pdbx_struct_sheet_hbond.range_id_1 
_pdbx_struct_sheet_hbond.range_id_2 
_pdbx_struct_sheet_hbond.range_1_label_atom_id 
_pdbx_struct_sheet_hbond.range_1_label_comp_id 
_pdbx_struct_sheet_hbond.range_1_label_asym_id 
_pdbx_struct_sheet_hbond.range_1_label_seq_id 
_pdbx_struct_sheet_hbond.range_1_PDB_ins_code 
_pdbx_struct_sheet_hbond.range_1_auth_atom_id 
_pdbx_struct_sheet_hbond.range_1_auth_comp_id 
_pdbx_struct_sheet_hbond.range_1_auth_asym_id 
_pdbx_struct_sheet_hbond.range_1_auth_seq_id 
_pdbx_struct_sheet_hbond.range_2_label_atom_id 
_pdbx_struct_sheet_hbond.range_2_label_comp_id 
_pdbx_struct_sheet_hbond.range_2_label_asym_id 
_pdbx_struct_sheet_hbond.range_2_label_seq_id 
_pdbx_struct_sheet_hbond.range_2_PDB_ins_code 
_pdbx_struct_sheet_hbond.range_2_auth_atom_id 
_pdbx_struct_sheet_hbond.range_2_auth_comp_id 
_pdbx_struct_sheet_hbond.range_2_auth_asym_id 
_pdbx_struct_sheet_hbond.range_2_auth_seq_id 
AA1 1 2 N GLY A 6   ? N GLY A 45  O ASN A 39  ? O ASN A 78  
AA1 2 3 N VAL A 38  ? N VAL A 77  O VAL A 102 ? O VAL A 141 
AA2 1 2 N MET A 23  ? N MET A 62  O VAL A 156 ? O VAL A 195 
AA2 2 3 O PHE A 153 ? O PHE A 192 N TYR A 127 ? N TYR A 166 
AA2 3 4 O ARG A 130 ? O ARG A 169 N ASP A 54  ? N ASP A 93  
AA2 4 5 N TYR A 49  ? N TYR A 88  O ASN A 92  ? O ASN A 131 
AA3 1 2 O TYR A 85  ? O TYR A 124 N LEU A 53  ? N LEU A 92  
AA3 2 3 N ASP A 54  ? N ASP A 93  O ARG A 130 ? O ARG A 169 
AA3 3 4 N ILE A 133 ? N ILE A 172 O THR A 144 ? O THR A 183 
AA4 1 2 N ARG A 30  ? N ARG A 69  O LEU A 109 ? O LEU A 148 
AA4 2 3 N LYS A 108 ? N LYS A 147 O ILE A 119 ? O ILE A 158 
AA5 1 2 N VAL A 66  ? N VAL A 105 O GLU A 69  ? O GLU A 108 
# 
loop_
_struct_site.id 
_struct_site.pdbx_evidence_code 
_struct_site.pdbx_auth_asym_id 
_struct_site.pdbx_auth_comp_id 
_struct_site.pdbx_auth_seq_id 
_struct_site.pdbx_auth_ins_code 
_struct_site.pdbx_num_residues 
_struct_site.details 
AC1 Software A CD  301 ? 8 'binding site for residue CD A 301'  
AC2 Software A CD  302 ? 6 'binding site for residue CD A 302'  
AC3 Software A CD  303 ? 4 'binding site for residue CD A 303'  
AC4 Software A CD  304 ? 4 'binding site for residue CD A 304'  
AC5 Software A CD  305 ? 4 'binding site for residue CD A 305'  
AC6 Software A NY7 306 ? 7 'binding site for residue NY7 A 306' 
# 
loop_
_struct_site_gen.id 
_struct_site_gen.site_id 
_struct_site_gen.pdbx_num_res 
_struct_site_gen.label_comp_id 
_struct_site_gen.label_asym_id 
_struct_site_gen.label_seq_id 
_struct_site_gen.pdbx_auth_ins_code 
_struct_site_gen.auth_comp_id 
_struct_site_gen.auth_asym_id 
_struct_site_gen.auth_seq_id 
_struct_site_gen.label_atom_id 
_struct_site_gen.label_alt_id 
_struct_site_gen.symmetry 
_struct_site_gen.details 
1  AC1 8 GLU A 128 ? GLU A 167 . ? 1_555 ? 
2  AC1 8 GLU A 128 ? GLU A 167 . ? 5_655 ? 
3  AC1 8 CYS A 147 ? CYS A 186 . ? 1_555 ? 
4  AC1 8 CYS A 147 ? CYS A 186 . ? 5_655 ? 
5  AC1 8 CD  C .   ? CD  A 302 . ? 5_655 ? 
6  AC1 8 CD  C .   ? CD  A 302 . ? 1_555 ? 
7  AC1 8 HOH H .   ? HOH A 455 . ? 5_655 ? 
8  AC1 8 HOH H .   ? HOH A 455 . ? 1_555 ? 
9  AC2 6 GLU A 128 ? GLU A 167 . ? 1_555 ? 
10 AC2 6 CYS A 147 ? CYS A 186 . ? 5_655 ? 
11 AC2 6 CD  B .   ? CD  A 301 . ? 5_655 ? 
12 AC2 6 CD  B .   ? CD  A 301 . ? 1_555 ? 
13 AC2 6 HOH H .   ? HOH A 453 . ? 5_655 ? 
14 AC2 6 HOH H .   ? HOH A 461 . ? 1_555 ? 
15 AC3 4 CYS A 83  ? CYS A 122 . ? 1_555 ? 
16 AC3 4 HOH H .   ? HOH A 450 . ? 1_555 ? 
17 AC3 4 HOH H .   ? HOH A 454 . ? 1_555 ? 
18 AC3 4 HOH H .   ? HOH A 470 . ? 1_555 ? 
19 AC4 4 HIS A 61  ? HIS A 100 . ? 1_555 ? 
20 AC4 4 HOH H .   ? HOH A 458 . ? 1_555 ? 
21 AC4 4 HOH H .   ? HOH A 459 . ? 1_555 ? 
22 AC4 4 HOH H .   ? HOH A 460 . ? 1_555 ? 
23 AC5 4 CYS A 83  ? CYS A 122 . ? 1_555 ? 
24 AC5 4 HOH H .   ? HOH A 449 . ? 1_555 ? 
25 AC5 4 HOH H .   ? HOH A 470 . ? 1_555 ? 
26 AC5 4 HOH H .   ? HOH A 471 . ? 1_555 ? 
27 AC6 7 PRO A 78  ? PRO A 117 . ? 1_555 ? 
28 AC6 7 GLN A 79  ? GLN A 118 . ? 1_555 ? 
29 AC6 7 ALA A 80  ? ALA A 119 . ? 1_555 ? 
30 AC6 7 SER A 82  ? SER A 121 . ? 1_555 ? 
31 AC6 7 MET A 120 ? MET A 159 . ? 1_555 ? 
32 AC6 7 LEU A 121 ? LEU A 160 . ? 1_555 ? 
33 AC6 7 ASN A 122 ? ASN A 161 . ? 1_555 ? 
# 
_pdbx_validate_torsion.id              1 
_pdbx_validate_torsion.PDB_model_num   1 
_pdbx_validate_torsion.auth_comp_id    THR 
_pdbx_validate_torsion.auth_asym_id    A 
_pdbx_validate_torsion.auth_seq_id     59 
_pdbx_validate_torsion.PDB_ins_code    ? 
_pdbx_validate_torsion.label_alt_id    ? 
_pdbx_validate_torsion.phi             69.02 
_pdbx_validate_torsion.psi             107.73 
# 
_pdbx_struct_special_symmetry.id              1 
_pdbx_struct_special_symmetry.PDB_model_num   1 
_pdbx_struct_special_symmetry.auth_asym_id    A 
_pdbx_struct_special_symmetry.auth_comp_id    CD 
_pdbx_struct_special_symmetry.auth_seq_id     301 
_pdbx_struct_special_symmetry.PDB_ins_code    ? 
_pdbx_struct_special_symmetry.label_asym_id   B 
_pdbx_struct_special_symmetry.label_comp_id   CD 
_pdbx_struct_special_symmetry.label_seq_id    . 
# 
_phasing.method   MR 
# 
_pdbx_entry_details.entry_id                 5QRU 
_pdbx_entry_details.has_ligand_of_interest   Y 
_pdbx_entry_details.compound_details         ? 
_pdbx_entry_details.source_details           ? 
_pdbx_entry_details.nonpolymer_details       ? 
_pdbx_entry_details.sequence_details         ? 
# 
loop_
_pdbx_distant_solvent_atoms.id 
_pdbx_distant_solvent_atoms.PDB_model_num 
_pdbx_distant_solvent_atoms.auth_atom_id 
_pdbx_distant_solvent_atoms.label_alt_id 
_pdbx_distant_solvent_atoms.auth_asym_id 
_pdbx_distant_solvent_atoms.auth_comp_id 
_pdbx_distant_solvent_atoms.auth_seq_id 
_pdbx_distant_solvent_atoms.PDB_ins_code 
_pdbx_distant_solvent_atoms.neighbor_macromolecule_distance 
_pdbx_distant_solvent_atoms.neighbor_ligand_distance 
1 1 O ? A HOH 470 ? 6.27 . 
2 1 O ? A HOH 471 ? 6.60 . 
# 
_pdbx_unobs_or_zero_occ_residues.id               1 
_pdbx_unobs_or_zero_occ_residues.PDB_model_num    1 
_pdbx_unobs_or_zero_occ_residues.polymer_flag     Y 
_pdbx_unobs_or_zero_occ_residues.occupancy_flag   1 
_pdbx_unobs_or_zero_occ_residues.auth_asym_id     A 
_pdbx_unobs_or_zero_occ_residues.auth_comp_id     GLY 
_pdbx_unobs_or_zero_occ_residues.auth_seq_id      40 
_pdbx_unobs_or_zero_occ_residues.PDB_ins_code     ? 
_pdbx_unobs_or_zero_occ_residues.label_asym_id    A 
_pdbx_unobs_or_zero_occ_residues.label_comp_id    GLY 
_pdbx_unobs_or_zero_occ_residues.label_seq_id     1 
# 
loop_
_chem_comp_atom.comp_id 
_chem_comp_atom.atom_id 
_chem_comp_atom.type_symbol 
_chem_comp_atom.pdbx_aromatic_flag 
_chem_comp_atom.pdbx_stereo_config 
_chem_comp_atom.pdbx_ordinal 
ALA N    N  N N 1   
ALA CA   C  N S 2   
ALA C    C  N N 3   
ALA O    O  N N 4   
ALA CB   C  N N 5   
ALA OXT  O  N N 6   
ALA H    H  N N 7   
ALA H2   H  N N 8   
ALA HA   H  N N 9   
ALA HB1  H  N N 10  
ALA HB2  H  N N 11  
ALA HB3  H  N N 12  
ALA HXT  H  N N 13  
ARG N    N  N N 14  
ARG CA   C  N S 15  
ARG C    C  N N 16  
ARG O    O  N N 17  
ARG CB   C  N N 18  
ARG CG   C  N N 19  
ARG CD   C  N N 20  
ARG NE   N  N N 21  
ARG CZ   C  N N 22  
ARG NH1  N  N N 23  
ARG NH2  N  N N 24  
ARG OXT  O  N N 25  
ARG H    H  N N 26  
ARG H2   H  N N 27  
ARG HA   H  N N 28  
ARG HB2  H  N N 29  
ARG HB3  H  N N 30  
ARG HG2  H  N N 31  
ARG HG3  H  N N 32  
ARG HD2  H  N N 33  
ARG HD3  H  N N 34  
ARG HE   H  N N 35  
ARG HH11 H  N N 36  
ARG HH12 H  N N 37  
ARG HH21 H  N N 38  
ARG HH22 H  N N 39  
ARG HXT  H  N N 40  
ASN N    N  N N 41  
ASN CA   C  N S 42  
ASN C    C  N N 43  
ASN O    O  N N 44  
ASN CB   C  N N 45  
ASN CG   C  N N 46  
ASN OD1  O  N N 47  
ASN ND2  N  N N 48  
ASN OXT  O  N N 49  
ASN H    H  N N 50  
ASN H2   H  N N 51  
ASN HA   H  N N 52  
ASN HB2  H  N N 53  
ASN HB3  H  N N 54  
ASN HD21 H  N N 55  
ASN HD22 H  N N 56  
ASN HXT  H  N N 57  
ASP N    N  N N 58  
ASP CA   C  N S 59  
ASP C    C  N N 60  
ASP O    O  N N 61  
ASP CB   C  N N 62  
ASP CG   C  N N 63  
ASP OD1  O  N N 64  
ASP OD2  O  N N 65  
ASP OXT  O  N N 66  
ASP H    H  N N 67  
ASP H2   H  N N 68  
ASP HA   H  N N 69  
ASP HB2  H  N N 70  
ASP HB3  H  N N 71  
ASP HD2  H  N N 72  
ASP HXT  H  N N 73  
CD  CD   CD N N 74  
CYS N    N  N N 75  
CYS CA   C  N R 76  
CYS C    C  N N 77  
CYS O    O  N N 78  
CYS CB   C  N N 79  
CYS SG   S  N N 80  
CYS OXT  O  N N 81  
CYS H    H  N N 82  
CYS H2   H  N N 83  
CYS HA   H  N N 84  
CYS HB2  H  N N 85  
CYS HB3  H  N N 86  
CYS HG   H  N N 87  
CYS HXT  H  N N 88  
GLN N    N  N N 89  
GLN CA   C  N S 90  
GLN C    C  N N 91  
GLN O    O  N N 92  
GLN CB   C  N N 93  
GLN CG   C  N N 94  
GLN CD   C  N N 95  
GLN OE1  O  N N 96  
GLN NE2  N  N N 97  
GLN OXT  O  N N 98  
GLN H    H  N N 99  
GLN H2   H  N N 100 
GLN HA   H  N N 101 
GLN HB2  H  N N 102 
GLN HB3  H  N N 103 
GLN HG2  H  N N 104 
GLN HG3  H  N N 105 
GLN HE21 H  N N 106 
GLN HE22 H  N N 107 
GLN HXT  H  N N 108 
GLU N    N  N N 109 
GLU CA   C  N S 110 
GLU C    C  N N 111 
GLU O    O  N N 112 
GLU CB   C  N N 113 
GLU CG   C  N N 114 
GLU CD   C  N N 115 
GLU OE1  O  N N 116 
GLU OE2  O  N N 117 
GLU OXT  O  N N 118 
GLU H    H  N N 119 
GLU H2   H  N N 120 
GLU HA   H  N N 121 
GLU HB2  H  N N 122 
GLU HB3  H  N N 123 
GLU HG2  H  N N 124 
GLU HG3  H  N N 125 
GLU HE2  H  N N 126 
GLU HXT  H  N N 127 
GLY N    N  N N 128 
GLY CA   C  N N 129 
GLY C    C  N N 130 
GLY O    O  N N 131 
GLY OXT  O  N N 132 
GLY H    H  N N 133 
GLY H2   H  N N 134 
GLY HA2  H  N N 135 
GLY HA3  H  N N 136 
GLY HXT  H  N N 137 
HIS N    N  N N 138 
HIS CA   C  N S 139 
HIS C    C  N N 140 
HIS O    O  N N 141 
HIS CB   C  N N 142 
HIS CG   C  Y N 143 
HIS ND1  N  Y N 144 
HIS CD2  C  Y N 145 
HIS CE1  C  Y N 146 
HIS NE2  N  Y N 147 
HIS OXT  O  N N 148 
HIS H    H  N N 149 
HIS H2   H  N N 150 
HIS HA   H  N N 151 
HIS HB2  H  N N 152 
HIS HB3  H  N N 153 
HIS HD1  H  N N 154 
HIS HD2  H  N N 155 
HIS HE1  H  N N 156 
HIS HE2  H  N N 157 
HIS HXT  H  N N 158 
HOH O    O  N N 159 
HOH H1   H  N N 160 
HOH H2   H  N N 161 
ILE N    N  N N 162 
ILE CA   C  N S 163 
ILE C    C  N N 164 
ILE O    O  N N 165 
ILE CB   C  N S 166 
ILE CG1  C  N N 167 
ILE CG2  C  N N 168 
ILE CD1  C  N N 169 
ILE OXT  O  N N 170 
ILE H    H  N N 171 
ILE H2   H  N N 172 
ILE HA   H  N N 173 
ILE HB   H  N N 174 
ILE HG12 H  N N 175 
ILE HG13 H  N N 176 
ILE HG21 H  N N 177 
ILE HG22 H  N N 178 
ILE HG23 H  N N 179 
ILE HD11 H  N N 180 
ILE HD12 H  N N 181 
ILE HD13 H  N N 182 
ILE HXT  H  N N 183 
LEU N    N  N N 184 
LEU CA   C  N S 185 
LEU C    C  N N 186 
LEU O    O  N N 187 
LEU CB   C  N N 188 
LEU CG   C  N N 189 
LEU CD1  C  N N 190 
LEU CD2  C  N N 191 
LEU OXT  O  N N 192 
LEU H    H  N N 193 
LEU H2   H  N N 194 
LEU HA   H  N N 195 
LEU HB2  H  N N 196 
LEU HB3  H  N N 197 
LEU HG   H  N N 198 
LEU HD11 H  N N 199 
LEU HD12 H  N N 200 
LEU HD13 H  N N 201 
LEU HD21 H  N N 202 
LEU HD22 H  N N 203 
LEU HD23 H  N N 204 
LEU HXT  H  N N 205 
LYS N    N  N N 206 
LYS CA   C  N S 207 
LYS C    C  N N 208 
LYS O    O  N N 209 
LYS CB   C  N N 210 
LYS CG   C  N N 211 
LYS CD   C  N N 212 
LYS CE   C  N N 213 
LYS NZ   N  N N 214 
LYS OXT  O  N N 215 
LYS H    H  N N 216 
LYS H2   H  N N 217 
LYS HA   H  N N 218 
LYS HB2  H  N N 219 
LYS HB3  H  N N 220 
LYS HG2  H  N N 221 
LYS HG3  H  N N 222 
LYS HD2  H  N N 223 
LYS HD3  H  N N 224 
LYS HE2  H  N N 225 
LYS HE3  H  N N 226 
LYS HZ1  H  N N 227 
LYS HZ2  H  N N 228 
LYS HZ3  H  N N 229 
LYS HXT  H  N N 230 
MET N    N  N N 231 
MET CA   C  N S 232 
MET C    C  N N 233 
MET O    O  N N 234 
MET CB   C  N N 235 
MET CG   C  N N 236 
MET SD   S  N N 237 
MET CE   C  N N 238 
MET OXT  O  N N 239 
MET H    H  N N 240 
MET H2   H  N N 241 
MET HA   H  N N 242 
MET HB2  H  N N 243 
MET HB3  H  N N 244 
MET HG2  H  N N 245 
MET HG3  H  N N 246 
MET HE1  H  N N 247 
MET HE2  H  N N 248 
MET HE3  H  N N 249 
MET HXT  H  N N 250 
NY7 N1   N  N N 251 
NY7 C4   C  Y N 252 
NY7 C5   C  Y N 253 
NY7 C6   C  N N 254 
NY7 C7   C  Y N 255 
NY7 C8   C  Y N 256 
NY7 C10  C  N N 257 
NY7 C1   C  N N 258 
NY7 C2   C  Y N 259 
NY7 C3   C  Y N 260 
NY7 C9   C  N N 261 
NY7 N2   N  N N 262 
NY7 O1   O  N N 263 
NY7 O2   O  N N 264 
NY7 H1   H  N N 265 
NY7 H2   H  N N 266 
NY7 H3   H  N N 267 
NY7 H4   H  N N 268 
NY7 H5   H  N N 269 
NY7 H6   H  N N 270 
NY7 H7   H  N N 271 
NY7 H8   H  N N 272 
NY7 H9   H  N N 273 
NY7 H10  H  N N 274 
NY7 H11  H  N N 275 
NY7 H12  H  N N 276 
NY7 H13  H  N N 277 
NY7 H14  H  N N 278 
PHE N    N  N N 279 
PHE CA   C  N S 280 
PHE C    C  N N 281 
PHE O    O  N N 282 
PHE CB   C  N N 283 
PHE CG   C  Y N 284 
PHE CD1  C  Y N 285 
PHE CD2  C  Y N 286 
PHE CE1  C  Y N 287 
PHE CE2  C  Y N 288 
PHE CZ   C  Y N 289 
PHE OXT  O  N N 290 
PHE H    H  N N 291 
PHE H2   H  N N 292 
PHE HA   H  N N 293 
PHE HB2  H  N N 294 
PHE HB3  H  N N 295 
PHE HD1  H  N N 296 
PHE HD2  H  N N 297 
PHE HE1  H  N N 298 
PHE HE2  H  N N 299 
PHE HZ   H  N N 300 
PHE HXT  H  N N 301 
PRO N    N  N N 302 
PRO CA   C  N S 303 
PRO C    C  N N 304 
PRO O    O  N N 305 
PRO CB   C  N N 306 
PRO CG   C  N N 307 
PRO CD   C  N N 308 
PRO OXT  O  N N 309 
PRO H    H  N N 310 
PRO HA   H  N N 311 
PRO HB2  H  N N 312 
PRO HB3  H  N N 313 
PRO HG2  H  N N 314 
PRO HG3  H  N N 315 
PRO HD2  H  N N 316 
PRO HD3  H  N N 317 
PRO HXT  H  N N 318 
SER N    N  N N 319 
SER CA   C  N S 320 
SER C    C  N N 321 
SER O    O  N N 322 
SER CB   C  N N 323 
SER OG   O  N N 324 
SER OXT  O  N N 325 
SER H    H  N N 326 
SER H2   H  N N 327 
SER HA   H  N N 328 
SER HB2  H  N N 329 
SER HB3  H  N N 330 
SER HG   H  N N 331 
SER HXT  H  N N 332 
THR N    N  N N 333 
THR CA   C  N S 334 
THR C    C  N N 335 
THR O    O  N N 336 
THR CB   C  N R 337 
THR OG1  O  N N 338 
THR CG2  C  N N 339 
THR OXT  O  N N 340 
THR H    H  N N 341 
THR H2   H  N N 342 
THR HA   H  N N 343 
THR HB   H  N N 344 
THR HG1  H  N N 345 
THR HG21 H  N N 346 
THR HG22 H  N N 347 
THR HG23 H  N N 348 
THR HXT  H  N N 349 
TRP N    N  N N 350 
TRP CA   C  N S 351 
TRP C    C  N N 352 
TRP O    O  N N 353 
TRP CB   C  N N 354 
TRP CG   C  Y N 355 
TRP CD1  C  Y N 356 
TRP CD2  C  Y N 357 
TRP NE1  N  Y N 358 
TRP CE2  C  Y N 359 
TRP CE3  C  Y N 360 
TRP CZ2  C  Y N 361 
TRP CZ3  C  Y N 362 
TRP CH2  C  Y N 363 
TRP OXT  O  N N 364 
TRP H    H  N N 365 
TRP H2   H  N N 366 
TRP HA   H  N N 367 
TRP HB2  H  N N 368 
TRP HB3  H  N N 369 
TRP HD1  H  N N 370 
TRP HE1  H  N N 371 
TRP HE3  H  N N 372 
TRP HZ2  H  N N 373 
TRP HZ3  H  N N 374 
TRP HH2  H  N N 375 
TRP HXT  H  N N 376 
TYR N    N  N N 377 
TYR CA   C  N S 378 
TYR C    C  N N 379 
TYR O    O  N N 380 
TYR CB   C  N N 381 
TYR CG   C  Y N 382 
TYR CD1  C  Y N 383 
TYR CD2  C  Y N 384 
TYR CE1  C  Y N 385 
TYR CE2  C  Y N 386 
TYR CZ   C  Y N 387 
TYR OH   O  N N 388 
TYR OXT  O  N N 389 
TYR H    H  N N 390 
TYR H2   H  N N 391 
TYR HA   H  N N 392 
TYR HB2  H  N N 393 
TYR HB3  H  N N 394 
TYR HD1  H  N N 395 
TYR HD2  H  N N 396 
TYR HE1  H  N N 397 
TYR HE2  H  N N 398 
TYR HH   H  N N 399 
TYR HXT  H  N N 400 
VAL N    N  N N 401 
VAL CA   C  N S 402 
VAL C    C  N N 403 
VAL O    O  N N 404 
VAL CB   C  N N 405 
VAL CG1  C  N N 406 
VAL CG2  C  N N 407 
VAL OXT  O  N N 408 
VAL H    H  N N 409 
VAL H2   H  N N 410 
VAL HA   H  N N 411 
VAL HB   H  N N 412 
VAL HG11 H  N N 413 
VAL HG12 H  N N 414 
VAL HG13 H  N N 415 
VAL HG21 H  N N 416 
VAL HG22 H  N N 417 
VAL HG23 H  N N 418 
VAL HXT  H  N N 419 
# 
loop_
_chem_comp_bond.comp_id 
_chem_comp_bond.atom_id_1 
_chem_comp_bond.atom_id_2 
_chem_comp_bond.value_order 
_chem_comp_bond.pdbx_aromatic_flag 
_chem_comp_bond.pdbx_stereo_config 
_chem_comp_bond.pdbx_ordinal 
ALA N   CA   sing N N 1   
ALA N   H    sing N N 2   
ALA N   H2   sing N N 3   
ALA CA  C    sing N N 4   
ALA CA  CB   sing N N 5   
ALA CA  HA   sing N N 6   
ALA C   O    doub N N 7   
ALA C   OXT  sing N N 8   
ALA CB  HB1  sing N N 9   
ALA CB  HB2  sing N N 10  
ALA CB  HB3  sing N N 11  
ALA OXT HXT  sing N N 12  
ARG N   CA   sing N N 13  
ARG N   H    sing N N 14  
ARG N   H2   sing N N 15  
ARG CA  C    sing N N 16  
ARG CA  CB   sing N N 17  
ARG CA  HA   sing N N 18  
ARG C   O    doub N N 19  
ARG C   OXT  sing N N 20  
ARG CB  CG   sing N N 21  
ARG CB  HB2  sing N N 22  
ARG CB  HB3  sing N N 23  
ARG CG  CD   sing N N 24  
ARG CG  HG2  sing N N 25  
ARG CG  HG3  sing N N 26  
ARG CD  NE   sing N N 27  
ARG CD  HD2  sing N N 28  
ARG CD  HD3  sing N N 29  
ARG NE  CZ   sing N N 30  
ARG NE  HE   sing N N 31  
ARG CZ  NH1  sing N N 32  
ARG CZ  NH2  doub N N 33  
ARG NH1 HH11 sing N N 34  
ARG NH1 HH12 sing N N 35  
ARG NH2 HH21 sing N N 36  
ARG NH2 HH22 sing N N 37  
ARG OXT HXT  sing N N 38  
ASN N   CA   sing N N 39  
ASN N   H    sing N N 40  
ASN N   H2   sing N N 41  
ASN CA  C    sing N N 42  
ASN CA  CB   sing N N 43  
ASN CA  HA   sing N N 44  
ASN C   O    doub N N 45  
ASN C   OXT  sing N N 46  
ASN CB  CG   sing N N 47  
ASN CB  HB2  sing N N 48  
ASN CB  HB3  sing N N 49  
ASN CG  OD1  doub N N 50  
ASN CG  ND2  sing N N 51  
ASN ND2 HD21 sing N N 52  
ASN ND2 HD22 sing N N 53  
ASN OXT HXT  sing N N 54  
ASP N   CA   sing N N 55  
ASP N   H    sing N N 56  
ASP N   H2   sing N N 57  
ASP CA  C    sing N N 58  
ASP CA  CB   sing N N 59  
ASP CA  HA   sing N N 60  
ASP C   O    doub N N 61  
ASP C   OXT  sing N N 62  
ASP CB  CG   sing N N 63  
ASP CB  HB2  sing N N 64  
ASP CB  HB3  sing N N 65  
ASP CG  OD1  doub N N 66  
ASP CG  OD2  sing N N 67  
ASP OD2 HD2  sing N N 68  
ASP OXT HXT  sing N N 69  
CYS N   CA   sing N N 70  
CYS N   H    sing N N 71  
CYS N   H2   sing N N 72  
CYS CA  C    sing N N 73  
CYS CA  CB   sing N N 74  
CYS CA  HA   sing N N 75  
CYS C   O    doub N N 76  
CYS C   OXT  sing N N 77  
CYS CB  SG   sing N N 78  
CYS CB  HB2  sing N N 79  
CYS CB  HB3  sing N N 80  
CYS SG  HG   sing N N 81  
CYS OXT HXT  sing N N 82  
GLN N   CA   sing N N 83  
GLN N   H    sing N N 84  
GLN N   H2   sing N N 85  
GLN CA  C    sing N N 86  
GLN CA  CB   sing N N 87  
GLN CA  HA   sing N N 88  
GLN C   O    doub N N 89  
GLN C   OXT  sing N N 90  
GLN CB  CG   sing N N 91  
GLN CB  HB2  sing N N 92  
GLN CB  HB3  sing N N 93  
GLN CG  CD   sing N N 94  
GLN CG  HG2  sing N N 95  
GLN CG  HG3  sing N N 96  
GLN CD  OE1  doub N N 97  
GLN CD  NE2  sing N N 98  
GLN NE2 HE21 sing N N 99  
GLN NE2 HE22 sing N N 100 
GLN OXT HXT  sing N N 101 
GLU N   CA   sing N N 102 
GLU N   H    sing N N 103 
GLU N   H2   sing N N 104 
GLU CA  C    sing N N 105 
GLU CA  CB   sing N N 106 
GLU CA  HA   sing N N 107 
GLU C   O    doub N N 108 
GLU C   OXT  sing N N 109 
GLU CB  CG   sing N N 110 
GLU CB  HB2  sing N N 111 
GLU CB  HB3  sing N N 112 
GLU CG  CD   sing N N 113 
GLU CG  HG2  sing N N 114 
GLU CG  HG3  sing N N 115 
GLU CD  OE1  doub N N 116 
GLU CD  OE2  sing N N 117 
GLU OE2 HE2  sing N N 118 
GLU OXT HXT  sing N N 119 
GLY N   CA   sing N N 120 
GLY N   H    sing N N 121 
GLY N   H2   sing N N 122 
GLY CA  C    sing N N 123 
GLY CA  HA2  sing N N 124 
GLY CA  HA3  sing N N 125 
GLY C   O    doub N N 126 
GLY C   OXT  sing N N 127 
GLY OXT HXT  sing N N 128 
HIS N   CA   sing N N 129 
HIS N   H    sing N N 130 
HIS N   H2   sing N N 131 
HIS CA  C    sing N N 132 
HIS CA  CB   sing N N 133 
HIS CA  HA   sing N N 134 
HIS C   O    doub N N 135 
HIS C   OXT  sing N N 136 
HIS CB  CG   sing N N 137 
HIS CB  HB2  sing N N 138 
HIS CB  HB3  sing N N 139 
HIS CG  ND1  sing Y N 140 
HIS CG  CD2  doub Y N 141 
HIS ND1 CE1  doub Y N 142 
HIS ND1 HD1  sing N N 143 
HIS CD2 NE2  sing Y N 144 
HIS CD2 HD2  sing N N 145 
HIS CE1 NE2  sing Y N 146 
HIS CE1 HE1  sing N N 147 
HIS NE2 HE2  sing N N 148 
HIS OXT HXT  sing N N 149 
HOH O   H1   sing N N 150 
HOH O   H2   sing N N 151 
ILE N   CA   sing N N 152 
ILE N   H    sing N N 153 
ILE N   H2   sing N N 154 
ILE CA  C    sing N N 155 
ILE CA  CB   sing N N 156 
ILE CA  HA   sing N N 157 
ILE C   O    doub N N 158 
ILE C   OXT  sing N N 159 
ILE CB  CG1  sing N N 160 
ILE CB  CG2  sing N N 161 
ILE CB  HB   sing N N 162 
ILE CG1 CD1  sing N N 163 
ILE CG1 HG12 sing N N 164 
ILE CG1 HG13 sing N N 165 
ILE CG2 HG21 sing N N 166 
ILE CG2 HG22 sing N N 167 
ILE CG2 HG23 sing N N 168 
ILE CD1 HD11 sing N N 169 
ILE CD1 HD12 sing N N 170 
ILE CD1 HD13 sing N N 171 
ILE OXT HXT  sing N N 172 
LEU N   CA   sing N N 173 
LEU N   H    sing N N 174 
LEU N   H2   sing N N 175 
LEU CA  C    sing N N 176 
LEU CA  CB   sing N N 177 
LEU CA  HA   sing N N 178 
LEU C   O    doub N N 179 
LEU C   OXT  sing N N 180 
LEU CB  CG   sing N N 181 
LEU CB  HB2  sing N N 182 
LEU CB  HB3  sing N N 183 
LEU CG  CD1  sing N N 184 
LEU CG  CD2  sing N N 185 
LEU CG  HG   sing N N 186 
LEU CD1 HD11 sing N N 187 
LEU CD1 HD12 sing N N 188 
LEU CD1 HD13 sing N N 189 
LEU CD2 HD21 sing N N 190 
LEU CD2 HD22 sing N N 191 
LEU CD2 HD23 sing N N 192 
LEU OXT HXT  sing N N 193 
LYS N   CA   sing N N 194 
LYS N   H    sing N N 195 
LYS N   H2   sing N N 196 
LYS CA  C    sing N N 197 
LYS CA  CB   sing N N 198 
LYS CA  HA   sing N N 199 
LYS C   O    doub N N 200 
LYS C   OXT  sing N N 201 
LYS CB  CG   sing N N 202 
LYS CB  HB2  sing N N 203 
LYS CB  HB3  sing N N 204 
LYS CG  CD   sing N N 205 
LYS CG  HG2  sing N N 206 
LYS CG  HG3  sing N N 207 
LYS CD  CE   sing N N 208 
LYS CD  HD2  sing N N 209 
LYS CD  HD3  sing N N 210 
LYS CE  NZ   sing N N 211 
LYS CE  HE2  sing N N 212 
LYS CE  HE3  sing N N 213 
LYS NZ  HZ1  sing N N 214 
LYS NZ  HZ2  sing N N 215 
LYS NZ  HZ3  sing N N 216 
LYS OXT HXT  sing N N 217 
MET N   CA   sing N N 218 
MET N   H    sing N N 219 
MET N   H2   sing N N 220 
MET CA  C    sing N N 221 
MET CA  CB   sing N N 222 
MET CA  HA   sing N N 223 
MET C   O    doub N N 224 
MET C   OXT  sing N N 225 
MET CB  CG   sing N N 226 
MET CB  HB2  sing N N 227 
MET CB  HB3  sing N N 228 
MET CG  SD   sing N N 229 
MET CG  HG2  sing N N 230 
MET CG  HG3  sing N N 231 
MET SD  CE   sing N N 232 
MET CE  HE1  sing N N 233 
MET CE  HE2  sing N N 234 
MET CE  HE3  sing N N 235 
MET OXT HXT  sing N N 236 
NY7 C10 N2   sing N N 237 
NY7 C10 C9   sing N N 238 
NY7 C9  O2   doub N N 239 
NY7 C9  N1   sing N N 240 
NY7 N1  C8   sing N N 241 
NY7 C1  O1   sing N N 242 
NY7 O1  C2   sing N N 243 
NY7 C8  C2   doub Y N 244 
NY7 C8  C7   sing Y N 245 
NY7 C2  C3   sing Y N 246 
NY7 C7  C5   doub Y N 247 
NY7 C3  C4   doub Y N 248 
NY7 C5  C4   sing Y N 249 
NY7 C5  C6   sing N N 250 
NY7 N1  H1   sing N N 251 
NY7 C4  H2   sing N N 252 
NY7 C6  H3   sing N N 253 
NY7 C6  H4   sing N N 254 
NY7 C6  H5   sing N N 255 
NY7 C7  H6   sing N N 256 
NY7 C10 H7   sing N N 257 
NY7 C10 H8   sing N N 258 
NY7 C1  H9   sing N N 259 
NY7 C1  H10  sing N N 260 
NY7 C1  H11  sing N N 261 
NY7 C3  H12  sing N N 262 
NY7 N2  H13  sing N N 263 
NY7 N2  H14  sing N N 264 
PHE N   CA   sing N N 265 
PHE N   H    sing N N 266 
PHE N   H2   sing N N 267 
PHE CA  C    sing N N 268 
PHE CA  CB   sing N N 269 
PHE CA  HA   sing N N 270 
PHE C   O    doub N N 271 
PHE C   OXT  sing N N 272 
PHE CB  CG   sing N N 273 
PHE CB  HB2  sing N N 274 
PHE CB  HB3  sing N N 275 
PHE CG  CD1  doub Y N 276 
PHE CG  CD2  sing Y N 277 
PHE CD1 CE1  sing Y N 278 
PHE CD1 HD1  sing N N 279 
PHE CD2 CE2  doub Y N 280 
PHE CD2 HD2  sing N N 281 
PHE CE1 CZ   doub Y N 282 
PHE CE1 HE1  sing N N 283 
PHE CE2 CZ   sing Y N 284 
PHE CE2 HE2  sing N N 285 
PHE CZ  HZ   sing N N 286 
PHE OXT HXT  sing N N 287 
PRO N   CA   sing N N 288 
PRO N   CD   sing N N 289 
PRO N   H    sing N N 290 
PRO CA  C    sing N N 291 
PRO CA  CB   sing N N 292 
PRO CA  HA   sing N N 293 
PRO C   O    doub N N 294 
PRO C   OXT  sing N N 295 
PRO CB  CG   sing N N 296 
PRO CB  HB2  sing N N 297 
PRO CB  HB3  sing N N 298 
PRO CG  CD   sing N N 299 
PRO CG  HG2  sing N N 300 
PRO CG  HG3  sing N N 301 
PRO CD  HD2  sing N N 302 
PRO CD  HD3  sing N N 303 
PRO OXT HXT  sing N N 304 
SER N   CA   sing N N 305 
SER N   H    sing N N 306 
SER N   H2   sing N N 307 
SER CA  C    sing N N 308 
SER CA  CB   sing N N 309 
SER CA  HA   sing N N 310 
SER C   O    doub N N 311 
SER C   OXT  sing N N 312 
SER CB  OG   sing N N 313 
SER CB  HB2  sing N N 314 
SER CB  HB3  sing N N 315 
SER OG  HG   sing N N 316 
SER OXT HXT  sing N N 317 
THR N   CA   sing N N 318 
THR N   H    sing N N 319 
THR N   H2   sing N N 320 
THR CA  C    sing N N 321 
THR CA  CB   sing N N 322 
THR CA  HA   sing N N 323 
THR C   O    doub N N 324 
THR C   OXT  sing N N 325 
THR CB  OG1  sing N N 326 
THR CB  CG2  sing N N 327 
THR CB  HB   sing N N 328 
THR OG1 HG1  sing N N 329 
THR CG2 HG21 sing N N 330 
THR CG2 HG22 sing N N 331 
THR CG2 HG23 sing N N 332 
THR OXT HXT  sing N N 333 
TRP N   CA   sing N N 334 
TRP N   H    sing N N 335 
TRP N   H2   sing N N 336 
TRP CA  C    sing N N 337 
TRP CA  CB   sing N N 338 
TRP CA  HA   sing N N 339 
TRP C   O    doub N N 340 
TRP C   OXT  sing N N 341 
TRP CB  CG   sing N N 342 
TRP CB  HB2  sing N N 343 
TRP CB  HB3  sing N N 344 
TRP CG  CD1  doub Y N 345 
TRP CG  CD2  sing Y N 346 
TRP CD1 NE1  sing Y N 347 
TRP CD1 HD1  sing N N 348 
TRP CD2 CE2  doub Y N 349 
TRP CD2 CE3  sing Y N 350 
TRP NE1 CE2  sing Y N 351 
TRP NE1 HE1  sing N N 352 
TRP CE2 CZ2  sing Y N 353 
TRP CE3 CZ3  doub Y N 354 
TRP CE3 HE3  sing N N 355 
TRP CZ2 CH2  doub Y N 356 
TRP CZ2 HZ2  sing N N 357 
TRP CZ3 CH2  sing Y N 358 
TRP CZ3 HZ3  sing N N 359 
TRP CH2 HH2  sing N N 360 
TRP OXT HXT  sing N N 361 
TYR N   CA   sing N N 362 
TYR N   H    sing N N 363 
TYR N   H2   sing N N 364 
TYR CA  C    sing N N 365 
TYR CA  CB   sing N N 366 
TYR CA  HA   sing N N 367 
TYR C   O    doub N N 368 
TYR C   OXT  sing N N 369 
TYR CB  CG   sing N N 370 
TYR CB  HB2  sing N N 371 
TYR CB  HB3  sing N N 372 
TYR CG  CD1  doub Y N 373 
TYR CG  CD2  sing Y N 374 
TYR CD1 CE1  sing Y N 375 
TYR CD1 HD1  sing N N 376 
TYR CD2 CE2  doub Y N 377 
TYR CD2 HD2  sing N N 378 
TYR CE1 CZ   doub Y N 379 
TYR CE1 HE1  sing N N 380 
TYR CE2 CZ   sing Y N 381 
TYR CE2 HE2  sing N N 382 
TYR CZ  OH   sing N N 383 
TYR OH  HH   sing N N 384 
TYR OXT HXT  sing N N 385 
VAL N   CA   sing N N 386 
VAL N   H    sing N N 387 
VAL N   H2   sing N N 388 
VAL CA  C    sing N N 389 
VAL CA  CB   sing N N 390 
VAL CA  HA   sing N N 391 
VAL C   O    doub N N 392 
VAL C   OXT  sing N N 393 
VAL CB  CG1  sing N N 394 
VAL CB  CG2  sing N N 395 
VAL CB  HB   sing N N 396 
VAL CG1 HG11 sing N N 397 
VAL CG1 HG12 sing N N 398 
VAL CG1 HG13 sing N N 399 
VAL CG2 HG21 sing N N 400 
VAL CG2 HG22 sing N N 401 
VAL CG2 HG23 sing N N 402 
VAL OXT HXT  sing N N 403 
# 
_pdbx_deposit_group.group_id            G_1002080 
_pdbx_deposit_group.group_description   
;Human Brachyury screened against the DSI-poised Fragment Library by X-ray Crystallography at the XChem facility of Diamond Light Source beamline I04-1
;
_pdbx_deposit_group.group_title         'PanDDA analysis group deposition' 
_pdbx_deposit_group.group_type          'changed state' 
# 
_pdbx_entity_instance_feature.ordinal        1 
_pdbx_entity_instance_feature.comp_id        NY7 
_pdbx_entity_instance_feature.asym_id        ? 
_pdbx_entity_instance_feature.seq_num        ? 
_pdbx_entity_instance_feature.auth_comp_id   NY7 
_pdbx_entity_instance_feature.auth_asym_id   ? 
_pdbx_entity_instance_feature.auth_seq_num   ? 
_pdbx_entity_instance_feature.feature_type   'SUBJECT OF INVESTIGATION' 
_pdbx_entity_instance_feature.details        ? 
# 
_atom_sites.entry_id                    5QRU 
_atom_sites.fract_transf_matrix[1][1]   -0.01528917 
_atom_sites.fract_transf_matrix[1][2]   0.00534945 
_atom_sites.fract_transf_matrix[1][3]   0.00382718 
_atom_sites.fract_transf_matrix[2][1]   -0.00595955 
_atom_sites.fract_transf_matrix[2][2]   -0.00716807 
_atom_sites.fract_transf_matrix[2][3]   -0.01378859 
_atom_sites.fract_transf_matrix[3][1]   -0.00151849 
_atom_sites.fract_transf_matrix[3][2]   -0.00765753 
_atom_sites.fract_transf_matrix[3][3]   0.00463711 
_atom_sites.fract_transf_vector[1]      0.344594 
_atom_sites.fract_transf_vector[2]      -0.022417 
_atom_sites.fract_transf_vector[3]      0.060524 
# 
loop_
_atom_type.symbol 
C  
CD 
N  
O  
S  
# 
loop_
_atom_site.group_PDB 
_atom_site.id 
_atom_site.type_symbol 
_atom_site.label_atom_id 
_atom_site.label_alt_id 
_atom_site.label_comp_id 
_atom_site.label_asym_id 
_atom_site.label_entity_id 
_atom_site.label_seq_id 
_atom_site.pdbx_PDB_ins_code 
_atom_site.Cartn_x 
_atom_site.Cartn_y 
_atom_site.Cartn_z 
_atom_site.occupancy 
_atom_site.B_iso_or_equiv 
_atom_site.pdbx_formal_charge 
_atom_site.auth_seq_id 
_atom_site.auth_comp_id 
_atom_site.auth_asym_id 
_atom_site.auth_atom_id 
_atom_site.pdbx_PDB_model_num 
ATOM   1    N  N   . GLU A 1 2   ? -13.565 5.309   19.866  1.00 88.54  ? 41  GLU A N   1 
ATOM   2    C  CA  . GLU A 1 2   ? -13.224 5.683   18.462  1.00 84.21  ? 41  GLU A CA  1 
ATOM   3    C  C   . GLU A 1 2   ? -12.062 4.757   18.019  1.00 77.99  ? 41  GLU A C   1 
ATOM   4    O  O   . GLU A 1 2   ? -11.057 4.599   18.762  1.00 69.75  ? 41  GLU A O   1 
ATOM   5    C  CB  . GLU A 1 2   ? -12.988 7.210   18.379  1.00 84.78  ? 41  GLU A CB  1 
ATOM   6    C  CG  . GLU A 1 2   ? -13.804 7.981   17.313  1.00 81.43  ? 41  GLU A CG  1 
ATOM   7    C  CD  . GLU A 1 2   ? -15.050 8.770   17.740  1.00 86.22  ? 41  GLU A CD  1 
ATOM   8    O  OE1 . GLU A 1 2   ? -15.203 9.978   17.372  1.00 71.32  ? 41  GLU A OE1 1 
ATOM   9    O  OE2 . GLU A 1 2   ? -15.906 8.170   18.399  1.00 86.83  ? 41  GLU A OE2 1 
ATOM   10   N  N   . LEU A 1 3   ? -12.245 4.088   16.879  1.00 66.99  ? 42  LEU A N   1 
ATOM   11   C  CA  . LEU A 1 3   ? -11.236 3.267   16.149  1.00 62.55  ? 42  LEU A CA  1 
ATOM   12   C  C   . LEU A 1 3   ? -10.070 4.139   15.650  1.00 55.86  ? 42  LEU A C   1 
ATOM   13   O  O   . LEU A 1 3   ? -10.329 5.019   14.846  1.00 57.17  ? 42  LEU A O   1 
ATOM   14   C  CB  . LEU A 1 3   ? -11.987 2.632   14.978  1.00 58.88  ? 42  LEU A CB  1 
ATOM   15   C  CG  . LEU A 1 3   ? -11.163 1.853   13.964  1.00 61.39  ? 42  LEU A CG  1 
ATOM   16   C  CD1 . LEU A 1 3   ? -9.979  1.151   14.610  1.00 65.82  ? 42  LEU A CD1 1 
ATOM   17   C  CD2 . LEU A 1 3   ? -12.064 0.848   13.251  1.00 64.71  ? 42  LEU A CD2 1 
ATOM   18   N  N   . ARG A 1 4   ? -8.841  3.914   16.124  1.00 48.66  ? 43  ARG A N   1 
ATOM   19   C  CA  . ARG A 1 4   ? -7.650  4.705   15.729  1.00 44.70  ? 43  ARG A CA  1 
ATOM   20   C  C   . ARG A 1 4   ? -6.746  3.849   14.825  1.00 52.89  ? 43  ARG A C   1 
ATOM   21   O  O   . ARG A 1 4   ? -6.475  2.676   15.167  1.00 48.22  ? 43  ARG A O   1 
ATOM   22   C  CB  . ARG A 1 4   ? -6.910  5.179   16.976  1.00 42.82  ? 43  ARG A CB  1 
ATOM   23   N  N   . VAL A 1 5   ? -6.273  4.421   13.719  1.00 51.76  ? 44  VAL A N   1 
ATOM   24   C  CA  . VAL A 1 5   ? -5.348  3.745   12.759  1.00 49.60  ? 44  VAL A CA  1 
ATOM   25   C  C   . VAL A 1 5   ? -4.110  4.627   12.614  1.00 52.48  ? 44  VAL A C   1 
ATOM   26   O  O   . VAL A 1 5   ? -4.297  5.778   12.221  1.00 50.24  ? 44  VAL A O   1 
ATOM   27   C  CB  . VAL A 1 5   ? -6.034  3.519   11.398  1.00 55.11  ? 44  VAL A CB  1 
ATOM   28   C  CG1 . VAL A 1 5   ? -5.084  2.920   10.363  1.00 50.45  ? 44  VAL A CG1 1 
ATOM   29   C  CG2 . VAL A 1 5   ? -7.278  2.661   11.528  1.00 54.62  ? 44  VAL A CG2 1 
ATOM   30   N  N   . GLY A 1 6   ? -2.921  4.095   12.910  1.00 50.99  ? 45  GLY A N   1 
ATOM   31   C  CA  . GLY A 1 6   ? -1.622  4.787   12.809  1.00 51.53  ? 45  GLY A CA  1 
ATOM   32   C  C   . GLY A 1 6   ? -0.631  4.022   11.940  1.00 49.61  ? 45  GLY A C   1 
ATOM   33   O  O   . GLY A 1 6   ? -0.666  2.775   11.907  1.00 47.09  ? 45  GLY A O   1 
ATOM   34   N  N   . LEU A 1 7   ? 0.240   4.746   11.248  1.00 44.38  ? 46  LEU A N   1 
ATOM   35   C  CA  . LEU A 1 7   ? 1.319   4.148   10.445  1.00 43.11  ? 46  LEU A CA  1 
ATOM   36   C  C   . LEU A 1 7   ? 2.495   3.853   11.381  1.00 43.03  ? 46  LEU A C   1 
ATOM   37   O  O   . LEU A 1 7   ? 2.851   4.778   12.105  1.00 43.83  ? 46  LEU A O   1 
ATOM   38   C  CB  . LEU A 1 7   ? 1.682   5.170   9.366   1.00 42.75  ? 46  LEU A CB  1 
ATOM   39   C  CG  . LEU A 1 7   ? 2.847   4.765   8.480   1.00 38.53  ? 46  LEU A CG  1 
ATOM   40   C  CD1 . LEU A 1 7   ? 2.542   3.461   7.770   1.00 37.27  ? 46  LEU A CD1 1 
ATOM   41   C  CD2 . LEU A 1 7   ? 3.181   5.863   7.490   1.00 39.63  ? 46  LEU A CD2 1 
ATOM   42   N  N   . GLU A 1 8   ? 3.033   2.622   11.406  1.00 39.25  ? 47  GLU A N   1 
ATOM   43   C  CA  . GLU A 1 8   ? 4.266   2.275   12.165  1.00 41.82  ? 47  GLU A CA  1 
ATOM   44   C  C   . GLU A 1 8   ? 5.441   2.666   11.263  1.00 46.30  ? 47  GLU A C   1 
ATOM   45   O  O   . GLU A 1 8   ? 5.269   2.603   10.018  1.00 40.04  ? 47  GLU A O   1 
ATOM   46   C  CB  . GLU A 1 8   ? 4.273   0.796   12.593  1.00 49.03  ? 47  GLU A CB  1 
ATOM   47   C  CG  . GLU A 1 8   ? 5.560   0.316   13.297  1.00 58.36  ? 47  GLU A CG  1 
ATOM   48   C  CD  . GLU A 1 8   ? 5.701   0.587   14.799  1.00 60.49  ? 47  GLU A CD  1 
ATOM   49   O  OE1 . GLU A 1 8   ? 4.830   1.278   15.329  1.00 58.84  ? 47  GLU A OE1 1 
ATOM   50   O  OE2 . GLU A 1 8   ? 6.703   0.111   15.445  1.00 72.96  ? 47  GLU A OE2 1 
ATOM   51   N  N   . GLU A 1 9   ? 6.543   3.129   11.862  1.00 42.48  ? 48  GLU A N   1 
ATOM   52   C  CA  . GLU A 1 9   ? 7.775   3.560   11.155  1.00 45.45  ? 48  GLU A CA  1 
ATOM   53   C  C   . GLU A 1 9   ? 7.476   4.686   10.162  1.00 44.15  ? 48  GLU A C   1 
ATOM   54   O  O   . GLU A 1 9   ? 8.049   4.660   9.049   1.00 43.81  ? 48  GLU A O   1 
ATOM   55   C  CB  . GLU A 1 9   ? 8.391   2.406   10.358  1.00 50.93  ? 48  GLU A CB  1 
ATOM   56   C  CG  . GLU A 1 9   ? 8.623   1.132   11.153  1.00 57.53  ? 48  GLU A CG  1 
ATOM   57   C  CD  . GLU A 1 9   ? 9.361   0.058   10.367  1.00 64.44  ? 48  GLU A CD  1 
ATOM   58   O  OE1 . GLU A 1 9   ? 10.240  0.416   9.557   1.00 69.82  ? 48  GLU A OE1 1 
ATOM   59   O  OE2 . GLU A 1 9   ? 9.038   -1.132  10.536  1.00 67.82  ? 48  GLU A OE2 1 
ATOM   60   N  N   . SER A 1 10  ? 6.682   5.696   10.528  1.00 40.14  ? 49  SER A N   1 
ATOM   61   C  CA  . SER A 1 10  ? 6.419   6.842   9.614   1.00 43.25  ? 49  SER A CA  1 
ATOM   62   C  C   . SER A 1 10  ? 7.713   7.622   9.346   1.00 38.27  ? 49  SER A C   1 
ATOM   63   O  O   . SER A 1 10  ? 7.883   8.054   8.216   1.00 41.41  ? 49  SER A O   1 
ATOM   64   C  CB  . SER A 1 10  ? 5.312   7.737   10.136  1.00 48.15  ? 49  SER A CB  1 
ATOM   65   O  OG  . SER A 1 10  ? 5.579   8.070   11.475  1.00 49.87  ? 49  SER A OG  1 
ATOM   66   N  N   . GLU A 1 11  ? 8.579   7.790   10.354  1.00 41.73  ? 50  GLU A N   1 
ATOM   67   C  CA  . GLU A 1 11  ? 9.977   8.319   10.265  1.00 51.60  ? 50  GLU A CA  1 
ATOM   68   C  C   . GLU A 1 11  ? 10.627  7.874   8.942   1.00 45.63  ? 50  GLU A C   1 
ATOM   69   O  O   . GLU A 1 11  ? 11.096  8.746   8.185   1.00 48.75  ? 50  GLU A O   1 
ATOM   70   C  CB  . GLU A 1 11  ? 10.810  7.832   11.463  1.00 52.08  ? 50  GLU A CB  1 
ATOM   71   C  CG  . GLU A 1 11  ? 12.227  7.368   11.116  1.00 66.50  ? 50  GLU A CG  1 
ATOM   72   C  CD  . GLU A 1 11  ? 13.229  8.486   10.869  1.00 66.77  ? 50  GLU A CD  1 
ATOM   73   O  OE1 . GLU A 1 11  ? 14.386  8.187   10.515  1.00 78.02  ? 50  GLU A OE1 1 
ATOM   74   O  OE2 . GLU A 1 11  ? 12.854  9.655   11.060  1.00 81.06  ? 50  GLU A OE2 1 
ATOM   75   N  N   . LEU A 1 12  ? 10.621  6.568   8.680   1.00 43.05  ? 51  LEU A N   1 
ATOM   76   C  CA  . LEU A 1 12  ? 11.355  5.946   7.549   1.00 47.35  ? 51  LEU A CA  1 
ATOM   77   C  C   . LEU A 1 12  ? 10.595  6.200   6.239   1.00 43.90  ? 51  LEU A C   1 
ATOM   78   O  O   . LEU A 1 12  ? 11.225  6.549   5.214   1.00 41.91  ? 51  LEU A O   1 
ATOM   79   C  CB  . LEU A 1 12  ? 11.504  4.442   7.793   1.00 47.51  ? 51  LEU A CB  1 
ATOM   80   C  CG  . LEU A 1 12  ? 12.324  3.732   6.707   1.00 51.89  ? 51  LEU A CG  1 
ATOM   81   C  CD1 . LEU A 1 12  ? 13.629  4.473   6.450   1.00 51.09  ? 51  LEU A CD1 1 
ATOM   82   C  CD2 . LEU A 1 12  ? 12.582  2.281   7.055   1.00 51.75  ? 51  LEU A CD2 1 
ATOM   83   N  N   . TRP A 1 13  ? 9.283   5.966   6.244   1.00 38.53  ? 52  TRP A N   1 
ATOM   84   C  CA  . TRP A 1 13  ? 8.424   6.275   5.078   1.00 35.33  ? 52  TRP A CA  1 
ATOM   85   C  C   . TRP A 1 13  ? 8.657   7.728   4.644   1.00 39.04  ? 52  TRP A C   1 
ATOM   86   O  O   . TRP A 1 13  ? 8.787   7.952   3.435   1.00 36.93  ? 52  TRP A O   1 
ATOM   87   C  CB  . TRP A 1 13  ? 6.951   6.031   5.380   1.00 31.73  ? 52  TRP A CB  1 
ATOM   88   C  CG  . TRP A 1 13  ? 6.525   4.606   5.312   1.00 29.28  ? 52  TRP A CG  1 
ATOM   89   C  CD1 . TRP A 1 13  ? 6.256   3.778   6.357   1.00 28.95  ? 52  TRP A CD1 1 
ATOM   90   C  CD2 . TRP A 1 13  ? 6.278   3.844   4.121   1.00 31.63  ? 52  TRP A CD2 1 
ATOM   91   N  NE1 . TRP A 1 13  ? 5.887   2.543   5.903   1.00 31.80  ? 52  TRP A NE1 1 
ATOM   92   C  CE2 . TRP A 1 13  ? 5.878   2.554   4.533   1.00 30.01  ? 52  TRP A CE2 1 
ATOM   93   C  CE3 . TRP A 1 13  ? 6.416   4.109   2.755   1.00 29.41  ? 52  TRP A CE3 1 
ATOM   94   C  CZ2 . TRP A 1 13  ? 5.525   1.558   3.626   1.00 31.19  ? 52  TRP A CZ2 1 
ATOM   95   C  CZ3 . TRP A 1 13  ? 6.073   3.123   1.856   1.00 32.46  ? 52  TRP A CZ3 1 
ATOM   96   C  CH2 . TRP A 1 13  ? 5.642   1.857   2.288   1.00 33.48  ? 52  TRP A CH2 1 
ATOM   97   N  N   . LEU A 1 14  ? 8.728   8.680   5.581   1.00 37.28  ? 53  LEU A N   1 
ATOM   98   C  CA  . LEU A 1 14  ? 8.894   10.119  5.208   1.00 42.36  ? 53  LEU A CA  1 
ATOM   99   C  C   . LEU A 1 14  ? 10.229  10.358  4.474   1.00 42.18  ? 53  LEU A C   1 
ATOM   100  O  O   . LEU A 1 14  ? 10.250  11.216  3.537   1.00 41.32  ? 53  LEU A O   1 
ATOM   101  C  CB  . LEU A 1 14  ? 8.745   11.004  6.453   1.00 45.24  ? 53  LEU A CB  1 
ATOM   102  C  CG  . LEU A 1 14  ? 7.362   11.633  6.674   1.00 53.98  ? 53  LEU A CG  1 
ATOM   103  C  CD1 . LEU A 1 14  ? 6.248   10.894  5.944   1.00 59.18  ? 53  LEU A CD1 1 
ATOM   104  C  CD2 . LEU A 1 14  ? 7.041   11.733  8.156   1.00 55.13  ? 53  LEU A CD2 1 
ATOM   105  N  N   . ARG A 1 15  ? 11.295  9.643   4.852   1.00 44.35  ? 54  ARG A N   1 
ATOM   106  C  CA  . ARG A 1 15  ? 12.598  9.698   4.143   1.00 48.82  ? 54  ARG A CA  1 
ATOM   107  C  C   . ARG A 1 15  ? 12.395  9.306   2.677   1.00 41.23  ? 54  ARG A C   1 
ATOM   108  O  O   . ARG A 1 15  ? 12.971  9.985   1.799   1.00 47.00  ? 54  ARG A O   1 
ATOM   109  C  CB  . ARG A 1 15  ? 13.634  8.752   4.756   1.00 60.20  ? 54  ARG A CB  1 
ATOM   110  C  CG  . ARG A 1 15  ? 13.761  8.846   6.270   1.00 70.23  ? 54  ARG A CG  1 
ATOM   111  C  CD  . ARG A 1 15  ? 14.892  9.733   6.726   1.00 72.01  ? 54  ARG A CD  1 
ATOM   112  N  NE  . ARG A 1 15  ? 16.191  9.153   6.426   1.00 72.36  ? 54  ARG A NE  1 
ATOM   113  C  CZ  . ARG A 1 15  ? 16.792  8.208   7.143   1.00 74.97  ? 54  ARG A CZ  1 
ATOM   114  N  NH1 . ARG A 1 15  ? 16.216  7.678   8.213   1.00 75.16  ? 54  ARG A NH1 1 
ATOM   115  N  NH2 . ARG A 1 15  ? 17.977  7.783   6.761   1.00 72.69  ? 54  ARG A NH2 1 
ATOM   116  N  N   . PHE A 1 16  ? 11.640  8.241   2.412   1.00 33.29  ? 55  PHE A N   1 
ATOM   117  C  CA  . PHE A 1 16  ? 11.362  7.753   1.032   1.00 36.70  ? 55  PHE A CA  1 
ATOM   118  C  C   . PHE A 1 16  ? 10.490  8.760   0.312   1.00 38.47  ? 55  PHE A C   1 
ATOM   119  O  O   . PHE A 1 16  ? 10.771  9.118   -0.852  1.00 35.41  ? 55  PHE A O   1 
ATOM   120  C  CB  . PHE A 1 16  ? 10.664  6.399   1.016   1.00 35.51  ? 55  PHE A CB  1 
ATOM   121  C  CG  . PHE A 1 16  ? 11.618  5.270   1.275   1.00 35.17  ? 55  PHE A CG  1 
ATOM   122  C  CD1 . PHE A 1 16  ? 12.356  4.731   0.231   1.00 36.03  ? 55  PHE A CD1 1 
ATOM   123  C  CD2 . PHE A 1 16  ? 11.849  4.815   2.559   1.00 34.29  ? 55  PHE A CD2 1 
ATOM   124  C  CE1 . PHE A 1 16  ? 13.260  3.708   0.471   1.00 38.39  ? 55  PHE A CE1 1 
ATOM   125  C  CE2 . PHE A 1 16  ? 12.738  3.781   2.799   1.00 36.09  ? 55  PHE A CE2 1 
ATOM   126  C  CZ  . PHE A 1 16  ? 13.447  3.238   1.757   1.00 36.76  ? 55  PHE A CZ  1 
ATOM   127  N  N   . LYS A 1 17  ? 9.426   9.201   0.994   1.00 37.18  ? 56  LYS A N   1 
ATOM   128  C  CA  . LYS A 1 17  ? 8.460   10.150  0.392   1.00 37.89  ? 56  LYS A CA  1 
ATOM   129  C  C   . LYS A 1 17  ? 9.194   11.427  0.012   1.00 36.71  ? 56  LYS A C   1 
ATOM   130  O  O   . LYS A 1 17  ? 8.887   11.922  -1.079  1.00 37.44  ? 56  LYS A O   1 
ATOM   131  C  CB  . LYS A 1 17  ? 7.243   10.454  1.277   1.00 38.35  ? 56  LYS A CB  1 
ATOM   132  C  CG  . LYS A 1 17  ? 6.317   11.475  0.636   1.00 40.28  ? 56  LYS A CG  1 
ATOM   133  C  CD  . LYS A 1 17  ? 4.864   11.288  0.862   1.00 46.80  ? 56  LYS A CD  1 
ATOM   134  C  CE  . LYS A 1 17  ? 4.082   12.434  0.270   1.00 43.37  ? 56  LYS A CE  1 
ATOM   135  N  NZ  . LYS A 1 17  ? 2.744   12.471  0.877   1.00 47.73  ? 56  LYS A NZ  1 
ATOM   136  N  N   . GLU A 1 18  ? 10.119  11.949  0.833   1.00 40.11  ? 57  GLU A N   1 
ATOM   137  C  CA  . GLU A 1 18  ? 10.765  13.248  0.479   1.00 42.45  ? 57  GLU A CA  1 
ATOM   138  C  C   . GLU A 1 18  ? 11.593  13.087  -0.813  1.00 39.75  ? 57  GLU A C   1 
ATOM   139  O  O   . GLU A 1 18  ? 11.772  14.102  -1.486  1.00 45.15  ? 57  GLU A O   1 
ATOM   140  C  CB  . GLU A 1 18  ? 11.472  13.933  1.651   1.00 52.69  ? 57  GLU A CB  1 
ATOM   141  C  CG  . GLU A 1 18  ? 12.608  13.189  2.314   1.00 64.37  ? 57  GLU A CG  1 
ATOM   142  C  CD  . GLU A 1 18  ? 12.971  13.707  3.711   1.00 78.74  ? 57  GLU A CD  1 
ATOM   143  O  OE1 . GLU A 1 18  ? 12.267  14.637  4.214   1.00 75.92  ? 57  GLU A OE1 1 
ATOM   144  O  OE2 . GLU A 1 18  ? 13.963  13.182  4.316   1.00 60.75  ? 57  GLU A OE2 1 
ATOM   145  N  N   . LEU A 1 19  ? 11.955  11.874  -1.252  1.00 40.91  ? 58  LEU A N   1 
ATOM   146  C  CA  . LEU A 1 19  ? 12.733  11.664  -2.523  1.00 44.26  ? 58  LEU A CA  1 
ATOM   147  C  C   . LEU A 1 19  ? 11.829  11.290  -3.690  1.00 40.69  ? 58  LEU A C   1 
ATOM   148  O  O   . LEU A 1 19  ? 12.361  11.038  -4.793  1.00 40.40  ? 58  LEU A O   1 
ATOM   149  C  CB  . LEU A 1 19  ? 13.759  10.545  -2.333  1.00 41.81  ? 58  LEU A CB  1 
ATOM   150  C  CG  . LEU A 1 19  ? 14.683  10.672  -1.122  1.00 43.88  ? 58  LEU A CG  1 
ATOM   151  C  CD1 . LEU A 1 19  ? 15.441  9.364   -0.909  1.00 50.13  ? 58  LEU A CD1 1 
ATOM   152  C  CD2 . LEU A 1 19  ? 15.657  11.837  -1.255  1.00 44.08  ? 58  LEU A CD2 1 
ATOM   153  N  N   . THR A 1 20  ? 10.523  11.160  -3.444  1.00 35.44  ? 59  THR A N   1 
ATOM   154  C  CA  . THR A 1 20  ? 9.556   10.448  -4.316  1.00 33.67  ? 59  THR A CA  1 
ATOM   155  C  C   . THR A 1 20  ? 9.816   8.936   -4.301  1.00 36.08  ? 59  THR A C   1 
ATOM   156  O  O   . THR A 1 20  ? 10.800  8.425   -4.917  1.00 33.85  ? 59  THR A O   1 
ATOM   157  C  CB  . THR A 1 20  ? 9.542   11.015  -5.739  1.00 35.68  ? 59  THR A CB  1 
ATOM   158  O  OG1 . THR A 1 20  ? 9.485   12.432  -5.693  1.00 39.12  ? 59  THR A OG1 1 
ATOM   159  C  CG2 . THR A 1 20  ? 8.388   10.506  -6.551  1.00 35.99  ? 59  THR A CG2 1 
ATOM   160  N  N   . ASN A 1 21  ? 8.931   8.192   -3.647  1.00 34.06  ? 60  ASN A N   1 
ATOM   161  C  CA  . ASN A 1 21  ? 9.150   6.752   -3.388  1.00 31.52  ? 60  ASN A CA  1 
ATOM   162  C  C   . ASN A 1 21  ? 8.864   6.005   -4.700  1.00 34.13  ? 60  ASN A C   1 
ATOM   163  O  O   . ASN A 1 21  ? 8.030   6.446   -5.521  1.00 32.44  ? 60  ASN A O   1 
ATOM   164  C  CB  . ASN A 1 21  ? 8.320   6.280   -2.187  1.00 30.87  ? 60  ASN A CB  1 
ATOM   165  C  CG  . ASN A 1 21  ? 8.784   4.965   -1.594  1.00 38.56  ? 60  ASN A CG  1 
ATOM   166  O  OD1 . ASN A 1 21  ? 9.721   4.327   -2.112  1.00 32.79  ? 60  ASN A OD1 1 
ATOM   167  N  ND2 . ASN A 1 21  ? 8.152   4.576   -0.491  1.00 31.54  ? 60  ASN A ND2 1 
ATOM   168  N  N   . GLU A 1 22  ? 9.502   4.870   -4.893  1.00 31.63  ? 61  GLU A N   1 
ATOM   169  C  CA  . GLU A 1 22  ? 9.238   4.010   -6.070  1.00 29.65  ? 61  GLU A CA  1 
ATOM   170  C  C   . GLU A 1 22  ? 9.070   2.595   -5.553  1.00 32.13  ? 61  GLU A C   1 
ATOM   171  O  O   . GLU A 1 22  ? 9.823   2.261   -4.606  1.00 36.18  ? 61  GLU A O   1 
ATOM   172  C  CB  . GLU A 1 22  ? 10.428  4.075   -7.051  1.00 34.44  ? 61  GLU A CB  1 
ATOM   173  C  CG  . GLU A 1 22  ? 10.874  5.456   -7.458  1.00 36.38  ? 61  GLU A CG  1 
ATOM   174  C  CD  . GLU A 1 22  ? 12.091  5.492   -8.387  1.00 34.85  ? 61  GLU A CD  1 
ATOM   175  O  OE1 . GLU A 1 22  ? 12.786  6.509   -8.395  1.00 35.85  ? 61  GLU A OE1 1 
ATOM   176  O  OE2 . GLU A 1 22  ? 12.288  4.511   -9.118  1.00 39.84  ? 61  GLU A OE2 1 
ATOM   177  N  N   . MET A 1 23  ? 8.167   1.803   -6.123  1.00 31.25  ? 62  MET A N   1 
ATOM   178  C  CA  . MET A 1 23  ? 8.008   0.377   -5.808  1.00 32.81  ? 62  MET A CA  1 
ATOM   179  C  C   . MET A 1 23  ? 8.130   -0.407  -7.106  1.00 35.79  ? 62  MET A C   1 
ATOM   180  O  O   . MET A 1 23  ? 7.505   -0.022  -8.110  1.00 33.33  ? 62  MET A O   1 
ATOM   181  C  CB  . MET A 1 23  ? 6.659   0.012   -5.173  1.00 34.11  ? 62  MET A CB  1 
ATOM   182  C  CG  . MET A 1 23  ? 6.506   0.561   -3.811  1.00 35.06  ? 62  MET A CG  1 
ATOM   183  S  SD  . MET A 1 23  ? 7.512   -0.265  -2.516  1.00 34.42  ? 62  MET A SD  1 
ATOM   184  C  CE  . MET A 1 23  ? 7.146   0.921   -1.228  1.00 35.56  ? 62  MET A CE  1 
ATOM   185  N  N   . ILE A 1 24  ? 8.910   -1.486  -7.074  1.00 33.06  ? 63  ILE A N   1 
ATOM   186  C  CA  . ILE A 1 24  ? 9.102   -2.322  -8.292  1.00 35.12  ? 63  ILE A CA  1 
ATOM   187  C  C   . ILE A 1 24  ? 7.889   -3.210  -8.490  1.00 35.66  ? 63  ILE A C   1 
ATOM   188  O  O   . ILE A 1 24  ? 7.414   -3.791  -7.501  1.00 39.42  ? 63  ILE A O   1 
ATOM   189  C  CB  . ILE A 1 24  ? 10.352  -3.201  -8.172  1.00 42.26  ? 63  ILE A CB  1 
ATOM   190  C  CG1 . ILE A 1 24  ? 11.586  -2.381  -7.813  1.00 47.08  ? 63  ILE A CG1 1 
ATOM   191  C  CG2 . ILE A 1 24  ? 10.490  -3.999  -9.468  1.00 43.55  ? 63  ILE A CG2 1 
ATOM   192  C  CD1 . ILE A 1 24  ? 12.366  -1.919  -8.988  1.00 47.09  ? 63  ILE A CD1 1 
ATOM   193  N  N   . VAL A 1 25  ? 7.434   -3.313  -9.733  1.00 37.99  ? 64  VAL A N   1 
ATOM   194  C  CA  . VAL A 1 25  ? 6.395   -4.281  -10.160 1.00 41.04  ? 64  VAL A CA  1 
ATOM   195  C  C   . VAL A 1 25  ? 7.049   -5.236  -11.168 1.00 45.06  ? 64  VAL A C   1 
ATOM   196  O  O   . VAL A 1 25  ? 7.893   -4.786  -11.904 1.00 46.45  ? 64  VAL A O   1 
ATOM   197  C  CB  . VAL A 1 25  ? 5.201   -3.519  -10.732 1.00 41.36  ? 64  VAL A CB  1 
ATOM   198  C  CG1 . VAL A 1 25  ? 4.681   -2.544  -9.690  1.00 42.73  ? 64  VAL A CG1 1 
ATOM   199  C  CG2 . VAL A 1 25  ? 5.550   -2.783  -12.015 1.00 43.53  ? 64  VAL A CG2 1 
ATOM   200  N  N   . THR A 1 26  ? 6.716   -6.517  -11.130 1.00 46.27  ? 65  THR A N   1 
ATOM   201  C  CA  . THR A 1 26  ? 7.320   -7.569  -11.996 1.00 51.51  ? 65  THR A CA  1 
ATOM   202  C  C   . THR A 1 26  ? 6.155   -8.404  -12.493 1.00 58.00  ? 65  THR A C   1 
ATOM   203  O  O   . THR A 1 26  ? 5.053   -8.237  -11.933 1.00 50.28  ? 65  THR A O   1 
ATOM   204  C  CB  . THR A 1 26  ? 8.333   -8.468  -11.266 1.00 43.00  ? 65  THR A CB  1 
ATOM   205  O  OG1 . THR A 1 26  ? 7.602   -9.240  -10.314 1.00 47.83  ? 65  THR A OG1 1 
ATOM   206  C  CG2 . THR A 1 26  ? 9.464   -7.702  -10.611 1.00 45.64  ? 65  THR A CG2 1 
ATOM   207  N  N   . LYS A 1 27  ? 6.374   -9.280  -13.469 1.00 55.31  ? 66  LYS A N   1 
ATOM   208  C  CA  . LYS A 1 27  ? 5.263   -10.092 -14.022 1.00 56.48  ? 66  LYS A CA  1 
ATOM   209  C  C   . LYS A 1 27  ? 4.769   -11.051 -12.937 1.00 52.57  ? 66  LYS A C   1 
ATOM   210  O  O   . LYS A 1 27  ? 3.549   -11.281 -12.878 1.00 54.39  ? 66  LYS A O   1 
ATOM   211  C  CB  . LYS A 1 27  ? 5.694   -10.845 -15.282 1.00 65.99  ? 66  LYS A CB  1 
ATOM   212  C  CG  . LYS A 1 27  ? 4.702   -11.893 -15.765 1.00 68.26  ? 66  LYS A CG  1 
ATOM   213  C  CD  . LYS A 1 27  ? 4.770   -12.128 -17.262 1.00 86.99  ? 66  LYS A CD  1 
ATOM   214  C  CE  . LYS A 1 27  ? 4.495   -13.568 -17.639 1.00 94.80  ? 66  LYS A CE  1 
ATOM   215  N  NZ  . LYS A 1 27  ? 5.642   -14.439 -17.284 1.00 100.20 ? 66  LYS A NZ  1 
ATOM   216  N  N   . ASN A 1 28  ? 5.677   -11.577 -12.109 1.00 55.89  ? 67  ASN A N   1 
ATOM   217  C  CA  . ASN A 1 28  ? 5.363   -12.606 -11.081 1.00 62.20  ? 67  ASN A CA  1 
ATOM   218  C  C   . ASN A 1 28  ? 4.946   -11.915 -9.777  1.00 59.14  ? 67  ASN A C   1 
ATOM   219  O  O   . ASN A 1 28  ? 4.247   -12.553 -8.949  1.00 47.44  ? 67  ASN A O   1 
ATOM   220  C  CB  . ASN A 1 28  ? 6.534   -13.574 -10.888 1.00 67.87  ? 67  ASN A CB  1 
ATOM   221  C  CG  . ASN A 1 28  ? 6.401   -14.845 -11.703 1.00 75.32  ? 67  ASN A CG  1 
ATOM   222  O  OD1 . ASN A 1 28  ? 5.868   -14.839 -12.815 1.00 64.83  ? 67  ASN A OD1 1 
ATOM   223  N  ND2 . ASN A 1 28  ? 6.880   -15.950 -11.149 1.00 83.10  ? 67  ASN A ND2 1 
ATOM   224  N  N   . GLY A 1 29  ? 5.356   -10.654 -9.608  1.00 57.98  ? 68  GLY A N   1 
ATOM   225  C  CA  . GLY A 1 29  ? 4.991   -9.826  -8.443  1.00 47.42  ? 68  GLY A CA  1 
ATOM   226  C  C   . GLY A 1 29  ? 6.157   -9.699  -7.502  1.00 48.11  ? 68  GLY A C   1 
ATOM   227  O  O   . GLY A 1 29  ? 6.915   -10.689 -7.360  1.00 53.75  ? 68  GLY A O   1 
ATOM   228  N  N   . ARG A 1 30  ? 6.306   -8.520  -6.910  1.00 38.59  ? 69  ARG A N   1 
ATOM   229  C  CA  . ARG A 1 30  ? 7.440   -8.122  -6.051  1.00 41.50  ? 69  ARG A CA  1 
ATOM   230  C  C   . ARG A 1 30  ? 6.882   -7.607  -4.735  1.00 41.61  ? 69  ARG A C   1 
ATOM   231  O  O   . ARG A 1 30  ? 5.942   -6.795  -4.775  1.00 37.26  ? 69  ARG A O   1 
ATOM   232  C  CB  . ARG A 1 30  ? 8.277   -7.044  -6.742  1.00 43.43  ? 69  ARG A CB  1 
ATOM   233  C  CG  . ARG A 1 30  ? 9.518   -6.630  -5.977  1.00 46.96  ? 69  ARG A CG  1 
ATOM   234  C  CD  . ARG A 1 30  ? 10.526  -7.775  -5.912  1.00 50.90  ? 69  ARG A CD  1 
ATOM   235  N  NE  . ARG A 1 30  ? 11.081  -8.105  -7.219  1.00 55.82  ? 69  ARG A NE  1 
ATOM   236  C  CZ  . ARG A 1 30  ? 12.085  -7.451  -7.802  1.00 58.34  ? 69  ARG A CZ  1 
ATOM   237  N  NH1 . ARG A 1 30  ? 12.529  -7.840  -8.986  1.00 63.22  ? 69  ARG A NH1 1 
ATOM   238  N  NH2 . ARG A 1 30  ? 12.649  -6.421  -7.200  1.00 55.00  ? 69  ARG A NH2 1 
ATOM   239  N  N   . ARG A 1 31  ? 7.446   -8.051  -3.617  1.00 37.47  ? 70  ARG A N   1 
ATOM   240  C  CA  . ARG A 1 31  ? 7.065   -7.538  -2.282  1.00 41.83  ? 70  ARG A CA  1 
ATOM   241  C  C   . ARG A 1 31  ? 7.604   -6.111  -2.120  1.00 36.40  ? 70  ARG A C   1 
ATOM   242  O  O   . ARG A 1 31  ? 8.572   -5.710  -2.813  1.00 36.62  ? 70  ARG A O   1 
ATOM   243  C  CB  . ARG A 1 31  ? 7.524   -8.479  -1.166  1.00 45.14  ? 70  ARG A CB  1 
ATOM   244  C  CG  . ARG A 1 31  ? 6.542   -9.616  -0.942  1.00 54.45  ? 70  ARG A CG  1 
ATOM   245  C  CD  . ARG A 1 31  ? 7.196   -10.971 -0.889  1.00 69.60  ? 70  ARG A CD  1 
ATOM   246  N  NE  . ARG A 1 31  ? 7.638   -11.380 0.435   1.00 77.90  ? 70  ARG A NE  1 
ATOM   247  C  CZ  . ARG A 1 31  ? 8.496   -12.381 0.660   1.00 87.98  ? 70  ARG A CZ  1 
ATOM   248  N  NH1 . ARG A 1 31  ? 9.027   -13.054 -0.355  1.00 89.67  ? 70  ARG A NH1 1 
ATOM   249  N  NH2 . ARG A 1 31  ? 8.824   -12.701 1.903   1.00 84.89  ? 70  ARG A NH2 1 
ATOM   250  N  N   . MET A 1 32  ? 6.879   -5.343  -1.314  1.00 35.77  ? 71  MET A N   1 
ATOM   251  C  CA  . MET A 1 32  ? 7.123   -3.925  -0.985  1.00 35.70  ? 71  MET A CA  1 
ATOM   252  C  C   . MET A 1 32  ? 8.215   -3.812  0.068   1.00 34.28  ? 71  MET A C   1 
ATOM   253  O  O   . MET A 1 32  ? 8.206   -4.600  1.046   1.00 35.18  ? 71  MET A O   1 
ATOM   254  C  CB  . MET A 1 32  ? 5.849   -3.300  -0.384  1.00 36.39  ? 71  MET A CB  1 
ATOM   255  C  CG  . MET A 1 32  ? 4.709   -3.210  -1.393  1.00 39.30  ? 71  MET A CG  1 
ATOM   256  S  SD  . MET A 1 32  ? 3.199   -2.513  -0.660  1.00 34.07  ? 71  MET A SD  1 
ATOM   257  C  CE  . MET A 1 32  ? 3.743   -0.861  -0.260  1.00 36.50  ? 71  MET A CE  1 
ATOM   258  N  N   . PHE A 1 33  ? 9.052   -2.797  -0.087  1.00 34.39  ? 72  PHE A N   1 
ATOM   259  C  CA  . PHE A 1 33  ? 9.937   -2.243  0.967   1.00 33.87  ? 72  PHE A CA  1 
ATOM   260  C  C   . PHE A 1 33  ? 9.900   -0.737  0.815   1.00 37.77  ? 72  PHE A C   1 
ATOM   261  O  O   . PHE A 1 33  ? 10.205  -0.233  -0.267  1.00 39.93  ? 72  PHE A O   1 
ATOM   262  C  CB  . PHE A 1 33  ? 11.413  -2.669  0.854   1.00 38.72  ? 72  PHE A CB  1 
ATOM   263  C  CG  . PHE A 1 33  ? 12.213  -2.195  2.046   1.00 36.29  ? 72  PHE A CG  1 
ATOM   264  C  CD1 . PHE A 1 33  ? 12.131  -2.875  3.254   1.00 39.57  ? 72  PHE A CD1 1 
ATOM   265  C  CD2 . PHE A 1 33  ? 12.873  -0.977  2.030   1.00 38.75  ? 72  PHE A CD2 1 
ATOM   266  C  CE1 . PHE A 1 33  ? 12.774  -2.388  4.387   1.00 37.90  ? 72  PHE A CE1 1 
ATOM   267  C  CE2 . PHE A 1 33  ? 13.530  -0.491  3.156   1.00 40.02  ? 72  PHE A CE2 1 
ATOM   268  C  CZ  . PHE A 1 33  ? 13.497  -1.217  4.330   1.00 39.47  ? 72  PHE A CZ  1 
ATOM   269  N  N   . PRO A 1 34  ? 9.610   0.019   1.881   1.00 35.65  ? 73  PRO A N   1 
ATOM   270  C  CA  . PRO A 1 34  ? 9.185   -0.542  3.165   1.00 37.36  ? 73  PRO A CA  1 
ATOM   271  C  C   . PRO A 1 34  ? 7.830   -1.264  3.108   1.00 34.37  ? 73  PRO A C   1 
ATOM   272  O  O   . PRO A 1 34  ? 7.076   -1.111  2.167   1.00 34.16  ? 73  PRO A O   1 
ATOM   273  C  CB  . PRO A 1 34  ? 9.130   0.663   4.106   1.00 41.61  ? 73  PRO A CB  1 
ATOM   274  C  CG  . PRO A 1 34  ? 9.938   1.731   3.413   1.00 40.56  ? 73  PRO A CG  1 
ATOM   275  C  CD  . PRO A 1 34  ? 9.782   1.473   1.934   1.00 39.27  ? 73  PRO A CD  1 
ATOM   276  N  N   . VAL A 1 35  ? 7.638   -2.158  4.060   1.00 36.32  ? 74  VAL A N   1 
ATOM   277  C  CA  . VAL A 1 35  ? 6.362   -2.867  4.313   1.00 34.26  ? 74  VAL A CA  1 
ATOM   278  C  C   . VAL A 1 35  ? 5.405   -1.899  5.015   1.00 32.30  ? 74  VAL A C   1 
ATOM   279  O  O   . VAL A 1 35  ? 5.824   -1.203  5.957   1.00 33.29  ? 74  VAL A O   1 
ATOM   280  C  CB  . VAL A 1 35  ? 6.595   -4.096  5.202   1.00 39.10  ? 74  VAL A CB  1 
ATOM   281  C  CG1 . VAL A 1 35  ? 5.278   -4.695  5.657   1.00 39.53  ? 74  VAL A CG1 1 
ATOM   282  C  CG2 . VAL A 1 35  ? 7.459   -5.129  4.499   1.00 42.12  ? 74  VAL A CG2 1 
ATOM   283  N  N   . LEU A 1 36  ? 4.157   -1.905  4.596   1.00 35.00  ? 75  LEU A N   1 
ATOM   284  C  CA  . LEU A 1 36  ? 3.094   -1.159  5.311   1.00 35.88  ? 75  LEU A CA  1 
ATOM   285  C  C   . LEU A 1 36  ? 2.779   -1.919  6.600   1.00 34.77  ? 75  LEU A C   1 
ATOM   286  O  O   . LEU A 1 36  ? 2.287   -3.085  6.536   1.00 31.14  ? 75  LEU A O   1 
ATOM   287  C  CB  . LEU A 1 36  ? 1.857   -1.027  4.428   1.00 38.36  ? 75  LEU A CB  1 
ATOM   288  C  CG  . LEU A 1 36  ? 0.711   -0.231  5.048   1.00 42.47  ? 75  LEU A CG  1 
ATOM   289  C  CD1 . LEU A 1 36  ? 1.093   1.219   5.248   1.00 44.51  ? 75  LEU A CD1 1 
ATOM   290  C  CD2 . LEU A 1 36  ? -0.524  -0.320  4.186   1.00 43.29  ? 75  LEU A CD2 1 
ATOM   291  N  N   . LYS A 1 37  ? 3.002   -1.270  7.734   1.00 33.96  ? 76  LYS A N   1 
ATOM   292  C  CA  . LYS A 1 37  ? 2.650   -1.820  9.077   1.00 36.78  ? 76  LYS A CA  1 
ATOM   293  C  C   . LYS A 1 37  ? 1.761   -0.796  9.778   1.00 39.21  ? 76  LYS A C   1 
ATOM   294  O  O   . LYS A 1 37  ? 2.142   0.407   9.780   1.00 38.74  ? 76  LYS A O   1 
ATOM   295  C  CB  . LYS A 1 37  ? 3.924   -2.065  9.887   1.00 43.97  ? 76  LYS A CB  1 
ATOM   296  C  CG  . LYS A 1 37  ? 4.894   -3.022  9.211   1.00 44.20  ? 76  LYS A CG  1 
ATOM   297  C  CD  . LYS A 1 37  ? 6.223   -3.116  9.897   1.00 51.04  ? 76  LYS A CD  1 
ATOM   298  C  CE  . LYS A 1 37  ? 7.161   -4.028  9.134   1.00 57.10  ? 76  LYS A CE  1 
ATOM   299  N  NZ  . LYS A 1 37  ? 8.213   -4.572  10.028  1.00 65.09  ? 76  LYS A NZ  1 
ATOM   300  N  N   . VAL A 1 38  ? 0.616   -1.227  10.313  1.00 41.59  ? 77  VAL A N   1 
ATOM   301  C  CA  . VAL A 1 38  ? -0.403  -0.284  10.848  1.00 43.88  ? 77  VAL A CA  1 
ATOM   302  C  C   . VAL A 1 38  ? -0.650  -0.598  12.326  1.00 43.35  ? 77  VAL A C   1 
ATOM   303  O  O   . VAL A 1 38  ? -0.794  -1.761  12.679  1.00 37.79  ? 77  VAL A O   1 
ATOM   304  C  CB  . VAL A 1 38  ? -1.698  -0.330  10.024  1.00 46.75  ? 77  VAL A CB  1 
ATOM   305  C  CG1 . VAL A 1 38  ? -1.412  -0.212  8.529   1.00 52.09  ? 77  VAL A CG1 1 
ATOM   306  C  CG2 . VAL A 1 38  ? -2.473  -1.582  10.296  1.00 54.57  ? 77  VAL A CG2 1 
ATOM   307  N  N   . ASN A 1 39  ? -0.721  0.445   13.131  1.00 42.52  ? 78  ASN A N   1 
ATOM   308  C  CA  . ASN A 1 39  ? -1.113  0.385   14.549  1.00 44.76  ? 78  ASN A CA  1 
ATOM   309  C  C   . ASN A 1 39  ? -2.623  0.590   14.579  1.00 40.77  ? 78  ASN A C   1 
ATOM   310  O  O   . ASN A 1 39  ? -3.122  1.514   13.910  1.00 40.63  ? 78  ASN A O   1 
ATOM   311  C  CB  . ASN A 1 39  ? -0.250  1.363   15.339  1.00 53.04  ? 78  ASN A CB  1 
ATOM   312  C  CG  . ASN A 1 39  ? 1.190   0.909   15.341  1.00 56.90  ? 78  ASN A CG  1 
ATOM   313  O  OD1 . ASN A 1 39  ? 1.469   -0.272  15.543  1.00 55.97  ? 78  ASN A OD1 1 
ATOM   314  N  ND2 . ASN A 1 39  ? 2.107   1.824   15.075  1.00 61.39  ? 78  ASN A ND2 1 
ATOM   315  N  N   . VAL A 1 40  ? -3.347  -0.323  15.217  1.00 40.44  ? 79  VAL A N   1 
ATOM   316  C  CA  . VAL A 1 40  ? -4.828  -0.228  15.310  1.00 43.54  ? 79  VAL A CA  1 
ATOM   317  C  C   . VAL A 1 40  ? -5.222  -0.343  16.780  1.00 45.93  ? 79  VAL A C   1 
ATOM   318  O  O   . VAL A 1 40  ? -4.759  -1.287  17.431  1.00 48.88  ? 79  VAL A O   1 
ATOM   319  C  CB  . VAL A 1 40  ? -5.492  -1.315  14.462  1.00 45.45  ? 79  VAL A CB  1 
ATOM   320  C  CG1 . VAL A 1 40  ? -6.985  -1.341  14.673  1.00 46.36  ? 79  VAL A CG1 1 
ATOM   321  C  CG2 . VAL A 1 40  ? -5.163  -1.120  12.981  1.00 46.10  ? 79  VAL A CG2 1 
ATOM   322  N  N   . SER A 1 41  ? -6.018  0.602   17.276  1.00 48.54  ? 80  SER A N   1 
ATOM   323  C  CA  . SER A 1 41  ? -6.660  0.517   18.613  1.00 46.27  ? 80  SER A CA  1 
ATOM   324  C  C   . SER A 1 41  ? -8.150  0.811   18.481  1.00 45.19  ? 80  SER A C   1 
ATOM   325  O  O   . SER A 1 41  ? -8.590  1.310   17.434  1.00 47.20  ? 80  SER A O   1 
ATOM   326  C  CB  . SER A 1 41  ? -5.987  1.419   19.622  1.00 50.39  ? 80  SER A CB  1 
ATOM   327  O  OG  . SER A 1 41  ? -5.965  2.778   19.212  1.00 50.86  ? 80  SER A OG  1 
ATOM   328  N  N   . GLY A 1 42  ? -8.919  0.471   19.511  1.00 50.69  ? 81  GLY A N   1 
ATOM   329  C  CA  . GLY A 1 42  ? -10.348 0.812   19.570  1.00 41.03  ? 81  GLY A CA  1 
ATOM   330  C  C   . GLY A 1 42  ? -11.213 -0.217  18.886  1.00 44.69  ? 81  GLY A C   1 
ATOM   331  O  O   . GLY A 1 42  ? -12.400 0.014   18.783  1.00 45.46  ? 81  GLY A O   1 
ATOM   332  N  N   . LEU A 1 43  ? -10.665 -1.349  18.438  1.00 45.82  ? 82  LEU A N   1 
ATOM   333  C  CA  . LEU A 1 43  ? -11.519 -2.474  17.978  1.00 44.04  ? 82  LEU A CA  1 
ATOM   334  C  C   . LEU A 1 43  ? -12.169 -3.123  19.214  1.00 45.47  ? 82  LEU A C   1 
ATOM   335  O  O   . LEU A 1 43  ? -11.597 -3.002  20.305  1.00 43.71  ? 82  LEU A O   1 
ATOM   336  C  CB  . LEU A 1 43  ? -10.671 -3.504  17.227  1.00 45.71  ? 82  LEU A CB  1 
ATOM   337  C  CG  . LEU A 1 43  ? -10.082 -3.033  15.889  1.00 47.70  ? 82  LEU A CG  1 
ATOM   338  C  CD1 . LEU A 1 43  ? -9.321  -4.171  15.222  1.00 48.90  ? 82  LEU A CD1 1 
ATOM   339  C  CD2 . LEU A 1 43  ? -11.172 -2.515  14.967  1.00 45.17  ? 82  LEU A CD2 1 
ATOM   340  N  N   . ASP A 1 44  ? -13.314 -3.778  19.029  1.00 47.65  ? 83  ASP A N   1 
ATOM   341  C  CA  . ASP A 1 44  ? -13.898 -4.725  20.014  1.00 48.30  ? 83  ASP A CA  1 
ATOM   342  C  C   . ASP A 1 44  ? -13.035 -5.986  20.027  1.00 49.37  ? 83  ASP A C   1 
ATOM   343  O  O   . ASP A 1 44  ? -12.992 -6.715  19.038  1.00 49.89  ? 83  ASP A O   1 
ATOM   344  C  CB  . ASP A 1 44  ? -15.353 -5.002  19.658  1.00 54.49  ? 83  ASP A CB  1 
ATOM   345  C  CG  . ASP A 1 44  ? -16.094 -5.856  20.675  1.00 56.81  ? 83  ASP A CG  1 
ATOM   346  O  OD1 . ASP A 1 44  ? -15.480 -6.770  21.262  1.00 57.37  ? 83  ASP A OD1 1 
ATOM   347  O  OD2 . ASP A 1 44  ? -17.274 -5.600  20.848  1.00 59.23  ? 83  ASP A OD2 1 
ATOM   348  N  N   . PRO A 1 45  ? -12.274 -6.251  21.114  1.00 46.74  ? 84  PRO A N   1 
ATOM   349  C  CA  . PRO A 1 45  ? -11.375 -7.398  21.164  1.00 46.49  ? 84  PRO A CA  1 
ATOM   350  C  C   . PRO A 1 45  ? -12.056 -8.692  20.706  1.00 48.31  ? 84  PRO A C   1 
ATOM   351  O  O   . PRO A 1 45  ? -11.390 -9.550  20.155  1.00 48.83  ? 84  PRO A O   1 
ATOM   352  C  CB  . PRO A 1 45  ? -10.975 -7.503  22.648  1.00 50.95  ? 84  PRO A CB  1 
ATOM   353  C  CG  . PRO A 1 45  ? -11.211 -6.126  23.236  1.00 47.31  ? 84  PRO A CG  1 
ATOM   354  C  CD  . PRO A 1 45  ? -12.236 -5.447  22.351  1.00 49.81  ? 84  PRO A CD  1 
ATOM   355  N  N   . ASN A 1 46  ? -13.375 -8.765  20.886  1.00 52.86  ? 85  ASN A N   1 
ATOM   356  C  CA  . ASN A 1 46  ? -14.192 -9.993  20.727  1.00 51.96  ? 85  ASN A CA  1 
ATOM   357  C  C   . ASN A 1 46  ? -14.911 -10.010 19.381  1.00 49.25  ? 85  ASN A C   1 
ATOM   358  O  O   . ASN A 1 46  ? -15.484 -11.072 19.044  1.00 53.06  ? 85  ASN A O   1 
ATOM   359  C  CB  . ASN A 1 46  ? -15.154 -10.121 21.906  1.00 54.79  ? 85  ASN A CB  1 
ATOM   360  C  CG  . ASN A 1 46  ? -14.370 -10.476 23.144  1.00 56.41  ? 85  ASN A CG  1 
ATOM   361  O  OD1 . ASN A 1 46  ? -13.728 -11.521 23.163  1.00 61.61  ? 85  ASN A OD1 1 
ATOM   362  N  ND2 . ASN A 1 46  ? -14.358 -9.595  24.132  1.00 62.38  ? 85  ASN A ND2 1 
ATOM   363  N  N   . ALA A 1 47  ? -14.885 -8.897  18.639  1.00 47.95  ? 86  ALA A N   1 
ATOM   364  C  CA  . ALA A 1 47  ? -15.503 -8.783  17.301  1.00 43.17  ? 86  ALA A CA  1 
ATOM   365  C  C   . ALA A 1 47  ? -14.542 -9.364  16.264  1.00 37.77  ? 86  ALA A C   1 
ATOM   366  O  O   . ALA A 1 47  ? -13.349 -9.527  16.538  1.00 44.04  ? 86  ALA A O   1 
ATOM   367  C  CB  . ALA A 1 47  ? -15.886 -7.358  16.962  1.00 43.27  ? 86  ALA A CB  1 
ATOM   368  N  N   . MET A 1 48  ? -15.090 -9.704  15.113  1.00 44.56  ? 87  MET A N   1 
ATOM   369  C  CA  . MET A 1 48  ? -14.363 -10.367 14.008  1.00 40.49  ? 87  MET A CA  1 
ATOM   370  C  C   . MET A 1 48  ? -14.128 -9.320  12.906  1.00 38.26  ? 87  MET A C   1 
ATOM   371  O  O   . MET A 1 48  ? -15.066 -8.589  12.622  1.00 39.30  ? 87  MET A O   1 
ATOM   372  C  CB  . MET A 1 48  ? -15.217 -11.518 13.490  1.00 45.37  ? 87  MET A CB  1 
ATOM   373  C  CG  . MET A 1 48  ? -15.635 -12.499 14.600  1.00 57.93  ? 87  MET A CG  1 
ATOM   374  S  SD  . MET A 1 48  ? -14.865 -14.108 14.400  1.00 62.62  ? 87  MET A SD  1 
ATOM   375  C  CE  . MET A 1 48  ? -13.297 -13.547 13.738  1.00 49.68  ? 87  MET A CE  1 
ATOM   376  N  N   . TYR A 1 49  ? -12.909 -9.245  12.359  1.00 37.98  ? 88  TYR A N   1 
ATOM   377  C  CA  . TYR A 1 49  ? -12.508 -8.241  11.344  1.00 37.60  ? 88  TYR A CA  1 
ATOM   378  C  C   . TYR A 1 49  ? -11.637 -8.902  10.267  1.00 38.53  ? 88  TYR A C   1 
ATOM   379  O  O   . TYR A 1 49  ? -10.902 -9.852  10.566  1.00 37.32  ? 88  TYR A O   1 
ATOM   380  C  CB  . TYR A 1 49  ? -11.717 -7.102  11.979  1.00 35.71  ? 88  TYR A CB  1 
ATOM   381  C  CG  . TYR A 1 49  ? -12.421 -6.355  13.083  1.00 40.37  ? 88  TYR A CG  1 
ATOM   382  C  CD1 . TYR A 1 49  ? -13.180 -5.221  12.828  1.00 42.77  ? 88  TYR A CD1 1 
ATOM   383  C  CD2 . TYR A 1 49  ? -12.321 -6.778  14.398  1.00 41.06  ? 88  TYR A CD2 1 
ATOM   384  C  CE1 . TYR A 1 49  ? -13.835 -4.543  13.843  1.00 43.79  ? 88  TYR A CE1 1 
ATOM   385  C  CE2 . TYR A 1 49  ? -12.981 -6.119  15.426  1.00 44.25  ? 88  TYR A CE2 1 
ATOM   386  C  CZ  . TYR A 1 49  ? -13.743 -4.996  15.153  1.00 43.45  ? 88  TYR A CZ  1 
ATOM   387  O  OH  . TYR A 1 49  ? -14.352 -4.333  16.180  1.00 43.19  ? 88  TYR A OH  1 
ATOM   388  N  N   . SER A 1 50  ? -11.759 -8.432  9.026   1.00 34.13  ? 89  SER A N   1 
ATOM   389  C  CA  . SER A 1 50  ? -10.786 -8.668  7.939   1.00 33.00  ? 89  SER A CA  1 
ATOM   390  C  C   . SER A 1 50  ? -10.078 -7.354  7.598   1.00 38.34  ? 89  SER A C   1 
ATOM   391  O  O   . SER A 1 50  ? -10.734 -6.292  7.702   1.00 33.91  ? 89  SER A O   1 
ATOM   392  C  CB  . SER A 1 50  ? -11.447 -9.270  6.773   1.00 33.69  ? 89  SER A CB  1 
ATOM   393  O  OG  . SER A 1 50  ? -12.007 -10.502 7.156   1.00 37.55  ? 89  SER A OG  1 
ATOM   394  N  N   . PHE A 1 51  ? -8.769  -7.420  7.358   1.00 33.14  ? 90  PHE A N   1 
ATOM   395  C  CA  . PHE A 1 51  ? -7.944  -6.255  6.967   1.00 33.88  ? 90  PHE A CA  1 
ATOM   396  C  C   . PHE A 1 51  ? -7.621  -6.388  5.492   1.00 38.09  ? 90  PHE A C   1 
ATOM   397  O  O   . PHE A 1 51  ? -7.059  -7.442  5.030   1.00 34.13  ? 90  PHE A O   1 
ATOM   398  C  CB  . PHE A 1 51  ? -6.672  -6.127  7.777   1.00 32.56  ? 90  PHE A CB  1 
ATOM   399  C  CG  . PHE A 1 51  ? -6.857  -5.400  9.073   1.00 31.62  ? 90  PHE A CG  1 
ATOM   400  C  CD1 . PHE A 1 51  ? -6.166  -4.234  9.318   1.00 38.02  ? 90  PHE A CD1 1 
ATOM   401  C  CD2 . PHE A 1 51  ? -7.718  -5.880  10.040  1.00 34.65  ? 90  PHE A CD2 1 
ATOM   402  C  CE1 . PHE A 1 51  ? -6.285  -3.601  10.539  1.00 35.90  ? 90  PHE A CE1 1 
ATOM   403  C  CE2 . PHE A 1 51  ? -7.851  -5.234  11.250  1.00 38.78  ? 90  PHE A CE2 1 
ATOM   404  C  CZ  . PHE A 1 51  ? -7.150  -4.083  11.486  1.00 35.48  ? 90  PHE A CZ  1 
ATOM   405  N  N   . LEU A 1 52  ? -8.009  -5.346  4.761   1.00 34.88  ? 91  LEU A N   1 
ATOM   406  C  CA  . LEU A 1 52  ? -7.908  -5.288  3.282   1.00 30.35  ? 91  LEU A CA  1 
ATOM   407  C  C   . LEU A 1 52  ? -6.958  -4.157  2.914   1.00 35.47  ? 91  LEU A C   1 
ATOM   408  O  O   . LEU A 1 52  ? -6.988  -3.106  3.574   1.00 31.55  ? 91  LEU A O   1 
ATOM   409  C  CB  . LEU A 1 52  ? -9.285  -5.010  2.701   1.00 35.79  ? 91  LEU A CB  1 
ATOM   410  C  CG  . LEU A 1 52  ? -10.163 -6.223  2.430   1.00 39.24  ? 91  LEU A CG  1 
ATOM   411  C  CD1 . LEU A 1 52  ? -10.320 -7.061  3.664   1.00 43.16  ? 91  LEU A CD1 1 
ATOM   412  C  CD2 . LEU A 1 52  ? -11.518 -5.781  1.874   1.00 38.35  ? 91  LEU A CD2 1 
ATOM   413  N  N   . LEU A 1 53  ? -6.219  -4.335  1.831   1.00 31.35  ? 92  LEU A N   1 
ATOM   414  C  CA  . LEU A 1 53  ? -5.277  -3.326  1.337   1.00 30.14  ? 92  LEU A CA  1 
ATOM   415  C  C   . LEU A 1 53  ? -5.603  -3.086  -0.134  1.00 29.60  ? 92  LEU A C   1 
ATOM   416  O  O   . LEU A 1 53  ? -5.756  -4.057  -0.899  1.00 32.12  ? 92  LEU A O   1 
ATOM   417  C  CB  . LEU A 1 53  ? -3.855  -3.836  1.544   1.00 31.77  ? 92  LEU A CB  1 
ATOM   418  C  CG  . LEU A 1 53  ? -2.771  -3.038  0.829   1.00 31.22  ? 92  LEU A CG  1 
ATOM   419  C  CD1 . LEU A 1 53  ? -2.658  -1.642  1.388   1.00 32.63  ? 92  LEU A CD1 1 
ATOM   420  C  CD2 . LEU A 1 53  ? -1.419  -3.738  0.939   1.00 32.60  ? 92  LEU A CD2 1 
ATOM   421  N  N   . ASP A 1 54  ? -5.722  -1.822  -0.531  1.00 30.28  ? 93  ASP A N   1 
ATOM   422  C  CA  . ASP A 1 54  ? -5.768  -1.482  -1.978  1.00 28.25  ? 93  ASP A CA  1 
ATOM   423  C  C   . ASP A 1 54  ? -4.912  -0.243  -2.227  1.00 27.11  ? 93  ASP A C   1 
ATOM   424  O  O   . ASP A 1 54  ? -4.252  0.270   -1.313  1.00 31.03  ? 93  ASP A O   1 
ATOM   425  C  CB  . ASP A 1 54  ? -7.204  -1.382  -2.495  1.00 31.09  ? 93  ASP A CB  1 
ATOM   426  C  CG  . ASP A 1 54  ? -8.062  -0.303  -1.846  1.00 31.98  ? 93  ASP A CG  1 
ATOM   427  O  OD1 . ASP A 1 54  ? -7.517  0.590   -1.157  1.00 31.55  ? 93  ASP A OD1 1 
ATOM   428  O  OD2 . ASP A 1 54  ? -9.283  -0.380  -2.059  1.00 34.51  ? 93  ASP A OD2 1 
ATOM   429  N  N   . PHE A 1 55  ? -4.804  0.107   -3.488  1.00 30.81  ? 94  PHE A N   1 
ATOM   430  C  CA  . PHE A 1 55  ? -3.896  1.168   -3.964  1.00 29.45  ? 94  PHE A CA  1 
ATOM   431  C  C   . PHE A 1 55  ? -4.753  2.132   -4.779  1.00 29.05  ? 94  PHE A C   1 
ATOM   432  O  O   . PHE A 1 55  ? -5.237  1.745   -5.813  1.00 32.46  ? 94  PHE A O   1 
ATOM   433  C  CB  . PHE A 1 55  ? -2.740  0.564   -4.757  1.00 27.33  ? 94  PHE A CB  1 
ATOM   434  C  CG  . PHE A 1 55  ? -1.901  -0.367  -3.917  1.00 27.29  ? 94  PHE A CG  1 
ATOM   435  C  CD1 . PHE A 1 55  ? -0.865  0.137   -3.159  1.00 29.21  ? 94  PHE A CD1 1 
ATOM   436  C  CD2 . PHE A 1 55  ? -2.249  -1.693  -3.753  1.00 30.91  ? 94  PHE A CD2 1 
ATOM   437  C  CE1 . PHE A 1 55  ? -0.101  -0.693  -2.353  1.00 29.56  ? 94  PHE A CE1 1 
ATOM   438  C  CE2 . PHE A 1 55  ? -1.486  -2.526  -2.943  1.00 30.61  ? 94  PHE A CE2 1 
ATOM   439  C  CZ  . PHE A 1 55  ? -0.434  -2.013  -2.219  1.00 29.94  ? 94  PHE A CZ  1 
ATOM   440  N  N   . VAL A 1 56  ? -4.866  3.371   -4.328  1.00 30.17  ? 95  VAL A N   1 
ATOM   441  C  CA  . VAL A 1 56  ? -5.652  4.387   -5.098  1.00 31.58  ? 95  VAL A CA  1 
ATOM   442  C  C   . VAL A 1 56  ? -4.684  5.061   -6.052  1.00 27.14  ? 95  VAL A C   1 
ATOM   443  O  O   . VAL A 1 56  ? -3.675  5.577   -5.543  1.00 28.84  ? 95  VAL A O   1 
ATOM   444  C  CB  . VAL A 1 56  ? -6.249  5.428   -4.135  1.00 29.97  ? 95  VAL A CB  1 
ATOM   445  C  CG1 . VAL A 1 56  ? -6.973  6.527   -4.927  1.00 28.70  ? 95  VAL A CG1 1 
ATOM   446  C  CG2 . VAL A 1 56  ? -7.172  4.766   -3.127  1.00 36.12  ? 95  VAL A CG2 1 
ATOM   447  N  N   . ALA A 1 57  ? -5.045  5.232   -7.318  1.00 30.18  ? 96  ALA A N   1 
ATOM   448  C  CA  . ALA A 1 57  ? -4.282  6.067   -8.267  1.00 30.98  ? 96  ALA A CA  1 
ATOM   449  C  C   . ALA A 1 57  ? -4.399  7.506   -7.792  1.00 29.47  ? 96  ALA A C   1 
ATOM   450  O  O   . ALA A 1 57  ? -5.538  7.987   -7.743  1.00 30.03  ? 96  ALA A O   1 
ATOM   451  C  CB  . ALA A 1 57  ? -4.802  5.863   -9.689  1.00 34.48  ? 96  ALA A CB  1 
ATOM   452  N  N   . ALA A 1 58  ? -3.301  8.121   -7.339  1.00 30.88  ? 97  ALA A N   1 
ATOM   453  C  CA  . ALA A 1 58  ? -3.296  9.442   -6.674  1.00 28.41  ? 97  ALA A CA  1 
ATOM   454  C  C   . ALA A 1 58  ? -3.652  10.535  -7.701  1.00 32.83  ? 97  ALA A C   1 
ATOM   455  O  O   . ALA A 1 58  ? -4.180  11.612  -7.321  1.00 32.03  ? 97  ALA A O   1 
ATOM   456  C  CB  . ALA A 1 58  ? -1.989  9.742   -6.000  1.00 30.95  ? 97  ALA A CB  1 
ATOM   457  N  N   . ASP A 1 59  ? -3.380  10.270  -8.964  1.00 31.33  ? 98  ASP A N   1 
ATOM   458  C  CA  . ASP A 1 59  ? -3.727  11.194  -10.066 1.00 34.28  ? 98  ASP A CA  1 
ATOM   459  C  C   . ASP A 1 59  ? -3.918  10.330  -11.286 1.00 35.74  ? 98  ASP A C   1 
ATOM   460  O  O   . ASP A 1 59  ? -3.701  9.118   -11.213 1.00 36.36  ? 98  ASP A O   1 
ATOM   461  C  CB  . ASP A 1 59  ? -2.679  12.293  -10.212 1.00 33.86  ? 98  ASP A CB  1 
ATOM   462  C  CG  . ASP A 1 59  ? -1.302  11.711  -10.549 1.00 38.58  ? 98  ASP A CG  1 
ATOM   463  O  OD1 . ASP A 1 59  ? -1.186  11.073  -11.609 1.00 37.82  ? 98  ASP A OD1 1 
ATOM   464  O  OD2 . ASP A 1 59  ? -0.407  11.874  -9.741  1.00 36.95  ? 98  ASP A OD2 1 
ATOM   465  N  N   . ASN A 1 60  ? -4.362  10.951  -12.353 1.00 36.53  ? 99  ASN A N   1 
ATOM   466  C  CA  . ASN A 1 60  ? -4.784  10.232  -13.555 1.00 36.36  ? 99  ASN A CA  1 
ATOM   467  C  C   . ASN A 1 60  ? -3.670  10.231  -14.604 1.00 39.09  ? 99  ASN A C   1 
ATOM   468  O  O   . ASN A 1 60  ? -3.984  9.896   -15.752 1.00 40.89  ? 99  ASN A O   1 
ATOM   469  C  CB  . ASN A 1 60  ? -6.039  10.904  -14.102 1.00 42.23  ? 99  ASN A CB  1 
ATOM   470  C  CG  . ASN A 1 60  ? -7.245  10.620  -13.248 1.00 42.72  ? 99  ASN A CG  1 
ATOM   471  O  OD1 . ASN A 1 60  ? -8.133  11.453  -13.191 1.00 50.25  ? 99  ASN A OD1 1 
ATOM   472  N  ND2 . ASN A 1 60  ? -7.281  9.471   -12.605 1.00 37.25  ? 99  ASN A ND2 1 
ATOM   473  N  N   . HIS A 1 61  ? -2.420  10.495  -14.227 1.00 38.45  ? 100 HIS A N   1 
ATOM   474  C  CA  . HIS A 1 61  ? -1.330  10.705  -15.207 1.00 37.76  ? 100 HIS A CA  1 
ATOM   475  C  C   . HIS A 1 61  ? -0.264  9.589   -15.198 1.00 44.89  ? 100 HIS A C   1 
ATOM   476  O  O   . HIS A 1 61  ? -0.072  8.864   -14.169 1.00 37.88  ? 100 HIS A O   1 
ATOM   477  C  CB  . HIS A 1 61  ? -0.682  12.054  -14.939 1.00 36.40  ? 100 HIS A CB  1 
ATOM   478  C  CG  . HIS A 1 61  ? -1.572  13.229  -15.159 1.00 43.48  ? 100 HIS A CG  1 
ATOM   479  N  ND1 . HIS A 1 61  ? -1.393  14.094  -16.246 1.00 44.79  ? 100 HIS A ND1 1 
ATOM   480  C  CD2 . HIS A 1 61  ? -2.607  13.719  -14.434 1.00 41.70  ? 100 HIS A CD2 1 
ATOM   481  C  CE1 . HIS A 1 61  ? -2.287  15.066  -16.167 1.00 50.95  ? 100 HIS A CE1 1 
ATOM   482  N  NE2 . HIS A 1 61  ? -3.061  14.841  -15.075 1.00 49.08  ? 100 HIS A NE2 1 
ATOM   483  N  N   . ARG A 1 62  ? 0.454   9.522   -16.319 1.00 46.70  ? 101 ARG A N   1 
ATOM   484  C  CA  . ARG A 1 62  ? 1.680   8.715   -16.517 1.00 44.80  ? 101 ARG A CA  1 
ATOM   485  C  C   . ARG A 1 62  ? 2.876   9.614   -16.157 1.00 41.70  ? 101 ARG A C   1 
ATOM   486  O  O   . ARG A 1 62  ? 2.933   10.798  -16.597 1.00 46.63  ? 101 ARG A O   1 
ATOM   487  C  CB  . ARG A 1 62  ? 1.648   8.179   -17.955 1.00 57.22  ? 101 ARG A CB  1 
ATOM   488  C  CG  . ARG A 1 62  ? 2.997   7.800   -18.560 1.00 64.80  ? 101 ARG A CG  1 
ATOM   489  C  CD  . ARG A 1 62  ? 2.853   6.973   -19.833 1.00 68.55  ? 101 ARG A CD  1 
ATOM   490  N  NE  . ARG A 1 62  ? 2.138   5.752   -19.495 1.00 78.20  ? 101 ARG A NE  1 
ATOM   491  C  CZ  . ARG A 1 62  ? 2.694   4.647   -19.007 1.00 85.12  ? 101 ARG A CZ  1 
ATOM   492  N  NH1 . ARG A 1 62  ? 4.003   4.567   -18.840 1.00 83.34  ? 101 ARG A NH1 1 
ATOM   493  N  NH2 . ARG A 1 62  ? 1.936   3.607   -18.703 1.00 92.54  ? 101 ARG A NH2 1 
ATOM   494  N  N   . TRP A 1 63  ? 3.756   9.117   -15.294 1.00 40.29  ? 102 TRP A N   1 
ATOM   495  C  CA  . TRP A 1 63  ? 4.927   9.863   -14.776 1.00 34.90  ? 102 TRP A CA  1 
ATOM   496  C  C   . TRP A 1 63  ? 6.198   9.342   -15.474 1.00 41.96  ? 102 TRP A C   1 
ATOM   497  O  O   . TRP A 1 63  ? 6.261   8.159   -15.764 1.00 45.59  ? 102 TRP A O   1 
ATOM   498  C  CB  . TRP A 1 63  ? 5.013   9.708   -13.251 1.00 37.63  ? 102 TRP A CB  1 
ATOM   499  C  CG  . TRP A 1 63  ? 3.906   10.404  -12.514 1.00 36.06  ? 102 TRP A CG  1 
ATOM   500  C  CD1 . TRP A 1 63  ? 2.600   10.007  -12.405 1.00 35.40  ? 102 TRP A CD1 1 
ATOM   501  C  CD2 . TRP A 1 63  ? 4.010   11.645  -11.816 1.00 35.16  ? 102 TRP A CD2 1 
ATOM   502  N  NE1 . TRP A 1 63  ? 1.898   10.907  -11.645 1.00 35.28  ? 102 TRP A NE1 1 
ATOM   503  C  CE2 . TRP A 1 63  ? 2.730   11.924  -11.279 1.00 34.16  ? 102 TRP A CE2 1 
ATOM   504  C  CE3 . TRP A 1 63  ? 5.059   12.530  -11.570 1.00 33.71  ? 102 TRP A CE3 1 
ATOM   505  C  CZ2 . TRP A 1 63  ? 2.489   13.047  -10.510 1.00 34.88  ? 102 TRP A CZ2 1 
ATOM   506  C  CZ3 . TRP A 1 63  ? 4.820   13.640  -10.798 1.00 37.47  ? 102 TRP A CZ3 1 
ATOM   507  C  CH2 . TRP A 1 63  ? 3.545   13.899  -10.287 1.00 36.73  ? 102 TRP A CH2 1 
ATOM   508  N  N   . LYS A 1 64  ? 7.187   10.197  -15.692 1.00 42.78  ? 103 LYS A N   1 
ATOM   509  C  CA  . LYS A 1 64  ? 8.461   9.842   -16.371 1.00 48.45  ? 103 LYS A CA  1 
ATOM   510  C  C   . LYS A 1 64  ? 9.579   10.562  -15.618 1.00 44.36  ? 103 LYS A C   1 
ATOM   511  O  O   . LYS A 1 64  ? 9.340   11.669  -15.122 1.00 42.42  ? 103 LYS A O   1 
ATOM   512  C  CB  . LYS A 1 64  ? 8.381   10.178  -17.865 1.00 57.99  ? 103 LYS A CB  1 
ATOM   513  C  CG  . LYS A 1 64  ? 7.277   11.159  -18.249 1.00 73.42  ? 103 LYS A CG  1 
ATOM   514  C  CD  . LYS A 1 64  ? 7.606   12.054  -19.435 1.00 82.07  ? 103 LYS A CD  1 
ATOM   515  C  CE  . LYS A 1 64  ? 6.754   13.308  -19.481 1.00 83.03  ? 103 LYS A CE  1 
ATOM   516  N  NZ  . LYS A 1 64  ? 7.384   14.369  -20.303 1.00 83.08  ? 103 LYS A NZ  1 
ATOM   517  N  N   . TYR A 1 65  ? 10.725  9.905   -15.447 1.00 46.11  ? 104 TYR A N   1 
ATOM   518  C  CA  . TYR A 1 65  ? 11.896  10.458  -14.724 1.00 43.93  ? 104 TYR A CA  1 
ATOM   519  C  C   . TYR A 1 65  ? 12.719  11.157  -15.815 1.00 46.15  ? 104 TYR A C   1 
ATOM   520  O  O   . TYR A 1 65  ? 13.293  10.471  -16.646 1.00 49.23  ? 104 TYR A O   1 
ATOM   521  C  CB  . TYR A 1 65  ? 12.615  9.362   -13.926 1.00 42.04  ? 104 TYR A CB  1 
ATOM   522  C  CG  . TYR A 1 65  ? 13.607  9.840   -12.886 1.00 40.82  ? 104 TYR A CG  1 
ATOM   523  C  CD1 . TYR A 1 65  ? 13.205  10.482  -11.735 1.00 42.92  ? 104 TYR A CD1 1 
ATOM   524  C  CD2 . TYR A 1 65  ? 14.974  9.610   -13.028 1.00 46.95  ? 104 TYR A CD2 1 
ATOM   525  C  CE1 . TYR A 1 65  ? 14.111  10.907  -10.772 1.00 47.22  ? 104 TYR A CE1 1 
ATOM   526  C  CE2 . TYR A 1 65  ? 15.889  10.019  -12.061 1.00 42.70  ? 104 TYR A CE2 1 
ATOM   527  C  CZ  . TYR A 1 65  ? 15.466  10.662  -10.925 1.00 44.34  ? 104 TYR A CZ  1 
ATOM   528  O  OH  . TYR A 1 65  ? 16.356  11.081  -9.964  1.00 46.36  ? 104 TYR A OH  1 
ATOM   529  N  N   . VAL A 1 66  ? 12.595  12.475  -15.892 1.00 49.75  ? 105 VAL A N   1 
ATOM   530  C  CA  . VAL A 1 66  ? 13.196  13.339  -16.953 1.00 56.96  ? 105 VAL A CA  1 
ATOM   531  C  C   . VAL A 1 66  ? 14.286  14.156  -16.276 1.00 51.94  ? 105 VAL A C   1 
ATOM   532  O  O   . VAL A 1 66  ? 13.940  14.964  -15.366 1.00 52.28  ? 105 VAL A O   1 
ATOM   533  C  CB  . VAL A 1 66  ? 12.143  14.252  -17.617 1.00 56.08  ? 105 VAL A CB  1 
ATOM   534  C  CG1 . VAL A 1 66  ? 12.775  15.276  -18.549 1.00 59.46  ? 105 VAL A CG1 1 
ATOM   535  C  CG2 . VAL A 1 66  ? 11.098  13.437  -18.358 1.00 56.09  ? 105 VAL A CG2 1 
ATOM   536  N  N   . ASN A 1 67  ? 15.540  13.927  -16.679 1.00 57.39  ? 106 ASN A N   1 
ATOM   537  C  CA  . ASN A 1 67  ? 16.725  14.662  -16.173 1.00 62.26  ? 106 ASN A CA  1 
ATOM   538  C  C   . ASN A 1 67  ? 16.617  14.785  -14.663 1.00 56.16  ? 106 ASN A C   1 
ATOM   539  O  O   . ASN A 1 67  ? 16.435  15.911  -14.209 1.00 51.94  ? 106 ASN A O   1 
ATOM   540  C  CB  . ASN A 1 67  ? 16.831  16.068  -16.773 1.00 73.32  ? 106 ASN A CB  1 
ATOM   541  C  CG  . ASN A 1 67  ? 17.009  16.039  -18.272 1.00 74.73  ? 106 ASN A CG  1 
ATOM   542  O  OD1 . ASN A 1 67  ? 17.851  15.303  -18.780 1.00 78.65  ? 106 ASN A OD1 1 
ATOM   543  N  ND2 . ASN A 1 67  ? 16.209  16.819  -18.982 1.00 69.41  ? 106 ASN A ND2 1 
ATOM   544  N  N   . GLY A 1 68  ? 16.641  13.654  -13.947 1.00 59.03  ? 107 GLY A N   1 
ATOM   545  C  CA  . GLY A 1 68  ? 16.739  13.600  -12.472 1.00 54.92  ? 107 GLY A CA  1 
ATOM   546  C  C   . GLY A 1 68  ? 15.467  14.017  -11.748 1.00 50.38  ? 107 GLY A C   1 
ATOM   547  O  O   . GLY A 1 68  ? 15.537  14.248  -10.542 1.00 47.17  ? 107 GLY A O   1 
ATOM   548  N  N   . GLU A 1 69  ? 14.324  14.112  -12.417 1.00 49.60  ? 108 GLU A N   1 
ATOM   549  C  CA  . GLU A 1 69  ? 13.099  14.600  -11.726 1.00 55.94  ? 108 GLU A CA  1 
ATOM   550  C  C   . GLU A 1 69  ? 11.885  13.887  -12.318 1.00 46.77  ? 108 GLU A C   1 
ATOM   551  O  O   . GLU A 1 69  ? 11.833  13.737  -13.540 1.00 46.89  ? 108 GLU A O   1 
ATOM   552  C  CB  . GLU A 1 69  ? 13.047  16.135  -11.748 1.00 62.14  ? 108 GLU A CB  1 
ATOM   553  C  CG  . GLU A 1 69  ? 12.379  16.757  -12.977 1.00 77.36  ? 108 GLU A CG  1 
ATOM   554  C  CD  . GLU A 1 69  ? 11.948  18.222  -12.863 1.00 86.11  ? 108 GLU A CD  1 
ATOM   555  O  OE1 . GLU A 1 69  ? 12.072  18.809  -11.764 1.00 83.74  ? 108 GLU A OE1 1 
ATOM   556  O  OE2 . GLU A 1 69  ? 11.466  18.779  -13.880 1.00 92.54  ? 108 GLU A OE2 1 
ATOM   557  N  N   . TRP A 1 70  ? 10.947  13.446  -11.466 1.00 46.02  ? 109 TRP A N   1 
ATOM   558  C  CA  . TRP A 1 70  ? 9.662   12.830  -11.895 1.00 39.80  ? 109 TRP A CA  1 
ATOM   559  C  C   . TRP A 1 70  ? 8.723   13.928  -12.431 1.00 41.56  ? 109 TRP A C   1 
ATOM   560  O  O   . TRP A 1 70  ? 8.555   14.933  -11.736 1.00 43.55  ? 109 TRP A O   1 
ATOM   561  C  CB  . TRP A 1 70  ? 9.015   12.054  -10.728 1.00 39.74  ? 109 TRP A CB  1 
ATOM   562  C  CG  . TRP A 1 70  ? 9.634   10.710  -10.500 1.00 35.74  ? 109 TRP A CG  1 
ATOM   563  C  CD1 . TRP A 1 70  ? 10.486  10.361  -9.484  1.00 36.57  ? 109 TRP A CD1 1 
ATOM   564  C  CD2 . TRP A 1 70  ? 9.475   9.538   -11.311 1.00 34.63  ? 109 TRP A CD2 1 
ATOM   565  N  NE1 . TRP A 1 70  ? 10.882  9.060   -9.621  1.00 39.01  ? 109 TRP A NE1 1 
ATOM   566  C  CE2 . TRP A 1 70  ? 10.267  8.523   -10.722 1.00 35.02  ? 109 TRP A CE2 1 
ATOM   567  C  CE3 . TRP A 1 70  ? 8.730   9.217   -12.445 1.00 33.69  ? 109 TRP A CE3 1 
ATOM   568  C  CZ2 . TRP A 1 70  ? 10.335  7.239   -11.246 1.00 38.75  ? 109 TRP A CZ2 1 
ATOM   569  C  CZ3 . TRP A 1 70  ? 8.821   7.954   -12.981 1.00 39.92  ? 109 TRP A CZ3 1 
ATOM   570  C  CH2 . TRP A 1 70  ? 9.605   6.964   -12.376 1.00 38.01  ? 109 TRP A CH2 1 
ATOM   571  N  N   . VAL A 1 71  ? 8.124   13.742  -13.609 1.00 41.85  ? 110 VAL A N   1 
ATOM   572  C  CA  . VAL A 1 71  ? 7.208   14.761  -14.225 1.00 43.45  ? 110 VAL A CA  1 
ATOM   573  C  C   . VAL A 1 71  ? 6.015   14.043  -14.824 1.00 37.81  ? 110 VAL A C   1 
ATOM   574  O  O   . VAL A 1 71  ? 6.130   12.970  -15.419 1.00 38.28  ? 110 VAL A O   1 
ATOM   575  C  CB  . VAL A 1 71  ? 7.899   15.694  -15.244 1.00 47.25  ? 110 VAL A CB  1 
ATOM   576  C  CG1 . VAL A 1 71  ? 8.891   16.613  -14.560 1.00 47.87  ? 110 VAL A CG1 1 
ATOM   577  C  CG2 . VAL A 1 71  ? 8.556   14.948  -16.372 1.00 52.91  ? 110 VAL A CG2 1 
ATOM   578  N  N   . PRO A 1 72  ? 4.802   14.575  -14.574 1.00 41.25  ? 111 PRO A N   1 
ATOM   579  C  CA  . PRO A 1 72  ? 3.586   13.995  -15.117 1.00 43.68  ? 111 PRO A CA  1 
ATOM   580  C  C   . PRO A 1 72  ? 3.379   14.297  -16.605 1.00 48.84  ? 111 PRO A C   1 
ATOM   581  O  O   . PRO A 1 72  ? 3.649   15.390  -17.004 1.00 53.31  ? 111 PRO A O   1 
ATOM   582  C  CB  . PRO A 1 72  ? 2.474   14.651  -14.292 1.00 42.22  ? 111 PRO A CB  1 
ATOM   583  C  CG  . PRO A 1 72  ? 3.041   15.962  -13.843 1.00 41.39  ? 111 PRO A CG  1 
ATOM   584  C  CD  . PRO A 1 72  ? 4.540   15.752  -13.737 1.00 48.65  ? 111 PRO A CD  1 
ATOM   585  N  N   . GLY A 1 73  ? 2.889   13.307  -17.347 1.00 49.61  ? 112 GLY A N   1 
ATOM   586  C  CA  . GLY A 1 73  ? 2.400   13.474  -18.723 1.00 52.30  ? 112 GLY A CA  1 
ATOM   587  C  C   . GLY A 1 73  ? 1.283   14.509  -18.789 1.00 53.23  ? 112 GLY A C   1 
ATOM   588  O  O   . GLY A 1 73  ? 0.839   15.036  -17.725 1.00 51.66  ? 112 GLY A O   1 
ATOM   589  N  N   . GLY A 1 74  ? 0.866   14.846  -20.005 1.00 49.78  ? 113 GLY A N   1 
ATOM   590  C  CA  . GLY A 1 74  ? -0.195  15.837  -20.232 1.00 55.03  ? 113 GLY A CA  1 
ATOM   591  C  C   . GLY A 1 74  ? -1.425  15.165  -20.789 1.00 57.07  ? 113 GLY A C   1 
ATOM   592  O  O   . GLY A 1 74  ? -2.335  15.910  -21.189 1.00 72.77  ? 113 GLY A O   1 
ATOM   593  N  N   . LYS A 1 75  ? -1.467  13.822  -20.806 1.00 53.87  ? 114 LYS A N   1 
ATOM   594  C  CA  . LYS A 1 75  ? -2.584  13.052  -21.423 1.00 58.59  ? 114 LYS A CA  1 
ATOM   595  C  C   . LYS A 1 75  ? -3.260  12.135  -20.397 1.00 54.92  ? 114 LYS A C   1 
ATOM   596  O  O   . LYS A 1 75  ? -3.256  10.918  -20.558 1.00 51.07  ? 114 LYS A O   1 
ATOM   597  C  CB  . LYS A 1 75  ? -2.081  12.248  -22.625 1.00 67.55  ? 114 LYS A CB  1 
ATOM   598  C  CG  . LYS A 1 75  ? -3.084  12.146  -23.768 1.00 81.87  ? 114 LYS A CG  1 
ATOM   599  C  CD  . LYS A 1 75  ? -3.721  13.489  -24.139 1.00 85.19  ? 114 LYS A CD  1 
ATOM   600  C  CE  . LYS A 1 75  ? -4.241  13.576  -25.562 1.00 90.44  ? 114 LYS A CE  1 
ATOM   601  N  NZ  . LYS A 1 75  ? -5.356  12.630  -25.794 1.00 95.35  ? 114 LYS A NZ  1 
ATOM   602  N  N   . PRO A 1 76  ? -3.881  12.677  -19.329 0.64 58.30  ? 115 PRO A N   1 
ATOM   603  C  CA  . PRO A 1 76  ? -4.506  11.835  -18.309 0.64 59.94  ? 115 PRO A CA  1 
ATOM   604  C  C   . PRO A 1 76  ? -5.444  10.768  -18.900 0.64 63.22  ? 115 PRO A C   1 
ATOM   605  O  O   . PRO A 1 76  ? -5.770  10.828  -20.079 0.64 58.87  ? 115 PRO A O   1 
ATOM   606  C  CB  . PRO A 1 76  ? -5.269  12.814  -17.399 0.64 60.19  ? 115 PRO A CB  1 
ATOM   607  C  CG  . PRO A 1 76  ? -5.227  14.157  -18.116 0.64 61.75  ? 115 PRO A CG  1 
ATOM   608  C  CD  . PRO A 1 76  ? -4.022  14.110  -19.035 0.64 60.23  ? 115 PRO A CD  1 
ATOM   609  N  N   . GLU A 1 77  ? -5.826  9.800   -18.066 0.64 64.42  ? 116 GLU A N   1 
ATOM   610  C  CA  . GLU A 1 77  ? -6.706  8.662   -18.429 0.64 69.48  ? 116 GLU A CA  1 
ATOM   611  C  C   . GLU A 1 77  ? -7.340  8.125   -17.150 0.64 72.32  ? 116 GLU A C   1 
ATOM   612  O  O   . GLU A 1 77  ? -6.623  7.720   -16.239 0.64 74.75  ? 116 GLU A O   1 
ATOM   613  C  CB  . GLU A 1 77  ? -5.888  7.590   -19.148 0.64 72.06  ? 116 GLU A CB  1 
ATOM   614  C  CG  . GLU A 1 77  ? -6.726  6.459   -19.715 0.64 74.81  ? 116 GLU A CG  1 
ATOM   615  C  CD  . GLU A 1 77  ? -5.953  5.525   -20.631 0.64 76.73  ? 116 GLU A CD  1 
ATOM   616  O  OE1 . GLU A 1 77  ? -6.035  4.296   -20.427 0.64 74.91  ? 116 GLU A OE1 1 
ATOM   617  O  OE2 . GLU A 1 77  ? -5.265  6.033   -21.545 0.64 77.47  ? 116 GLU A OE2 1 
ATOM   618  N  N   . PRO A 1 78  ? -8.687  8.107   -17.033 0.64 73.45  ? 117 PRO A N   1 
ATOM   619  C  CA  . PRO A 1 78  ? -9.346  7.657   -15.806 0.64 75.32  ? 117 PRO A CA  1 
ATOM   620  C  C   . PRO A 1 78  ? -8.728  6.353   -15.282 0.64 74.28  ? 117 PRO A C   1 
ATOM   621  O  O   . PRO A 1 78  ? -8.699  5.375   -16.009 0.64 66.88  ? 117 PRO A O   1 
ATOM   622  C  CB  . PRO A 1 78  ? -10.809 7.467   -16.230 0.64 75.34  ? 117 PRO A CB  1 
ATOM   623  C  CG  . PRO A 1 78  ? -10.990 8.454   -17.363 0.64 76.57  ? 117 PRO A CG  1 
ATOM   624  C  CD  . PRO A 1 78  ? -9.652  8.494   -18.074 0.64 76.58  ? 117 PRO A CD  1 
ATOM   625  N  N   . GLN A 1 79  ? -8.309  6.351   -14.020 0.64 76.77  ? 118 GLN A N   1 
ATOM   626  C  CA  . GLN A 1 79  ? -7.623  5.153   -13.484 0.64 82.99  ? 118 GLN A CA  1 
ATOM   627  C  C   . GLN A 1 79  ? -8.612  4.193   -12.823 0.64 87.17  ? 118 GLN A C   1 
ATOM   628  O  O   . GLN A 1 79  ? -9.247  4.571   -11.834 0.64 84.16  ? 118 GLN A O   1 
ATOM   629  C  CB  . GLN A 1 79  ? -6.503  5.573   -12.536 0.64 81.57  ? 118 GLN A CB  1 
ATOM   630  C  CG  . GLN A 1 79  ? -5.418  6.386   -13.217 0.64 83.57  ? 118 GLN A CG  1 
ATOM   631  C  CD  . GLN A 1 79  ? -4.740  5.595   -14.305 0.64 84.40  ? 118 GLN A CD  1 
ATOM   632  O  OE1 . GLN A 1 79  ? -4.391  4.434   -14.124 0.64 84.88  ? 118 GLN A OE1 1 
ATOM   633  N  NE2 . GLN A 1 79  ? -4.547  6.222   -15.451 0.64 86.89  ? 118 GLN A NE2 1 
ATOM   634  N  N   . ALA A 1 80  ? -8.676  2.973   -13.354 0.64 94.04  ? 119 ALA A N   1 
ATOM   635  C  CA  . ALA A 1 80  ? -9.533  1.908   -12.790 0.64 93.96  ? 119 ALA A CA  1 
ATOM   636  C  C   . ALA A 1 80  ? -8.993  1.576   -11.403 0.64 88.01  ? 119 ALA A C   1 
ATOM   637  O  O   . ALA A 1 80  ? -7.765  1.540   -11.219 0.64 86.23  ? 119 ALA A O   1 
ATOM   638  C  CB  . ALA A 1 80  ? -9.515  0.690   -13.679 0.64 93.92  ? 119 ALA A CB  1 
ATOM   639  N  N   . PRO A 1 81  ? -9.850  1.244   -10.428 1.00 79.35  ? 120 PRO A N   1 
ATOM   640  C  CA  . PRO A 1 81  ? -9.389  0.968   -9.079  1.00 74.77  ? 120 PRO A CA  1 
ATOM   641  C  C   . PRO A 1 81  ? -8.560  -0.322  -9.045  1.00 61.67  ? 120 PRO A C   1 
ATOM   642  O  O   . PRO A 1 81  ? -8.782  -1.206  -9.835  1.00 59.84  ? 120 PRO A O   1 
ATOM   643  C  CB  . PRO A 1 81  ? -10.714 0.715   -8.357  1.00 30.00  ? 120 PRO A CB  1 
ATOM   644  C  CG  . PRO A 1 81  ? -11.584 0.129   -9.428  1.00 30.00  ? 120 PRO A CG  1 
ATOM   645  C  CD  . PRO A 1 81  ? -11.273 1.010   -10.612 1.00 30.00  ? 120 PRO A CD  1 
ATOM   646  N  N   . SER A 1 82  ? -7.619  -0.409  -8.115  1.00 52.04  ? 121 SER A N   1 
ATOM   647  C  CA  . SER A 1 82  ? -6.829  -1.661  -8.025  1.00 49.37  ? 121 SER A CA  1 
ATOM   648  C  C   . SER A 1 82  ? -7.657  -2.738  -7.344  1.00 40.41  ? 121 SER A C   1 
ATOM   649  O  O   . SER A 1 82  ? -8.598  -2.428  -6.643  1.00 40.85  ? 121 SER A O   1 
ATOM   650  C  CB  . SER A 1 82  ? -5.522  -1.483  -7.305  1.00 30.00  ? 121 SER A CB  1 
ATOM   651  O  OG  . SER A 1 82  ? -5.588  -1.902  -5.947  1.00 30.00  ? 121 SER A OG  1 
ATOM   652  N  N   . CYS A 1 83  ? -7.197  -3.976  -7.453  1.00 41.34  ? 122 CYS A N   1 
ATOM   653  C  CA  . CYS A 1 83  ? -7.822  -5.088  -6.712  1.00 41.30  ? 122 CYS A CA  1 
ATOM   654  C  C   . CYS A 1 83  ? -7.426  -4.992  -5.229  1.00 37.31  ? 122 CYS A C   1 
ATOM   655  O  O   . CYS A 1 83  ? -6.502  -4.288  -4.861  1.00 35.02  ? 122 CYS A O   1 
ATOM   656  C  CB  . CYS A 1 83  ? -7.505  -6.437  -7.338  1.00 45.34  ? 122 CYS A CB  1 
ATOM   657  S  SG  . CYS A 1 83  ? -8.432  -6.724  -8.866  1.00 52.29  ? 122 CYS A SG  1 
ATOM   658  N  N   . VAL A 1 84  ? -8.153  -5.705  -4.399  1.00 36.71  ? 123 VAL A N   1 
ATOM   659  C  CA  . VAL A 1 84  ? -7.972  -5.670  -2.932  1.00 36.04  ? 123 VAL A CA  1 
ATOM   660  C  C   . VAL A 1 84  ? -7.153  -6.903  -2.542  1.00 34.06  ? 123 VAL A C   1 
ATOM   661  O  O   . VAL A 1 84  ? -7.455  -7.991  -3.032  1.00 36.40  ? 123 VAL A O   1 
ATOM   662  C  CB  . VAL A 1 84  ? -9.332  -5.620  -2.222  1.00 41.44  ? 123 VAL A CB  1 
ATOM   663  C  CG1 . VAL A 1 84  ? -10.175 -6.860  -2.468  1.00 45.11  ? 123 VAL A CG1 1 
ATOM   664  C  CG2 . VAL A 1 84  ? -9.164  -5.375  -0.746  1.00 47.73  ? 123 VAL A CG2 1 
ATOM   665  N  N   . TYR A 1 85  ? -6.197  -6.704  -1.645  1.00 33.87  ? 124 TYR A N   1 
ATOM   666  C  CA  . TYR A 1 85  ? -5.406  -7.773  -0.994  1.00 32.56  ? 124 TYR A CA  1 
ATOM   667  C  C   . TYR A 1 85  ? -6.007  -7.981  0.396   1.00 33.24  ? 124 TYR A C   1 
ATOM   668  O  O   . TYR A 1 85  ? -6.098  -6.999  1.190   1.00 32.94  ? 124 TYR A O   1 
ATOM   669  C  CB  . TYR A 1 85  ? -3.933  -7.367  -0.926  1.00 33.73  ? 124 TYR A CB  1 
ATOM   670  C  CG  . TYR A 1 85  ? -3.034  -8.326  -0.169  1.00 34.37  ? 124 TYR A CG  1 
ATOM   671  C  CD1 . TYR A 1 85  ? -2.508  -9.468  -0.775  1.00 36.96  ? 124 TYR A CD1 1 
ATOM   672  C  CD2 . TYR A 1 85  ? -2.748  -8.115  1.165   1.00 33.26  ? 124 TYR A CD2 1 
ATOM   673  C  CE1 . TYR A 1 85  ? -1.719  -10.361 -0.075  1.00 34.76  ? 124 TYR A CE1 1 
ATOM   674  C  CE2 . TYR A 1 85  ? -1.928  -8.976  1.876   1.00 34.56  ? 124 TYR A CE2 1 
ATOM   675  C  CZ  . TYR A 1 85  ? -1.444  -10.123 1.259   1.00 35.01  ? 124 TYR A CZ  1 
ATOM   676  O  OH  . TYR A 1 85  ? -0.626  -10.956 1.946   1.00 33.55  ? 124 TYR A OH  1 
ATOM   677  N  N   . ILE A 1 86  ? -6.351  -9.226  0.707   1.00 29.98  ? 125 ILE A N   1 
ATOM   678  C  CA  . ILE A 1 86  ? -6.815  -9.660  2.052   1.00 32.50  ? 125 ILE A CA  1 
ATOM   679  C  C   . ILE A 1 86  ? -5.592  -10.020 2.909   1.00 35.24  ? 125 ILE A C   1 
ATOM   680  O  O   . ILE A 1 86  ? -4.797  -10.933 2.532   1.00 32.67  ? 125 ILE A O   1 
ATOM   681  C  CB  . ILE A 1 86  ? -7.810  -10.815 1.917   1.00 39.16  ? 125 ILE A CB  1 
ATOM   682  C  CG1 . ILE A 1 86  ? -8.871  -10.522 0.856   1.00 44.09  ? 125 ILE A CG1 1 
ATOM   683  C  CG2 . ILE A 1 86  ? -8.473  -11.123 3.252   1.00 37.06  ? 125 ILE A CG2 1 
ATOM   684  C  CD1 . ILE A 1 86  ? -9.757  -11.715 0.553   1.00 48.19  ? 125 ILE A CD1 1 
ATOM   685  N  N   . HIS A 1 87  ? -5.407  -9.352  4.042   1.00 32.10  ? 126 HIS A N   1 
ATOM   686  C  CA  . HIS A 1 87  ? -4.331  -9.737  4.984   1.00 32.59  ? 126 HIS A CA  1 
ATOM   687  C  C   . HIS A 1 87  ? -4.540  -11.220 5.288   1.00 32.56  ? 126 HIS A C   1 
ATOM   688  O  O   . HIS A 1 87  ? -5.649  -11.640 5.620   1.00 28.99  ? 126 HIS A O   1 
ATOM   689  C  CB  . HIS A 1 87  ? -4.308  -8.922  6.269   1.00 29.28  ? 126 HIS A CB  1 
ATOM   690  C  CG  . HIS A 1 87  ? -3.037  -9.107  7.022   1.00 35.51  ? 126 HIS A CG  1 
ATOM   691  N  ND1 . HIS A 1 87  ? -2.810  -10.223 7.836   1.00 33.73  ? 126 HIS A ND1 1 
ATOM   692  C  CD2 . HIS A 1 87  ? -1.885  -8.404  7.026   1.00 37.66  ? 126 HIS A CD2 1 
ATOM   693  C  CE1 . HIS A 1 87  ? -1.596  -10.159 8.338   1.00 35.60  ? 126 HIS A CE1 1 
ATOM   694  N  NE2 . HIS A 1 87  ? -1.001  -9.053  7.864   1.00 36.77  ? 126 HIS A NE2 1 
ATOM   695  N  N   . PRO A 1 88  ? -3.497  -12.064 5.198   1.00 36.12  ? 127 PRO A N   1 
ATOM   696  C  CA  . PRO A 1 88  ? -3.690  -13.511 5.394   1.00 35.50  ? 127 PRO A CA  1 
ATOM   697  C  C   . PRO A 1 88  ? -4.105  -13.924 6.823   1.00 37.32  ? 127 PRO A C   1 
ATOM   698  O  O   . PRO A 1 88  ? -4.741  -14.990 6.982   1.00 34.61  ? 127 PRO A O   1 
ATOM   699  C  CB  . PRO A 1 88  ? -2.336  -14.059 4.907   1.00 33.26  ? 127 PRO A CB  1 
ATOM   700  C  CG  . PRO A 1 88  ? -1.353  -12.976 5.281   1.00 37.16  ? 127 PRO A CG  1 
ATOM   701  C  CD  . PRO A 1 88  ? -2.104  -11.706 4.902   1.00 33.20  ? 127 PRO A CD  1 
ATOM   702  N  N   . ASP A 1 89  ? -3.919  -13.076 7.842   1.00 36.58  ? 128 ASP A N   1 
ATOM   703  C  CA  . ASP A 1 89  ? -4.485  -13.371 9.189   1.00 38.34  ? 128 ASP A CA  1 
ATOM   704  C  C   . ASP A 1 89  ? -6.009  -13.252 9.184   1.00 38.80  ? 128 ASP A C   1 
ATOM   705  O  O   . ASP A 1 89  ? -6.601  -13.684 10.173  1.00 35.96  ? 128 ASP A O   1 
ATOM   706  C  CB  . ASP A 1 89  ? -3.940  -12.474 10.299  1.00 39.54  ? 128 ASP A CB  1 
ATOM   707  C  CG  . ASP A 1 89  ? -2.452  -12.570 10.527  1.00 39.61  ? 128 ASP A CG  1 
ATOM   708  O  OD1 . ASP A 1 89  ? -1.795  -13.292 9.782   1.00 41.92  ? 128 ASP A OD1 1 
ATOM   709  O  OD2 . ASP A 1 89  ? -1.948  -11.802 11.346  1.00 38.83  ? 128 ASP A OD2 1 
ATOM   710  N  N   . SER A 1 90  ? -6.640  -12.665 8.149   1.00 36.66  ? 129 SER A N   1 
ATOM   711  C  CA  . SER A 1 90  ? -8.113  -12.437 8.089   1.00 35.39  ? 129 SER A CA  1 
ATOM   712  C  C   . SER A 1 90  ? -8.878  -13.750 7.935   1.00 35.17  ? 129 SER A C   1 
ATOM   713  O  O   . SER A 1 90  ? -8.396  -14.638 7.266   1.00 37.22  ? 129 SER A O   1 
ATOM   714  C  CB  . SER A 1 90  ? -8.486  -11.535 6.936   1.00 34.21  ? 129 SER A CB  1 
ATOM   715  O  OG  . SER A 1 90  ? -7.708  -10.357 6.950   1.00 32.57  ? 129 SER A OG  1 
ATOM   716  N  N   . PRO A 1 91  ? -10.120 -13.920 8.437   1.00 36.56  ? 130 PRO A N   1 
ATOM   717  C  CA  . PRO A 1 91  ? -10.731 -13.070 9.453   1.00 35.79  ? 130 PRO A CA  1 
ATOM   718  C  C   . PRO A 1 91  ? -10.137 -13.325 10.831  1.00 39.76  ? 130 PRO A C   1 
ATOM   719  O  O   . PRO A 1 91  ? -9.664  -14.437 11.070  1.00 39.25  ? 130 PRO A O   1 
ATOM   720  C  CB  . PRO A 1 91  ? -12.195 -13.489 9.469   1.00 41.58  ? 130 PRO A CB  1 
ATOM   721  C  CG  . PRO A 1 91  ? -12.176 -14.899 8.952   1.00 42.84  ? 130 PRO A CG  1 
ATOM   722  C  CD  . PRO A 1 91  ? -11.000 -15.002 8.020   1.00 41.07  ? 130 PRO A CD  1 
ATOM   723  N  N   . ASN A 1 92  ? -10.157 -12.338 11.718  1.00 35.49  ? 131 ASN A N   1 
ATOM   724  C  CA  . ASN A 1 92  ? -9.536  -12.542 13.046  1.00 38.35  ? 131 ASN A CA  1 
ATOM   725  C  C   . ASN A 1 92  ? -10.182 -11.631 14.087  1.00 42.84  ? 131 ASN A C   1 
ATOM   726  O  O   . ASN A 1 92  ? -10.915 -10.723 13.711  1.00 38.97  ? 131 ASN A O   1 
ATOM   727  C  CB  . ASN A 1 92  ? -8.010  -12.472 12.976  1.00 42.03  ? 131 ASN A CB  1 
ATOM   728  C  CG  . ASN A 1 92  ? -7.388  -13.645 13.713  1.00 46.18  ? 131 ASN A CG  1 
ATOM   729  O  OD1 . ASN A 1 92  ? -7.767  -13.913 14.851  1.00 41.82  ? 131 ASN A OD1 1 
ATOM   730  N  ND2 . ASN A 1 92  ? -6.442  -14.326 13.088  1.00 37.02  ? 131 ASN A ND2 1 
ATOM   731  N  N   . PHE A 1 93  ? -10.022 -11.971 15.370  1.00 40.70  ? 132 PHE A N   1 
ATOM   732  C  CA  . PHE A 1 93  ? -10.643 -11.207 16.485  1.00 44.29  ? 132 PHE A CA  1 
ATOM   733  C  C   . PHE A 1 93  ? -9.957  -9.841  16.552  1.00 39.27  ? 132 PHE A C   1 
ATOM   734  O  O   . PHE A 1 93  ? -8.761  -9.745  16.233  1.00 40.79  ? 132 PHE A O   1 
ATOM   735  C  CB  . PHE A 1 93  ? -10.547 -11.991 17.804  1.00 46.55  ? 132 PHE A CB  1 
ATOM   736  C  CG  . PHE A 1 93  ? -11.373 -13.252 17.774  1.00 44.34  ? 132 PHE A CG  1 
ATOM   737  C  CD1 . PHE A 1 93  ? -12.756 -13.187 17.822  1.00 48.04  ? 132 PHE A CD1 1 
ATOM   738  C  CD2 . PHE A 1 93  ? -10.779 -14.498 17.631  1.00 47.62  ? 132 PHE A CD2 1 
ATOM   739  C  CE1 . PHE A 1 93  ? -13.535 -14.331 17.738  1.00 49.24  ? 132 PHE A CE1 1 
ATOM   740  C  CE2 . PHE A 1 93  ? -11.560 -15.652 17.570  1.00 43.19  ? 132 PHE A CE2 1 
ATOM   741  C  CZ  . PHE A 1 93  ? -12.932 -15.567 17.612  1.00 46.23  ? 132 PHE A CZ  1 
ATOM   742  N  N   . GLY A 1 94  ? -10.682 -8.800  16.948  1.00 43.34  ? 133 GLY A N   1 
ATOM   743  C  CA  . GLY A 1 94  ? -10.038 -7.517  17.283  1.00 42.18  ? 133 GLY A CA  1 
ATOM   744  C  C   . GLY A 1 94  ? -8.770  -7.667  18.119  1.00 44.58  ? 133 GLY A C   1 
ATOM   745  O  O   . GLY A 1 94  ? -7.786  -6.934  17.859  1.00 40.00  ? 133 GLY A O   1 
ATOM   746  N  N   . ALA A 1 95  ? -8.758  -8.547  19.130  1.00 45.27  ? 134 ALA A N   1 
ATOM   747  C  CA  . ALA A 1 95  ? -7.582  -8.759  20.007  1.00 42.94  ? 134 ALA A CA  1 
ATOM   748  C  C   . ALA A 1 95  ? -6.342  -9.097  19.181  1.00 40.54  ? 134 ALA A C   1 
ATOM   749  O  O   . ALA A 1 95  ? -5.230  -8.666  19.516  1.00 41.83  ? 134 ALA A O   1 
ATOM   750  C  CB  . ALA A 1 95  ? -7.864  -9.876  20.979  1.00 47.25  ? 134 ALA A CB  1 
ATOM   751  N  N   . HIS A 1 96  ? -6.511  -9.943  18.172  1.00 42.30  ? 135 HIS A N   1 
ATOM   752  C  CA  . HIS A 1 96  ? -5.385  -10.424 17.337  1.00 44.85  ? 135 HIS A CA  1 
ATOM   753  C  C   . HIS A 1 96  ? -4.746  -9.223  16.643  1.00 42.28  ? 135 HIS A C   1 
ATOM   754  O  O   . HIS A 1 96  ? -3.498  -9.099  16.571  1.00 40.38  ? 135 HIS A O   1 
ATOM   755  C  CB  . HIS A 1 96  ? -5.895  -11.433 16.301  1.00 45.80  ? 135 HIS A CB  1 
ATOM   756  C  CG  . HIS A 1 96  ? -4.827  -11.880 15.366  1.00 47.42  ? 135 HIS A CG  1 
ATOM   757  N  ND1 . HIS A 1 96  ? -3.969  -12.924 15.674  1.00 47.81  ? 135 HIS A ND1 1 
ATOM   758  C  CD2 . HIS A 1 96  ? -4.476  -11.435 14.137  1.00 40.93  ? 135 HIS A CD2 1 
ATOM   759  C  CE1 . HIS A 1 96  ? -3.128  -13.118 14.677  1.00 52.29  ? 135 HIS A CE1 1 
ATOM   760  N  NE2 . HIS A 1 96  ? -3.405  -12.189 13.719  1.00 52.63  ? 135 HIS A NE2 1 
ATOM   761  N  N   . TRP A 1 97  ? -5.595  -8.382  16.101  1.00 40.77  ? 136 TRP A N   1 
ATOM   762  C  CA  . TRP A 1 97  ? -5.156  -7.247  15.260  1.00 40.72  ? 136 TRP A CA  1 
ATOM   763  C  C   . TRP A 1 97  ? -4.499  -6.171  16.123  1.00 43.28  ? 136 TRP A C   1 
ATOM   764  O  O   . TRP A 1 97  ? -3.618  -5.480  15.594  1.00 42.60  ? 136 TRP A O   1 
ATOM   765  C  CB  . TRP A 1 97  ? -6.347  -6.668  14.524  1.00 37.93  ? 136 TRP A CB  1 
ATOM   766  C  CG  . TRP A 1 97  ? -7.004  -7.595  13.565  1.00 35.64  ? 136 TRP A CG  1 
ATOM   767  C  CD1 . TRP A 1 97  ? -8.282  -8.048  13.636  1.00 33.76  ? 136 TRP A CD1 1 
ATOM   768  C  CD2 . TRP A 1 97  ? -6.447  -8.137  12.366  1.00 33.46  ? 136 TRP A CD2 1 
ATOM   769  N  NE1 . TRP A 1 97  ? -8.568  -8.818  12.550  1.00 33.12  ? 136 TRP A NE1 1 
ATOM   770  C  CE2 . TRP A 1 97  ? -7.458  -8.912  11.767  1.00 33.22  ? 136 TRP A CE2 1 
ATOM   771  C  CE3 . TRP A 1 97  ? -5.195  -8.058  11.748  1.00 34.59  ? 136 TRP A CE3 1 
ATOM   772  C  CZ2 . TRP A 1 97  ? -7.284  -9.573  10.556  1.00 32.88  ? 136 TRP A CZ2 1 
ATOM   773  C  CZ3 . TRP A 1 97  ? -5.022  -8.702  10.546  1.00 34.94  ? 136 TRP A CZ3 1 
ATOM   774  C  CH2 . TRP A 1 97  ? -6.054  -9.437  9.954   1.00 34.96  ? 136 TRP A CH2 1 
ATOM   775  N  N   . MET A 1 98  ? -4.920  -6.020  17.389  1.00 44.33  ? 137 MET A N   1 
ATOM   776  C  CA  . MET A 1 98  ? -4.409  -4.928  18.261  1.00 45.89  ? 137 MET A CA  1 
ATOM   777  C  C   . MET A 1 98  ? -3.164  -5.376  19.028  1.00 46.00  ? 137 MET A C   1 
ATOM   778  O  O   . MET A 1 98  ? -2.534  -4.483  19.560  1.00 46.11  ? 137 MET A O   1 
ATOM   779  C  CB  . MET A 1 98  ? -5.474  -4.438  19.245  1.00 46.17  ? 137 MET A CB  1 
ATOM   780  C  CG  . MET A 1 98  ? -6.665  -3.826  18.557  1.00 49.82  ? 137 MET A CG  1 
ATOM   781  S  SD  . MET A 1 98  ? -7.829  -3.051  19.720  1.00 47.64  ? 137 MET A SD  1 
ATOM   782  C  CE  . MET A 1 98  ? -8.671  -4.479  20.414  1.00 51.89  ? 137 MET A CE  1 
ATOM   783  N  N   . LYS A 1 99  ? -2.762  -6.657  18.998  1.00 47.18  ? 138 LYS A N   1 
ATOM   784  C  CA  . LYS A 1 99  ? -1.632  -7.182  19.832  1.00 48.96  ? 138 LYS A CA  1 
ATOM   785  C  C   . LYS A 1 99  ? -0.269  -6.861  19.205  1.00 51.27  ? 138 LYS A C   1 
ATOM   786  O  O   . LYS A 1 99  ? 0.742   -6.820  19.945  1.00 50.15  ? 138 LYS A O   1 
ATOM   787  C  CB  . LYS A 1 99  ? -1.797  -8.680  20.136  1.00 49.48  ? 138 LYS A CB  1 
ATOM   788  C  CG  . LYS A 1 99  ? -1.558  -9.673  19.000  1.00 53.41  ? 138 LYS A CG  1 
ATOM   789  C  CD  . LYS A 1 99  ? -1.850  -11.144 19.398  1.00 63.66  ? 138 LYS A CD  1 
ATOM   790  C  CE  . LYS A 1 99  ? -1.632  -12.178 18.300  1.00 65.72  ? 138 LYS A CE  1 
ATOM   791  N  NZ  . LYS A 1 99  ? -2.561  -13.343 18.383  1.00 67.52  ? 138 LYS A NZ  1 
ATOM   792  N  N   . ALA A 1 100 ? -0.200  -6.629  17.895  1.00 49.74  ? 139 ALA A N   1 
ATOM   793  C  CA  . ALA A 1 100 ? 1.033   -6.158  17.225  1.00 43.94  ? 139 ALA A CA  1 
ATOM   794  C  C   . ALA A 1 100 ? 0.664   -5.418  15.948  1.00 41.95  ? 139 ALA A C   1 
ATOM   795  O  O   . ALA A 1 100 ? -0.454  -5.564  15.470  1.00 43.38  ? 139 ALA A O   1 
ATOM   796  C  CB  . ALA A 1 100 ? 1.955   -7.314  16.932  1.00 46.76  ? 139 ALA A CB  1 
ATOM   797  N  N   . PRO A 1 101 ? 1.584   -4.613  15.372  1.00 43.54  ? 140 PRO A N   1 
ATOM   798  C  CA  . PRO A 1 101 ? 1.285   -3.871  14.157  1.00 41.74  ? 140 PRO A CA  1 
ATOM   799  C  C   . PRO A 1 101 ? 0.821   -4.865  13.086  1.00 40.65  ? 140 PRO A C   1 
ATOM   800  O  O   . PRO A 1 101 ? 1.360   -5.934  12.979  1.00 38.83  ? 140 PRO A O   1 
ATOM   801  C  CB  . PRO A 1 101 ? 2.604   -3.189  13.776  1.00 45.48  ? 140 PRO A CB  1 
ATOM   802  C  CG  . PRO A 1 101 ? 3.404   -3.134  15.065  1.00 46.97  ? 140 PRO A CG  1 
ATOM   803  C  CD  . PRO A 1 101 ? 2.939   -4.335  15.874  1.00 46.66  ? 140 PRO A CD  1 
ATOM   804  N  N   . VAL A 1 102 ? -0.207  -4.508  12.336  1.00 36.70  ? 141 VAL A N   1 
ATOM   805  C  CA  . VAL A 1 102 ? -0.694  -5.357  11.206  1.00 36.86  ? 141 VAL A CA  1 
ATOM   806  C  C   . VAL A 1 102 ? 0.245   -5.138  10.016  1.00 37.82  ? 141 VAL A C   1 
ATOM   807  O  O   . VAL A 1 102 ? 0.341   -4.004  9.499   1.00 37.67  ? 141 VAL A O   1 
ATOM   808  C  CB  . VAL A 1 102 ? -2.158  -5.044  10.867  1.00 35.50  ? 141 VAL A CB  1 
ATOM   809  C  CG1 . VAL A 1 102 ? -2.673  -5.956  9.784   1.00 36.86  ? 141 VAL A CG1 1 
ATOM   810  C  CG2 . VAL A 1 102 ? -3.039  -5.100  12.113  1.00 37.78  ? 141 VAL A CG2 1 
ATOM   811  N  N   . SER A 1 103 ? 0.948   -6.179  9.601   1.00 34.97  ? 142 SER A N   1 
ATOM   812  C  CA  . SER A 1 103 ? 2.092   -6.027  8.673   1.00 36.66  ? 142 SER A CA  1 
ATOM   813  C  C   . SER A 1 103 ? 1.721   -6.659  7.326   1.00 36.71  ? 142 SER A C   1 
ATOM   814  O  O   . SER A 1 103 ? 1.500   -7.876  7.287   1.00 39.66  ? 142 SER A O   1 
ATOM   815  C  CB  . SER A 1 103 ? 3.301   -6.637  9.271   1.00 39.40  ? 142 SER A CB  1 
ATOM   816  O  OG  . SER A 1 103 ? 4.402   -6.503  8.393   1.00 39.73  ? 142 SER A OG  1 
ATOM   817  N  N   . PHE A 1 104 ? 1.658   -5.870  6.248   1.00 32.36  ? 143 PHE A N   1 
ATOM   818  C  CA  . PHE A 1 104 ? 1.286   -6.390  4.897   1.00 30.21  ? 143 PHE A CA  1 
ATOM   819  C  C   . PHE A 1 104 ? 2.542   -6.862  4.147   1.00 36.12  ? 143 PHE A C   1 
ATOM   820  O  O   . PHE A 1 104 ? 2.803   -6.434  3.016   1.00 33.59  ? 143 PHE A O   1 
ATOM   821  C  CB  . PHE A 1 104 ? 0.498   -5.308  4.136   1.00 31.44  ? 143 PHE A CB  1 
ATOM   822  C  CG  . PHE A 1 104 ? -0.856  -5.054  4.749   1.00 31.77  ? 143 PHE A CG  1 
ATOM   823  C  CD1 . PHE A 1 104 ? -1.971  -5.720  4.289   1.00 30.87  ? 143 PHE A CD1 1 
ATOM   824  C  CD2 . PHE A 1 104 ? -1.009  -4.162  5.801   1.00 35.00  ? 143 PHE A CD2 1 
ATOM   825  C  CE1 . PHE A 1 104 ? -3.212  -5.484  4.849   1.00 34.09  ? 143 PHE A CE1 1 
ATOM   826  C  CE2 . PHE A 1 104 ? -2.256  -3.922  6.348   1.00 35.80  ? 143 PHE A CE2 1 
ATOM   827  C  CZ  . PHE A 1 104 ? -3.356  -4.579  5.862   1.00 33.77  ? 143 PHE A CZ  1 
ATOM   828  N  N   . SER A 1 105 ? 3.317   -7.773  4.730   1.00 35.64  ? 144 SER A N   1 
ATOM   829  C  CA  . SER A 1 105 ? 4.664   -8.126  4.211   1.00 36.87  ? 144 SER A CA  1 
ATOM   830  C  C   . SER A 1 105 ? 4.566   -9.037  2.988   1.00 34.64  ? 144 SER A C   1 
ATOM   831  O  O   . SER A 1 105 ? 5.582   -9.099  2.238   1.00 39.83  ? 144 SER A O   1 
ATOM   832  C  CB  . SER A 1 105 ? 5.514   -8.730  5.286   1.00 37.23  ? 144 SER A CB  1 
ATOM   833  O  OG  . SER A 1 105 ? 4.898   -9.898  5.743   1.00 41.30  ? 144 SER A OG  1 
ATOM   834  N  N   . LYS A 1 106 ? 3.422   -9.678  2.751   1.00 34.33  ? 145 LYS A N   1 
ATOM   835  C  CA  . LYS A 1 106 ? 3.313   -10.731 1.698   1.00 36.69  ? 145 LYS A CA  1 
ATOM   836  C  C   . LYS A 1 106 ? 2.566   -10.227 0.460   1.00 37.44  ? 145 LYS A C   1 
ATOM   837  O  O   . LYS A 1 106 ? 2.478   -10.955 -0.546  1.00 34.21  ? 145 LYS A O   1 
ATOM   838  C  CB  . LYS A 1 106 ? 2.636   -11.963 2.284   1.00 37.40  ? 145 LYS A CB  1 
ATOM   839  C  CG  . LYS A 1 106 ? 3.359   -12.557 3.477   1.00 34.70  ? 145 LYS A CG  1 
ATOM   840  C  CD  . LYS A 1 106 ? 4.778   -12.900 3.211   1.00 38.14  ? 145 LYS A CD  1 
ATOM   841  C  CE  . LYS A 1 106 ? 5.256   -13.930 4.215   1.00 37.06  ? 145 LYS A CE  1 
ATOM   842  N  NZ  . LYS A 1 106 ? 6.666   -14.233 3.937   1.00 41.89  ? 145 LYS A NZ  1 
ATOM   843  N  N   . VAL A 1 107 ? 2.098   -8.980  0.465   1.00 34.96  ? 146 VAL A N   1 
ATOM   844  C  CA  . VAL A 1 107 ? 1.483   -8.453  -0.768  1.00 35.76  ? 146 VAL A CA  1 
ATOM   845  C  C   . VAL A 1 107 ? 2.584   -8.346  -1.819  1.00 30.35  ? 146 VAL A C   1 
ATOM   846  O  O   . VAL A 1 107 ? 3.683   -7.857  -1.521  1.00 33.85  ? 146 VAL A O   1 
ATOM   847  C  CB  . VAL A 1 107 ? 0.717   -7.134  -0.558  1.00 32.33  ? 146 VAL A CB  1 
ATOM   848  C  CG1 . VAL A 1 107 ? 1.633   -5.993  -0.149  1.00 33.62  ? 146 VAL A CG1 1 
ATOM   849  C  CG2 . VAL A 1 107 ? -0.070  -6.798  -1.818  1.00 34.18  ? 146 VAL A CG2 1 
ATOM   850  N  N   . LYS A 1 108 ? 2.261   -8.754  -3.035  1.00 33.66  ? 147 LYS A N   1 
ATOM   851  C  CA  . LYS A 1 108 ? 3.166   -8.654  -4.206  1.00 35.83  ? 147 LYS A CA  1 
ATOM   852  C  C   . LYS A 1 108 ? 2.527   -7.754  -5.263  1.00 35.29  ? 147 LYS A C   1 
ATOM   853  O  O   . LYS A 1 108 ? 1.379   -7.984  -5.607  1.00 37.39  ? 147 LYS A O   1 
ATOM   854  C  CB  . LYS A 1 108 ? 3.392   -10.023 -4.846  1.00 41.45  ? 147 LYS A CB  1 
ATOM   855  C  CG  . LYS A 1 108 ? 4.108   -11.028 -3.961  1.00 49.37  ? 147 LYS A CG  1 
ATOM   856  C  CD  . LYS A 1 108 ? 4.022   -12.454 -4.476  1.00 52.64  ? 147 LYS A CD  1 
ATOM   857  C  CE  . LYS A 1 108 ? 5.329   -12.959 -5.035  1.00 57.51  ? 147 LYS A CE  1 
ATOM   858  N  NZ  . LYS A 1 108 ? 5.412   -14.433 -4.938  1.00 55.66  ? 147 LYS A NZ  1 
ATOM   859  N  N   . LEU A 1 109 ? 3.289   -6.801  -5.775  1.00 37.85  ? 148 LEU A N   1 
ATOM   860  C  CA  . LEU A 1 109 ? 2.831   -5.822  -6.797  1.00 36.89  ? 148 LEU A CA  1 
ATOM   861  C  C   . LEU A 1 109 ? 3.296   -6.324  -8.170  1.00 39.00  ? 148 LEU A C   1 
ATOM   862  O  O   . LEU A 1 109 ? 4.509   -6.592  -8.306  1.00 38.50  ? 148 LEU A O   1 
ATOM   863  C  CB  . LEU A 1 109 ? 3.438   -4.462  -6.442  1.00 33.63  ? 148 LEU A CB  1 
ATOM   864  C  CG  . LEU A 1 109 ? 3.122   -3.954  -5.021  1.00 33.49  ? 148 LEU A CG  1 
ATOM   865  C  CD1 . LEU A 1 109 ? 3.685   -2.557  -4.783  1.00 33.96  ? 148 LEU A CD1 1 
ATOM   866  C  CD2 . LEU A 1 109 ? 1.617   -4.041  -4.744  1.00 35.36  ? 148 LEU A CD2 1 
ATOM   867  N  N   . THR A 1 110 ? 2.391   -6.407  -9.145  1.00 40.08  ? 149 THR A N   1 
ATOM   868  C  CA  . THR A 1 110 ? 2.708   -6.890  -10.521 1.00 44.21  ? 149 THR A CA  1 
ATOM   869  C  C   . THR A 1 110 ? 2.277   -5.841  -11.541 1.00 46.45  ? 149 THR A C   1 
ATOM   870  O  O   . THR A 1 110 ? 1.534   -4.905  -11.147 1.00 40.46  ? 149 THR A O   1 
ATOM   871  C  CB  . THR A 1 110 ? 2.098   -8.279  -10.815 1.00 44.56  ? 149 THR A CB  1 
ATOM   872  O  OG1 . THR A 1 110 ? 2.398   -8.669  -12.160 1.00 45.47  ? 149 THR A OG1 1 
ATOM   873  C  CG2 . THR A 1 110 ? 0.599   -8.379  -10.650 1.00 41.75  ? 149 THR A CG2 1 
ATOM   874  N  N   . ASN A 1 111 ? 2.711   -6.028  -12.794 1.00 41.37  ? 150 ASN A N   1 
ATOM   875  C  CA  . ASN A 1 111 ? 2.215   -5.283  -13.985 1.00 46.92  ? 150 ASN A CA  1 
ATOM   876  C  C   . ASN A 1 111 ? 1.398   -6.189  -14.915 1.00 47.92  ? 150 ASN A C   1 
ATOM   877  O  O   . ASN A 1 111 ? 0.989   -5.675  -15.957 1.00 47.35  ? 150 ASN A O   1 
ATOM   878  C  CB  . ASN A 1 111 ? 3.331   -4.568  -14.758 1.00 46.98  ? 150 ASN A CB  1 
ATOM   879  C  CG  . ASN A 1 111 ? 4.555   -5.411  -15.065 1.00 48.71  ? 150 ASN A CG  1 
ATOM   880  O  OD1 . ASN A 1 111 ? 5.548   -4.869  -15.536 1.00 59.71  ? 150 ASN A OD1 1 
ATOM   881  N  ND2 . ASN A 1 111 ? 4.528   -6.699  -14.778 1.00 44.98  ? 150 ASN A ND2 1 
ATOM   882  N  N   . LYS A 1 112 ? 1.073   -7.430  -14.539 1.00 51.34  ? 151 LYS A N   1 
ATOM   883  C  CA  . LYS A 1 112 ? 0.354   -8.373  -15.445 1.00 60.61  ? 151 LYS A CA  1 
ATOM   884  C  C   . LYS A 1 112 ? -0.806  -9.036  -14.703 1.00 65.32  ? 151 LYS A C   1 
ATOM   885  O  O   . LYS A 1 112 ? -0.594  -9.478  -13.566 1.00 68.18  ? 151 LYS A O   1 
ATOM   886  C  CB  . LYS A 1 112 ? 1.305   -9.451  -15.985 1.00 69.49  ? 151 LYS A CB  1 
ATOM   887  C  CG  . LYS A 1 112 ? 2.569   -8.933  -16.669 1.00 74.69  ? 151 LYS A CG  1 
ATOM   888  C  CD  . LYS A 1 112 ? 2.387   -8.525  -18.124 1.00 79.43  ? 151 LYS A CD  1 
ATOM   889  C  CE  . LYS A 1 112 ? 3.698   -8.185  -18.804 1.00 79.02  ? 151 LYS A CE  1 
ATOM   890  N  NZ  . LYS A 1 112 ? 3.482   -7.636  -20.165 1.00 81.17  ? 151 LYS A NZ  1 
ATOM   891  N  N   . LEU A 1 113 ? -1.984  -9.097  -15.333 1.00 74.09  ? 152 LEU A N   1 
ATOM   892  C  CA  . LEU A 1 113 ? -3.142  -9.899  -14.849 1.00 77.54  ? 152 LEU A CA  1 
ATOM   893  C  C   . LEU A 1 113 ? -2.625  -11.310 -14.525 1.00 82.77  ? 152 LEU A C   1 
ATOM   894  O  O   . LEU A 1 113 ? -1.968  -11.913 -15.392 1.00 81.54  ? 152 LEU A O   1 
ATOM   895  C  CB  . LEU A 1 113 ? -4.295  -9.897  -15.870 1.00 78.66  ? 152 LEU A CB  1 
ATOM   896  C  CG  . LEU A 1 113 ? -3.977  -9.781  -17.371 1.00 81.93  ? 152 LEU A CG  1 
ATOM   897  C  CD1 . LEU A 1 113 ? -3.763  -8.333  -17.809 1.00 80.70  ? 152 LEU A CD1 1 
ATOM   898  C  CD2 . LEU A 1 113 ? -2.803  -10.656 -17.813 1.00 86.41  ? 152 LEU A CD2 1 
ATOM   899  N  N   . ASN A 1 114 ? -2.836  -11.782 -13.293 1.00 85.95  ? 153 ASN A N   1 
ATOM   900  C  CA  . ASN A 1 114 ? -2.087  -12.939 -12.731 1.00 93.13  ? 153 ASN A CA  1 
ATOM   901  C  C   . ASN A 1 114 ? -2.990  -13.779 -11.826 1.00 94.20  ? 153 ASN A C   1 
ATOM   902  O  O   . ASN A 1 114 ? -4.005  -13.240 -11.338 1.00 98.53  ? 153 ASN A O   1 
ATOM   903  C  CB  . ASN A 1 114 ? -0.837  -12.487 -11.970 1.00 96.83  ? 153 ASN A CB  1 
ATOM   904  C  CG  . ASN A 1 114 ? 0.327   -12.131 -12.875 1.00 102.41 ? 153 ASN A CG  1 
ATOM   905  O  OD1 . ASN A 1 114 ? 0.455   -12.638 -13.993 1.00 103.30 ? 153 ASN A OD1 1 
ATOM   906  N  ND2 . ASN A 1 114 ? 1.187   -11.248 -12.399 1.00 99.83  ? 153 ASN A ND2 1 
ATOM   907  N  N   . GLY A 1 115 ? -2.574  -15.033 -11.596 1.00 96.33  ? 154 GLY A N   1 
ATOM   908  C  CA  . GLY A 1 115 ? -3.336  -16.114 -10.936 1.00 95.92  ? 154 GLY A CA  1 
ATOM   909  C  C   . GLY A 1 115 ? -4.118  -15.633 -9.731  1.00 89.15  ? 154 GLY A C   1 
ATOM   910  O  O   . GLY A 1 115 ? -5.307  -15.306 -9.889  1.00 84.19  ? 154 GLY A O   1 
ATOM   911  N  N   . GLY A 1 116 ? -3.481  -15.613 -8.563  1.00 87.73  ? 155 GLY A N   1 
ATOM   912  C  CA  . GLY A 1 116 ? -4.119  -15.198 -7.300  1.00 83.10  ? 155 GLY A CA  1 
ATOM   913  C  C   . GLY A 1 116 ? -3.127  -14.538 -6.368  1.00 75.17  ? 155 GLY A C   1 
ATOM   914  O  O   . GLY A 1 116 ? -1.932  -14.839 -6.460  1.00 75.07  ? 155 GLY A O   1 
ATOM   915  N  N   . GLY A 1 117 ? -3.618  -13.682 -5.483  1.00 72.50  ? 156 GLY A N   1 
ATOM   916  C  CA  . GLY A 1 117 ? -2.796  -12.930 -4.519  1.00 72.80  ? 156 GLY A CA  1 
ATOM   917  C  C   . GLY A 1 117 ? -2.333  -11.616 -5.117  1.00 63.49  ? 156 GLY A C   1 
ATOM   918  O  O   . GLY A 1 117 ? -2.852  -10.573 -4.684  1.00 65.12  ? 156 GLY A O   1 
ATOM   919  N  N   . GLN A 1 118 ? -1.428  -11.665 -6.104  1.00 56.07  ? 157 GLN A N   1 
ATOM   920  C  CA  . GLN A 1 118 ? -0.683  -10.477 -6.613  1.00 50.96  ? 157 GLN A CA  1 
ATOM   921  C  C   . GLN A 1 118 ? -1.677  -9.373  -6.978  1.00 47.77  ? 157 GLN A C   1 
ATOM   922  O  O   . GLN A 1 118 ? -2.733  -9.679  -7.495  1.00 46.62  ? 157 GLN A O   1 
ATOM   923  C  CB  . GLN A 1 118 ? 0.147   -10.758 -7.872  1.00 52.19  ? 157 GLN A CB  1 
ATOM   924  C  CG  . GLN A 1 118 ? 1.206   -11.826 -7.708  1.00 58.18  ? 157 GLN A CG  1 
ATOM   925  C  CD  . GLN A 1 118 ? 0.871   -13.063 -8.507  1.00 58.60  ? 157 GLN A CD  1 
ATOM   926  O  OE1 . GLN A 1 118 ? 1.654   -13.505 -9.335  1.00 67.89  ? 157 GLN A OE1 1 
ATOM   927  N  NE2 . GLN A 1 118 ? -0.299  -13.627 -8.269  1.00 55.30  ? 157 GLN A NE2 1 
ATOM   928  N  N   . ILE A 1 119 ? -1.314  -8.125  -6.717  1.00 42.98  ? 158 ILE A N   1 
ATOM   929  C  CA  . ILE A 1 119 ? -2.146  -6.944  -7.044  1.00 38.52  ? 158 ILE A CA  1 
ATOM   930  C  C   . ILE A 1 119 ? -1.499  -6.256  -8.237  1.00 38.54  ? 158 ILE A C   1 
ATOM   931  O  O   . ILE A 1 119 ? -0.346  -5.833  -8.132  1.00 38.64  ? 158 ILE A O   1 
ATOM   932  C  CB  . ILE A 1 119 ? -2.206  -6.004  -5.835  1.00 39.93  ? 158 ILE A CB  1 
ATOM   933  C  CG1 . ILE A 1 119 ? -2.886  -6.685  -4.647  1.00 42.30  ? 158 ILE A CG1 1 
ATOM   934  C  CG2 . ILE A 1 119 ? -2.826  -4.678  -6.238  1.00 38.50  ? 158 ILE A CG2 1 
ATOM   935  C  CD1 . ILE A 1 119 ? -4.237  -7.318  -4.958  1.00 41.31  ? 158 ILE A CD1 1 
ATOM   936  N  N   . MET A 1 120 ? -2.251  -6.145  -9.334  0.64 43.82  ? 159 MET A N   1 
ATOM   937  C  CA  . MET A 1 120 ? -1.795  -5.547  -10.614 0.64 47.37  ? 159 MET A CA  1 
ATOM   938  C  C   . MET A 1 120 ? -1.912  -4.025  -10.516 0.64 45.51  ? 159 MET A C   1 
ATOM   939  O  O   . MET A 1 120 ? -2.978  -3.531  -10.096 0.64 44.96  ? 159 MET A O   1 
ATOM   940  C  CB  . MET A 1 120 ? -2.642  -6.053  -11.786 0.64 53.29  ? 159 MET A CB  1 
ATOM   941  C  CG  . MET A 1 120 ? -2.119  -5.629  -13.150 0.64 58.77  ? 159 MET A CG  1 
ATOM   942  S  SD  . MET A 1 120 ? -3.152  -6.273  -14.487 0.64 67.30  ? 159 MET A SD  1 
ATOM   943  C  CE  . MET A 1 120 ? -4.477  -5.065  -14.501 0.64 68.98  ? 159 MET A CE  1 
ATOM   944  N  N   . LEU A 1 121 ? -0.845  -3.313  -10.877 0.64 45.02  ? 160 LEU A N   1 
ATOM   945  C  CA  . LEU A 1 121 ? -0.813  -1.831  -10.902 0.64 44.09  ? 160 LEU A CA  1 
ATOM   946  C  C   . LEU A 1 121 ? -0.524  -1.357  -12.328 0.64 49.04  ? 160 LEU A C   1 
ATOM   947  O  O   . LEU A 1 121 ? 0.079   -2.126  -13.104 0.64 49.50  ? 160 LEU A O   1 
ATOM   948  C  CB  . LEU A 1 121 ? 0.248   -1.333  -9.917  0.64 42.96  ? 160 LEU A CB  1 
ATOM   949  C  CG  . LEU A 1 121 ? 0.031   -1.714  -8.453  0.64 39.77  ? 160 LEU A CG  1 
ATOM   950  C  CD1 . LEU A 1 121 ? 1.131   -1.143  -7.573  0.64 37.76  ? 160 LEU A CD1 1 
ATOM   951  C  CD2 . LEU A 1 121 ? -1.333  -1.255  -7.954  0.64 41.01  ? 160 LEU A CD2 1 
ATOM   952  N  N   . ASN A 1 122 ? -0.972  -0.140  -12.644 0.64 53.73  ? 161 ASN A N   1 
ATOM   953  C  CA  . ASN A 1 122 ? -0.656  0.607   -13.889 0.64 54.73  ? 161 ASN A CA  1 
ATOM   954  C  C   . ASN A 1 122 ? 0.768   1.159   -13.735 0.64 55.00  ? 161 ASN A C   1 
ATOM   955  O  O   . ASN A 1 122 ? 1.003   1.941   -12.795 0.64 52.33  ? 161 ASN A O   1 
ATOM   956  C  CB  . ASN A 1 122 ? -1.704  1.703   -14.130 0.64 58.07  ? 161 ASN A CB  1 
ATOM   957  C  CG  . ASN A 1 122 ? -2.002  1.988   -15.589 0.64 59.23  ? 161 ASN A CG  1 
ATOM   958  O  OD1 . ASN A 1 122 ? -1.285  1.538   -16.480 0.64 61.32  ? 161 ASN A OD1 1 
ATOM   959  N  ND2 . ASN A 1 122 ? -3.059  2.749   -15.834 0.64 59.92  ? 161 ASN A ND2 1 
ATOM   960  N  N   . SER A 1 123 ? 1.699   0.753   -14.598 0.64 53.86  ? 162 SER A N   1 
ATOM   961  C  CA  . SER A 1 123 ? 3.138   1.111   -14.480 0.64 50.22  ? 162 SER A CA  1 
ATOM   962  C  C   . SER A 1 123 ? 3.337   2.620   -14.704 0.64 45.60  ? 162 SER A C   1 
ATOM   963  O  O   . SER A 1 123 ? 2.637   3.180   -15.555 0.64 44.62  ? 162 SER A O   1 
ATOM   964  C  CB  . SER A 1 123 ? 3.973   0.282   -15.424 0.64 54.46  ? 162 SER A CB  1 
ATOM   965  O  OG  . SER A 1 123 ? 5.245   0.026   -14.851 0.64 56.38  ? 162 SER A OG  1 
ATOM   966  N  N   . LEU A 1 124 ? 4.251   3.240   -13.942 0.64 42.54  ? 163 LEU A N   1 
ATOM   967  C  CA  . LEU A 1 124 ? 4.599   4.696   -13.949 0.64 41.20  ? 163 LEU A CA  1 
ATOM   968  C  C   . LEU A 1 124 ? 3.413   5.572   -13.495 0.64 39.74  ? 163 LEU A C   1 
ATOM   969  O  O   . LEU A 1 124 ? 3.441   6.801   -13.759 0.64 35.91  ? 163 LEU A O   1 
ATOM   970  C  CB  . LEU A 1 124 ? 5.102   5.108   -15.339 0.64 44.90  ? 163 LEU A CB  1 
ATOM   971  C  CG  . LEU A 1 124 ? 6.438   4.500   -15.780 0.64 45.95  ? 163 LEU A CG  1 
ATOM   972  C  CD1 . LEU A 1 124 ? 6.987   5.237   -16.991 0.64 47.30  ? 163 LEU A CD1 1 
ATOM   973  C  CD2 . LEU A 1 124 ? 7.470   4.518   -14.661 0.64 45.52  ? 163 LEU A CD2 1 
ATOM   974  N  N   . HIS A 1 125 ? 2.454   4.981   -12.779 1.00 35.08  ? 164 HIS A N   1 
ATOM   975  C  CA  . HIS A 1 125 ? 1.346   5.700   -12.095 1.00 36.68  ? 164 HIS A CA  1 
ATOM   976  C  C   . HIS A 1 125 ? 1.706   5.780   -10.610 1.00 36.66  ? 164 HIS A C   1 
ATOM   977  O  O   . HIS A 1 125 ? 2.456   4.886   -10.091 1.00 30.16  ? 164 HIS A O   1 
ATOM   978  C  CB  . HIS A 1 125 ? 0.008   5.036   -12.385 1.00 38.94  ? 164 HIS A CB  1 
ATOM   979  C  CG  . HIS A 1 125 ? -0.408  5.297   -13.791 1.00 44.59  ? 164 HIS A CG  1 
ATOM   980  N  ND1 . HIS A 1 125 ? 0.310   4.804   -14.878 1.00 48.68  ? 164 HIS A ND1 1 
ATOM   981  C  CD2 . HIS A 1 125 ? -1.419  6.042   -14.297 1.00 45.56  ? 164 HIS A CD2 1 
ATOM   982  C  CE1 . HIS A 1 125 ? -0.264  5.220   -16.007 1.00 46.16  ? 164 HIS A CE1 1 
ATOM   983  N  NE2 . HIS A 1 125 ? -1.340  5.964   -15.677 1.00 47.77  ? 164 HIS A NE2 1 
ATOM   984  N  N   . LYS A 1 126 ? 1.240   6.853   -9.984  1.00 31.46  ? 165 LYS A N   1 
ATOM   985  C  CA  . LYS A 1 126 ? 1.475   7.176   -8.581  1.00 33.45  ? 165 LYS A CA  1 
ATOM   986  C  C   . LYS A 1 126 ? 0.299   6.603   -7.782  1.00 34.33  ? 165 LYS A C   1 
ATOM   987  O  O   . LYS A 1 126 ? -0.845  6.814   -8.197  1.00 29.62  ? 165 LYS A O   1 
ATOM   988  C  CB  . LYS A 1 126 ? 1.598   8.685   -8.478  1.00 36.26  ? 165 LYS A CB  1 
ATOM   989  C  CG  . LYS A 1 126 ? 1.926   9.204   -7.097  1.00 42.14  ? 165 LYS A CG  1 
ATOM   990  C  CD  . LYS A 1 126 ? 2.236   10.675  -7.091  1.00 44.28  ? 165 LYS A CD  1 
ATOM   991  C  CE  . LYS A 1 126 ? 3.690   10.965  -7.378  1.00 48.39  ? 165 LYS A CE  1 
ATOM   992  N  NZ  . LYS A 1 126 ? 4.034   12.372  -7.071  1.00 46.89  ? 165 LYS A NZ  1 
ATOM   993  N  N   . TYR A 1 127 ? 0.577   6.008   -6.631  1.00 29.17  ? 166 TYR A N   1 
ATOM   994  C  CA  . TYR A 1 127 ? -0.418  5.230   -5.854  1.00 27.39  ? 166 TYR A CA  1 
ATOM   995  C  C   . TYR A 1 127 ? -0.334  5.662   -4.404  1.00 27.75  ? 166 TYR A C   1 
ATOM   996  O  O   . TYR A 1 127 ? 0.780   5.991   -3.906  1.00 28.12  ? 166 TYR A O   1 
ATOM   997  C  CB  . TYR A 1 127 ? -0.248  3.713   -6.023  1.00 30.25  ? 166 TYR A CB  1 
ATOM   998  C  CG  . TYR A 1 127 ? -0.670  3.197   -7.373  1.00 30.12  ? 166 TYR A CG  1 
ATOM   999  C  CD1 . TYR A 1 127 ? -1.995  2.945   -7.677  1.00 31.55  ? 166 TYR A CD1 1 
ATOM   1000 C  CD2 . TYR A 1 127 ? 0.272   2.982   -8.366  1.00 34.20  ? 166 TYR A CD2 1 
ATOM   1001 C  CE1 . TYR A 1 127 ? -2.387  2.502   -8.927  1.00 34.53  ? 166 TYR A CE1 1 
ATOM   1002 C  CE2 . TYR A 1 127 ? -0.105  2.545   -9.622  1.00 32.93  ? 166 TYR A CE2 1 
ATOM   1003 C  CZ  . TYR A 1 127 ? -1.432  2.308   -9.902  1.00 36.90  ? 166 TYR A CZ  1 
ATOM   1004 O  OH  . TYR A 1 127 ? -1.766  1.871   -11.142 1.00 41.98  ? 166 TYR A OH  1 
ATOM   1005 N  N   . GLU A 1 128 ? -1.502  5.633   -3.760  1.00 29.45  ? 167 GLU A N   1 
ATOM   1006 C  CA  . GLU A 1 128 ? -1.656  5.900   -2.316  1.00 28.65  ? 167 GLU A CA  1 
ATOM   1007 C  C   . GLU A 1 128 ? -2.274  4.668   -1.687  1.00 27.58  ? 167 GLU A C   1 
ATOM   1008 O  O   . GLU A 1 128 ? -3.440  4.353   -1.914  1.00 27.97  ? 167 GLU A O   1 
ATOM   1009 C  CB  . GLU A 1 128 ? -2.568  7.108   -2.053  1.00 28.85  ? 167 GLU A CB  1 
ATOM   1010 C  CG  . GLU A 1 128 ? -2.580  7.472   -0.594  1.00 29.85  ? 167 GLU A CG  1 
ATOM   1011 C  CD  . GLU A 1 128 ? -3.219  8.845   -0.392  1.00 28.24  ? 167 GLU A CD  1 
ATOM   1012 O  OE1 . GLU A 1 128 ? -4.413  8.881   -0.457  1.00 29.58  ? 167 GLU A OE1 1 
ATOM   1013 O  OE2 . GLU A 1 128 ? -2.487  9.783   -0.224  1.00 26.00  ? 167 GLU A OE2 1 
ATOM   1014 N  N   . PRO A 1 129 ? -1.479  3.875   -0.941  1.00 26.48  ? 168 PRO A N   1 
ATOM   1015 C  CA  . PRO A 1 129 ? -2.020  2.759   -0.194  1.00 28.07  ? 168 PRO A CA  1 
ATOM   1016 C  C   . PRO A 1 129 ? -3.154  3.181   0.753   1.00 27.23  ? 168 PRO A C   1 
ATOM   1017 O  O   . PRO A 1 129 ? -3.116  4.269   1.318   1.00 29.51  ? 168 PRO A O   1 
ATOM   1018 C  CB  . PRO A 1 129 ? -0.824  2.240   0.634   1.00 27.32  ? 168 PRO A CB  1 
ATOM   1019 C  CG  . PRO A 1 129 ? 0.353   2.647   -0.246  1.00 27.00  ? 168 PRO A CG  1 
ATOM   1020 C  CD  . PRO A 1 129 ? -0.025  4.011   -0.803  1.00 28.23  ? 168 PRO A CD  1 
ATOM   1021 N  N   . ARG A 1 130 ? -4.113  2.274   0.871   1.00 27.68  ? 169 ARG A N   1 
ATOM   1022 C  CA  . ARG A 1 130 ? -5.345  2.460   1.657   1.00 29.48  ? 169 ARG A CA  1 
ATOM   1023 C  C   . ARG A 1 130 ? -5.752  1.106   2.247   1.00 30.63  ? 169 ARG A C   1 
ATOM   1024 O  O   . ARG A 1 130 ? -5.699  0.070   1.558   1.00 30.03  ? 169 ARG A O   1 
ATOM   1025 C  CB  . ARG A 1 130 ? -6.405  3.083   0.744   1.00 30.93  ? 169 ARG A CB  1 
ATOM   1026 C  CG  . ARG A 1 130 ? -7.761  3.301   1.406   1.00 33.77  ? 169 ARG A CG  1 
ATOM   1027 C  CD  . ARG A 1 130 ? -8.664  3.922   0.349   1.00 31.31  ? 169 ARG A CD  1 
ATOM   1028 N  NE  . ARG A 1 130 ? -9.051  2.967   -0.650  1.00 30.90  ? 169 ARG A NE  1 
ATOM   1029 C  CZ  . ARG A 1 130 ? -9.938  3.177   -1.596  1.00 31.34  ? 169 ARG A CZ  1 
ATOM   1030 N  NH1 . ARG A 1 130 ? -10.517 4.363   -1.729  1.00 32.30  ? 169 ARG A NH1 1 
ATOM   1031 N  NH2 . ARG A 1 130 ? -10.263 2.197   -2.406  1.00 28.81  ? 169 ARG A NH2 1 
ATOM   1032 N  N   . ILE A 1 131 ? -6.179  1.109   3.490   1.00 29.15  ? 170 ILE A N   1 
ATOM   1033 C  CA  . ILE A 1 131 ? -6.725  -0.141  4.067   1.00 30.66  ? 170 ILE A CA  1 
ATOM   1034 C  C   . ILE A 1 131 ? -8.215  0.047   4.326   1.00 35.63  ? 170 ILE A C   1 
ATOM   1035 O  O   . ILE A 1 131 ? -8.714  1.230   4.446   1.00 30.29  ? 170 ILE A O   1 
ATOM   1036 C  CB  . ILE A 1 131 ? -5.940  -0.529  5.329   1.00 32.87  ? 170 ILE A CB  1 
ATOM   1037 C  CG1 . ILE A 1 131 ? -6.078  0.540   6.407   1.00 36.29  ? 170 ILE A CG1 1 
ATOM   1038 C  CG2 . ILE A 1 131 ? -4.484  -0.815  5.007   1.00 33.00  ? 170 ILE A CG2 1 
ATOM   1039 C  CD1 . ILE A 1 131 ? -5.755  0.055   7.796   1.00 42.80  ? 170 ILE A CD1 1 
ATOM   1040 N  N   . HIS A 1 132 ? -8.907  -1.077  4.382   1.00 32.74  ? 171 HIS A N   1 
ATOM   1041 C  CA  . HIS A 1 132 ? -10.294 -1.186  4.863   1.00 30.82  ? 171 HIS A CA  1 
ATOM   1042 C  C   . HIS A 1 132 ? -10.323 -2.166  6.020   1.00 33.31  ? 171 HIS A C   1 
ATOM   1043 O  O   . HIS A 1 132 ? -9.788  -3.284  5.868   1.00 31.86  ? 171 HIS A O   1 
ATOM   1044 C  CB  . HIS A 1 132 ? -11.175 -1.662  3.742   1.00 29.76  ? 171 HIS A CB  1 
ATOM   1045 C  CG  . HIS A 1 132 ? -10.940 -0.896  2.500   1.00 35.25  ? 171 HIS A CG  1 
ATOM   1046 N  ND1 . HIS A 1 132 ? -11.383 0.415   2.364   1.00 34.88  ? 171 HIS A ND1 1 
ATOM   1047 C  CD2 . HIS A 1 132 ? -10.336 -1.236  1.337   1.00 36.44  ? 171 HIS A CD2 1 
ATOM   1048 C  CE1 . HIS A 1 132 ? -11.076 0.839   1.153   1.00 35.61  ? 171 HIS A CE1 1 
ATOM   1049 N  NE2 . HIS A 1 132 ? -10.418 -0.149  0.509   1.00 38.35  ? 171 HIS A NE2 1 
ATOM   1050 N  N   . ILE A 1 133 ? -10.879 -1.739  7.139   1.00 34.14  ? 172 ILE A N   1 
ATOM   1051 C  CA  . ILE A 1 133 ? -11.113 -2.662  8.287   1.00 36.12  ? 172 ILE A CA  1 
ATOM   1052 C  C   . ILE A 1 133 ? -12.593 -3.008  8.252   1.00 37.04  ? 172 ILE A C   1 
ATOM   1053 O  O   . ILE A 1 133 ? -13.461 -2.070  8.395   1.00 35.43  ? 172 ILE A O   1 
ATOM   1054 C  CB  . ILE A 1 133 ? -10.663 -2.060  9.621   1.00 36.55  ? 172 ILE A CB  1 
ATOM   1055 C  CG1 . ILE A 1 133 ? -9.190  -1.699  9.610   1.00 33.68  ? 172 ILE A CG1 1 
ATOM   1056 C  CG2 . ILE A 1 133 ? -10.972 -3.033  10.736  1.00 34.90  ? 172 ILE A CG2 1 
ATOM   1057 C  CD1 . ILE A 1 133 ? -8.769  -0.810  10.746  1.00 34.99  ? 172 ILE A CD1 1 
ATOM   1058 N  N   . VAL A 1 134 ? -12.873 -4.282  7.952   1.00 37.31  ? 173 VAL A N   1 
ATOM   1059 C  CA  . VAL A 1 134 ? -14.248 -4.791  7.675   1.00 33.59  ? 173 VAL A CA  1 
ATOM   1060 C  C   . VAL A 1 134 ? -14.650 -5.666  8.880   1.00 36.84  ? 173 VAL A C   1 
ATOM   1061 O  O   . VAL A 1 134 ? -13.951 -6.687  9.155   1.00 36.00  ? 173 VAL A O   1 
ATOM   1062 C  CB  . VAL A 1 134 ? -14.368 -5.540  6.344   1.00 35.23  ? 173 VAL A CB  1 
ATOM   1063 C  CG1 . VAL A 1 134 ? -15.820 -5.903  6.058   1.00 37.16  ? 173 VAL A CG1 1 
ATOM   1064 C  CG2 . VAL A 1 134 ? -13.792 -4.749  5.144   1.00 37.51  ? 173 VAL A CG2 1 
ATOM   1065 N  N   . ARG A 1 135 ? -15.618 -5.189  9.653   1.00 37.29  ? 174 ARG A N   1 
ATOM   1066 C  CA  . ARG A 1 135 ? -16.255 -5.984  10.739  1.00 43.92  ? 174 ARG A CA  1 
ATOM   1067 C  C   . ARG A 1 135 ? -17.180 -7.001  10.083  1.00 42.44  ? 174 ARG A C   1 
ATOM   1068 O  O   . ARG A 1 135 ? -18.173 -6.576  9.474   1.00 44.37  ? 174 ARG A O   1 
ATOM   1069 C  CB  . ARG A 1 135 ? -17.012 -5.071  11.711  1.00 50.82  ? 174 ARG A CB  1 
ATOM   1070 C  CG  . ARG A 1 135 ? -17.425 -5.771  12.994  1.00 55.05  ? 174 ARG A CG  1 
ATOM   1071 C  CD  . ARG A 1 135 ? -18.216 -4.848  13.884  1.00 62.58  ? 174 ARG A CD  1 
ATOM   1072 N  NE  . ARG A 1 135 ? -18.720 -5.623  15.008  1.00 69.80  ? 174 ARG A NE  1 
ATOM   1073 C  CZ  . ARG A 1 135 ? -18.976 -5.140  16.220  1.00 71.20  ? 174 ARG A CZ  1 
ATOM   1074 N  NH1 . ARG A 1 135 ? -18.780 -3.862  16.500  1.00 73.43  ? 174 ARG A NH1 1 
ATOM   1075 N  NH2 . ARG A 1 135 ? -19.418 -5.951  17.163  1.00 68.97  ? 174 ARG A NH2 1 
ATOM   1076 N  N   . VAL A 1 136 ? -16.868 -8.290  10.262  1.00 50.28  ? 175 VAL A N   1 
ATOM   1077 C  CA  . VAL A 1 136 ? -17.502 -9.438  9.554   1.00 50.93  ? 175 VAL A CA  1 
ATOM   1078 C  C   . VAL A 1 136 ? -18.211 -10.340 10.580  1.00 62.76  ? 175 VAL A C   1 
ATOM   1079 O  O   . VAL A 1 136 ? -17.852 -10.306 11.793  1.00 57.66  ? 175 VAL A O   1 
ATOM   1080 C  CB  . VAL A 1 136 ? -16.434 -10.230 8.772   1.00 56.10  ? 175 VAL A CB  1 
ATOM   1081 C  CG1 . VAL A 1 136 ? -15.846 -9.423  7.617   1.00 61.26  ? 175 VAL A CG1 1 
ATOM   1082 C  CG2 . VAL A 1 136 ? -15.307 -10.732 9.667   1.00 54.88  ? 175 VAL A CG2 1 
ATOM   1083 N  N   . GLY A 1 137 ? -19.150 -11.163 10.116  1.00 70.98  ? 176 GLY A N   1 
ATOM   1084 C  CA  . GLY A 1 137 ? -19.775 -12.230 10.924  1.00 83.59  ? 176 GLY A CA  1 
ATOM   1085 C  C   . GLY A 1 137 ? -20.878 -11.695 11.818  1.00 89.33  ? 176 GLY A C   1 
ATOM   1086 O  O   . GLY A 1 137 ? -21.944 -12.357 11.903  1.00 92.98  ? 176 GLY A O   1 
ATOM   1087 N  N   . GLY A 1 138 ? -20.628 -10.547 12.463  1.00 85.40  ? 177 GLY A N   1 
ATOM   1088 C  CA  . GLY A 1 138 ? -21.593 -9.821  13.306  1.00 85.44  ? 177 GLY A CA  1 
ATOM   1089 C  C   . GLY A 1 138 ? -22.889 -9.523  12.560  1.00 86.53  ? 177 GLY A C   1 
ATOM   1090 O  O   . GLY A 1 138 ? -23.017 -9.794  11.363  1.00 68.32  ? 177 GLY A O   1 
ATOM   1091 N  N   . PRO A 1 139 ? -23.895 -8.959  13.262  1.00 93.90  ? 178 PRO A N   1 
ATOM   1092 C  CA  . PRO A 1 139 ? -25.156 -8.586  12.623  1.00 92.85  ? 178 PRO A CA  1 
ATOM   1093 C  C   . PRO A 1 139 ? -24.912 -7.390  11.689  1.00 92.98  ? 178 PRO A C   1 
ATOM   1094 O  O   . PRO A 1 139 ? -25.205 -7.499  10.503  1.00 81.36  ? 178 PRO A O   1 
ATOM   1095 C  CB  . PRO A 1 139 ? -26.084 -8.239  13.803  1.00 94.19  ? 178 PRO A CB  1 
ATOM   1096 C  CG  . PRO A 1 139 ? -25.156 -7.909  14.973  1.00 91.76  ? 178 PRO A CG  1 
ATOM   1097 C  CD  . PRO A 1 139 ? -23.849 -8.628  14.698  1.00 92.04  ? 178 PRO A CD  1 
ATOM   1098 N  N   . GLN A 1 140 ? -24.349 -6.315  12.261  1.00 95.22  ? 179 GLN A N   1 
ATOM   1099 C  CA  . GLN A 1 140 ? -24.026 -5.022  11.598  1.00 94.43  ? 179 GLN A CA  1 
ATOM   1100 C  C   . GLN A 1 140 ? -22.644 -5.147  10.950  1.00 76.19  ? 179 GLN A C   1 
ATOM   1101 O  O   . GLN A 1 140 ? -21.633 -4.976  11.651  1.00 72.47  ? 179 GLN A O   1 
ATOM   1102 C  CB  . GLN A 1 140 ? -24.100 -3.855  12.597  1.00 103.57 ? 179 GLN A CB  1 
ATOM   1103 C  CG  . GLN A 1 140 ? -23.019 -3.867  13.684  1.00 115.25 ? 179 GLN A CG  1 
ATOM   1104 C  CD  . GLN A 1 140 ? -23.446 -3.273  15.012  1.00 118.13 ? 179 GLN A CD  1 
ATOM   1105 O  OE1 . GLN A 1 140 ? -23.907 -2.133  15.093  1.00 113.06 ? 179 GLN A OE1 1 
ATOM   1106 N  NE2 . GLN A 1 140 ? -23.261 -4.040  16.079  1.00 110.44 ? 179 GLN A NE2 1 
ATOM   1107 N  N   . ARG A 1 141 ? -22.602 -5.444  9.653   1.00 62.18  ? 180 ARG A N   1 
ATOM   1108 C  CA  . ARG A 1 141 ? -21.382 -5.239  8.826   1.00 59.35  ? 180 ARG A CA  1 
ATOM   1109 C  C   . ARG A 1 141 ? -20.972 -3.754  8.951   1.00 55.19  ? 180 ARG A C   1 
ATOM   1110 O  O   . ARG A 1 141 ? -21.896 -2.923  9.032   1.00 47.40  ? 180 ARG A O   1 
ATOM   1111 C  CB  . ARG A 1 141 ? -21.691 -5.726  7.410   1.00 63.40  ? 180 ARG A CB  1 
ATOM   1112 C  CG  . ARG A 1 141 ? -20.661 -5.311  6.376   1.00 75.58  ? 180 ARG A CG  1 
ATOM   1113 C  CD  . ARG A 1 141 ? -20.661 -6.177  5.138   1.00 75.87  ? 180 ARG A CD  1 
ATOM   1114 N  NE  . ARG A 1 141 ? -19.492 -7.033  5.192   1.00 84.67  ? 180 ARG A NE  1 
ATOM   1115 C  CZ  . ARG A 1 141 ? -19.492 -8.358  5.110   1.00 88.35  ? 180 ARG A CZ  1 
ATOM   1116 N  NH1 . ARG A 1 141 ? -18.345 -9.016  5.175   1.00 74.60  ? 180 ARG A NH1 1 
ATOM   1117 N  NH2 . ARG A 1 141 ? -20.621 -9.022  4.924   1.00 94.98  ? 180 ARG A NH2 1 
ATOM   1118 N  N   . MET A 1 142 ? -19.662 -3.439  9.070   1.00 44.10  ? 181 MET A N   1 
ATOM   1119 C  CA  . MET A 1 142 ? -19.112 -2.053  9.114   1.00 42.11  ? 181 MET A CA  1 
ATOM   1120 C  C   . MET A 1 142 ? -17.731 -2.026  8.444   1.00 42.78  ? 181 MET A C   1 
ATOM   1121 O  O   . MET A 1 142 ? -16.944 -2.997  8.585   1.00 34.11  ? 181 MET A O   1 
ATOM   1122 C  CB  . MET A 1 142 ? -18.981 -1.516  10.543  1.00 42.04  ? 181 MET A CB  1 
ATOM   1123 C  CG  . MET A 1 142 ? -18.611 -0.017  10.655  1.00 47.16  ? 181 MET A CG  1 
ATOM   1124 S  SD  . MET A 1 142 ? -19.520 1.159   9.598   1.00 45.37  ? 181 MET A SD  1 
ATOM   1125 C  CE  . MET A 1 142 ? -18.572 2.661   9.849   1.00 56.76  ? 181 MET A CE  1 
ATOM   1126 N  N   . ILE A 1 143 ? -17.426 -0.916  7.780   1.00 39.13  ? 182 ILE A N   1 
ATOM   1127 C  CA  . ILE A 1 143 ? -16.118 -0.705  7.093   1.00 35.03  ? 182 ILE A CA  1 
ATOM   1128 C  C   . ILE A 1 143 ? -15.553 0.607   7.607   1.00 36.52  ? 182 ILE A C   1 
ATOM   1129 O  O   . ILE A 1 143 ? -16.321 1.628   7.626   1.00 35.17  ? 182 ILE A O   1 
ATOM   1130 C  CB  . ILE A 1 143 ? -16.261 -0.713  5.566   1.00 33.62  ? 182 ILE A CB  1 
ATOM   1131 C  CG1 . ILE A 1 143 ? -16.727 -2.076  5.078   1.00 35.29  ? 182 ILE A CG1 1 
ATOM   1132 C  CG2 . ILE A 1 143 ? -14.955 -0.263  4.884   1.00 34.63  ? 182 ILE A CG2 1 
ATOM   1133 C  CD1 . ILE A 1 143 ? -17.265 -2.065  3.694   1.00 40.91  ? 182 ILE A CD1 1 
ATOM   1134 N  N   . THR A 1 144 ? -14.293 0.590   8.029   1.00 35.47  ? 183 THR A N   1 
ATOM   1135 C  CA  . THR A 1 144 ? -13.525 1.840   8.279   1.00 39.44  ? 183 THR A CA  1 
ATOM   1136 C  C   . THR A 1 144 ? -12.341 1.829   7.304   1.00 37.32  ? 183 THR A C   1 
ATOM   1137 O  O   . THR A 1 144 ? -11.651 0.773   7.211   1.00 31.46  ? 183 THR A O   1 
ATOM   1138 C  CB  . THR A 1 144 ? -13.137 2.047   9.743   1.00 42.21  ? 183 THR A CB  1 
ATOM   1139 O  OG1 . THR A 1 144 ? -12.000 1.255   10.061  1.00 71.61  ? 183 THR A OG1 1 
ATOM   1140 C  CG2 . THR A 1 144 ? -14.242 1.709   10.712  1.00 39.90  ? 183 THR A CG2 1 
ATOM   1141 N  N   . SER A 1 145 ? -12.120 2.950   6.629   1.00 34.98  ? 184 SER A N   1 
ATOM   1142 C  CA  . SER A 1 145 ? -11.043 3.076   5.625   1.00 30.95  ? 184 SER A CA  1 
ATOM   1143 C  C   . SER A 1 145 ? -10.049 4.108   6.098   1.00 36.33  ? 184 SER A C   1 
ATOM   1144 O  O   . SER A 1 145 ? -10.386 5.076   6.813   1.00 34.06  ? 184 SER A O   1 
ATOM   1145 C  CB  . SER A 1 145 ? -11.577 3.371   4.288   1.00 31.40  ? 184 SER A CB  1 
ATOM   1146 O  OG  . SER A 1 145 ? -12.430 2.304   3.887   1.00 33.07  ? 184 SER A OG  1 
ATOM   1147 N  N   . HIS A 1 146 ? -8.823  3.908   5.686   1.00 30.15  ? 185 HIS A N   1 
ATOM   1148 C  CA  . HIS A 1 146 ? -7.732  4.831   6.010   1.00 29.78  ? 185 HIS A CA  1 
ATOM   1149 C  C   . HIS A 1 146 ? -6.690  4.809   4.899   1.00 30.06  ? 185 HIS A C   1 
ATOM   1150 O  O   . HIS A 1 146 ? -6.206  3.725   4.513   1.00 34.51  ? 185 HIS A O   1 
ATOM   1151 C  CB  . HIS A 1 146 ? -7.130  4.489   7.361   1.00 32.00  ? 185 HIS A CB  1 
ATOM   1152 C  CG  . HIS A 1 146 ? -6.433  5.638   7.985   1.00 35.96  ? 185 HIS A CG  1 
ATOM   1153 N  ND1 . HIS A 1 146 ? -5.097  5.922   7.736   1.00 44.21  ? 185 HIS A ND1 1 
ATOM   1154 C  CD2 . HIS A 1 146 ? -6.863  6.562   8.853   1.00 40.55  ? 185 HIS A CD2 1 
ATOM   1155 C  CE1 . HIS A 1 146 ? -4.745  6.979   8.415   1.00 41.18  ? 185 HIS A CE1 1 
ATOM   1156 N  NE2 . HIS A 1 146 ? -5.811  7.394   9.107   1.00 43.40  ? 185 HIS A NE2 1 
ATOM   1157 N  N   A CYS A 1 147 ? -6.307  6.014   4.474   0.25 32.34  ? 186 CYS A N   1 
ATOM   1158 N  N   B CYS A 1 147 ? -6.312  5.974   4.374   0.25 30.85  ? 186 CYS A N   1 
ATOM   1159 C  CA  A CYS A 1 147 ? -5.233  6.296   3.487   0.25 31.00  ? 186 CYS A CA  1 
ATOM   1160 C  CA  B CYS A 1 147 ? -5.239  6.086   3.344   0.25 27.78  ? 186 CYS A CA  1 
ATOM   1161 C  C   A CYS A 1 147 ? -3.927  6.563   4.198   0.25 30.95  ? 186 CYS A C   1 
ATOM   1162 C  C   B CYS A 1 147 ? -4.003  6.709   3.998   0.25 28.16  ? 186 CYS A C   1 
ATOM   1163 O  O   A CYS A 1 147 ? -3.970  7.015   5.348   0.25 30.54  ? 186 CYS A O   1 
ATOM   1164 O  O   B CYS A 1 147 ? -4.168  7.489   4.939   0.25 26.36  ? 186 CYS A O   1 
ATOM   1165 C  CB  A CYS A 1 147 ? -5.550  7.563   2.719   0.25 33.54  ? 186 CYS A CB  1 
ATOM   1166 C  CB  B CYS A 1 147 ? -5.747  6.850   2.123   0.25 28.70  ? 186 CYS A CB  1 
ATOM   1167 S  SG  A CYS A 1 147 ? -6.970  7.308   1.646   0.25 28.93  ? 186 CYS A SG  1 
ATOM   1168 S  SG  B CYS A 1 147 ? -6.290  8.545   2.478   0.25 24.55  ? 186 CYS A SG  1 
ATOM   1169 N  N   . PHE A 1 148 ? -2.807  6.345   3.511   1.00 31.86  ? 187 PHE A N   1 
ATOM   1170 C  CA  . PHE A 1 148 ? -1.495  6.653   4.107   1.00 29.10  ? 187 PHE A CA  1 
ATOM   1171 C  C   . PHE A 1 148 ? -0.688  7.482   3.112   1.00 32.02  ? 187 PHE A C   1 
ATOM   1172 O  O   . PHE A 1 148 ? 0.121   6.953   2.339   1.00 31.46  ? 187 PHE A O   1 
ATOM   1173 C  CB  . PHE A 1 148 ? -0.819  5.331   4.468   1.00 32.16  ? 187 PHE A CB  1 
ATOM   1174 C  CG  . PHE A 1 148 ? -1.543  4.556   5.538   1.00 33.02  ? 187 PHE A CG  1 
ATOM   1175 C  CD1 . PHE A 1 148 ? -1.378  4.897   6.880   1.00 37.30  ? 187 PHE A CD1 1 
ATOM   1176 C  CD2 . PHE A 1 148 ? -2.460  3.575   5.196   1.00 34.11  ? 187 PHE A CD2 1 
ATOM   1177 C  CE1 . PHE A 1 148 ? -2.061  4.196   7.869   1.00 38.48  ? 187 PHE A CE1 1 
ATOM   1178 C  CE2 . PHE A 1 148 ? -3.130  2.865   6.190   1.00 38.26  ? 187 PHE A CE2 1 
ATOM   1179 C  CZ  . PHE A 1 148 ? -2.934  3.187   7.520   1.00 37.06  ? 187 PHE A CZ  1 
ATOM   1180 N  N   . PRO A 1 149 ? -0.923  8.810   3.044   1.00 32.72  ? 188 PRO A N   1 
ATOM   1181 C  CA  . PRO A 1 149 ? -0.157  9.650   2.131   1.00 30.18  ? 188 PRO A CA  1 
ATOM   1182 C  C   . PRO A 1 149 ? 1.368   9.513   2.249   1.00 32.28  ? 188 PRO A C   1 
ATOM   1183 O  O   . PRO A 1 149 ? 2.029   9.716   1.266   1.00 30.00  ? 188 PRO A O   1 
ATOM   1184 C  CB  . PRO A 1 149 ? -0.565  11.092  2.534   1.00 32.02  ? 188 PRO A CB  1 
ATOM   1185 C  CG  . PRO A 1 149 ? -1.892  10.961  3.242   1.00 38.08  ? 188 PRO A CG  1 
ATOM   1186 C  CD  . PRO A 1 149 ? -1.986  9.536   3.746   1.00 34.57  ? 188 PRO A CD  1 
ATOM   1187 N  N   . GLU A 1 150 ? 1.868   9.232   3.457   1.00 31.32  ? 189 GLU A N   1 
ATOM   1188 C  CA  . GLU A 1 150 ? 3.315   9.047   3.745   1.00 33.65  ? 189 GLU A CA  1 
ATOM   1189 C  C   . GLU A 1 150 ? 3.882   7.905   2.882   1.00 31.23  ? 189 GLU A C   1 
ATOM   1190 O  O   . GLU A 1 150 ? 5.105   7.856   2.720   1.00 30.55  ? 189 GLU A O   1 
ATOM   1191 C  CB  . GLU A 1 150 ? 3.466   8.805   5.250   1.00 39.82  ? 189 GLU A CB  1 
ATOM   1192 C  CG  . GLU A 1 150 ? 2.553   9.708   6.094   1.00 45.12  ? 189 GLU A CG  1 
ATOM   1193 C  CD  . GLU A 1 150 ? 1.316   9.097   6.766   1.00 45.76  ? 189 GLU A CD  1 
ATOM   1194 O  OE1 . GLU A 1 150 ? 1.236   9.266   8.015   1.00 59.34  ? 189 GLU A OE1 1 
ATOM   1195 O  OE2 . GLU A 1 150 ? 0.438   8.447   6.099   1.00 29.99  ? 189 GLU A OE2 1 
ATOM   1196 N  N   . THR A 1 151 ? 3.029   7.006   2.382   1.00 29.68  ? 190 THR A N   1 
ATOM   1197 C  CA  . THR A 1 151 ? 3.424   5.716   1.757   1.00 30.08  ? 190 THR A CA  1 
ATOM   1198 C  C   . THR A 1 151 ? 3.234   5.764   0.247   1.00 28.89  ? 190 THR A C   1 
ATOM   1199 O  O   . THR A 1 151 ? 3.312   4.697   -0.397  1.00 29.57  ? 190 THR A O   1 
ATOM   1200 C  CB  . THR A 1 151 ? 2.663   4.537   2.374   1.00 31.96  ? 190 THR A CB  1 
ATOM   1201 O  OG1 . THR A 1 151 ? 1.278   4.550   2.009   1.00 28.61  ? 190 THR A OG1 1 
ATOM   1202 C  CG2 . THR A 1 151 ? 2.836   4.517   3.877   1.00 32.35  ? 190 THR A CG2 1 
ATOM   1203 N  N   . GLN A 1 152 ? 2.835   6.932   -0.275  1.00 27.71  ? 191 GLN A N   1 
ATOM   1204 C  CA  . GLN A 1 152 ? 2.697   7.128   -1.731  1.00 27.94  ? 191 GLN A CA  1 
ATOM   1205 C  C   . GLN A 1 152 ? 3.956   6.677   -2.467  1.00 29.25  ? 191 GLN A C   1 
ATOM   1206 O  O   . GLN A 1 152 ? 5.081   6.931   -1.988  1.00 34.68  ? 191 GLN A O   1 
ATOM   1207 C  CB  . GLN A 1 152 ? 2.417   8.594   -2.072  1.00 31.69  ? 191 GLN A CB  1 
ATOM   1208 C  CG  . GLN A 1 152 ? 0.953   8.908   -1.831  1.00 36.55  ? 191 GLN A CG  1 
ATOM   1209 C  CD  . GLN A 1 152 ? 0.693   10.311  -2.294  1.00 48.20  ? 191 GLN A CD  1 
ATOM   1210 O  OE1 . GLN A 1 152 ? 1.318   10.754  -3.260  1.00 44.82  ? 191 GLN A OE1 1 
ATOM   1211 N  NE2 . GLN A 1 152 ? -0.165  11.009  -1.557  1.00 48.34  ? 191 GLN A NE2 1 
ATOM   1212 N  N   . PHE A 1 153 ? 3.753   6.062   -3.613  1.00 30.38  ? 192 PHE A N   1 
ATOM   1213 C  CA  . PHE A 1 153 ? 4.877   5.693   -4.486  1.00 30.41  ? 192 PHE A CA  1 
ATOM   1214 C  C   . PHE A 1 153 ? 4.458   5.693   -5.943  1.00 31.26  ? 192 PHE A C   1 
ATOM   1215 O  O   . PHE A 1 153 ? 3.292   5.607   -6.280  1.00 32.38  ? 192 PHE A O   1 
ATOM   1216 C  CB  . PHE A 1 153 ? 5.378   4.289   -4.112  1.00 29.03  ? 192 PHE A CB  1 
ATOM   1217 C  CG  . PHE A 1 153 ? 4.364   3.211   -4.278  1.00 26.52  ? 192 PHE A CG  1 
ATOM   1218 C  CD1 . PHE A 1 153 ? 4.211   2.555   -5.486  1.00 28.79  ? 192 PHE A CD1 1 
ATOM   1219 C  CD2 . PHE A 1 153 ? 3.541   2.861   -3.220  1.00 26.69  ? 192 PHE A CD2 1 
ATOM   1220 C  CE1 . PHE A 1 153 ? 3.255   1.563   -5.634  1.00 30.07  ? 192 PHE A CE1 1 
ATOM   1221 C  CE2 . PHE A 1 153 ? 2.568   1.888   -3.383  1.00 28.12  ? 192 PHE A CE2 1 
ATOM   1222 C  CZ  . PHE A 1 153 ? 2.425   1.241   -4.584  1.00 30.11  ? 192 PHE A CZ  1 
ATOM   1223 N  N   . ILE A 1 154 ? 5.472   5.669   -6.812  1.00 30.93  ? 193 ILE A N   1 
ATOM   1224 C  CA  . ILE A 1 154 ? 5.299   5.439   -8.268  1.00 30.52  ? 193 ILE A CA  1 
ATOM   1225 C  C   . ILE A 1 154 ? 5.734   4.009   -8.519  1.00 33.11  ? 193 ILE A C   1 
ATOM   1226 O  O   . ILE A 1 154 ? 6.792   3.647   -7.962  1.00 34.81  ? 193 ILE A O   1 
ATOM   1227 C  CB  . ILE A 1 154 ? 6.121   6.450   -9.084  1.00 33.98  ? 193 ILE A CB  1 
ATOM   1228 C  CG1 . ILE A 1 154 ? 5.717   7.889   -8.737  1.00 35.07  ? 193 ILE A CG1 1 
ATOM   1229 C  CG2 . ILE A 1 154 ? 6.004   6.130   -10.563 1.00 34.75  ? 193 ILE A CG2 1 
ATOM   1230 C  CD1 . ILE A 1 154 ? 6.513   8.958   -9.462  1.00 39.56  ? 193 ILE A CD1 1 
ATOM   1231 N  N   . ALA A 1 155 ? 4.884   3.258   -9.208  1.00 31.13  ? 194 ALA A N   1 
ATOM   1232 C  CA  . ALA A 1 155 ? 5.111   1.872   -9.652  1.00 36.49  ? 194 ALA A CA  1 
ATOM   1233 C  C   . ALA A 1 155 ? 6.132   1.946   -10.796 1.00 36.91  ? 194 ALA A C   1 
ATOM   1234 O  O   . ALA A 1 155 ? 5.919   2.756   -11.710 1.00 36.14  ? 194 ALA A O   1 
ATOM   1235 C  CB  . ALA A 1 155 ? 3.799   1.262   -10.070 1.00 37.86  ? 194 ALA A CB  1 
ATOM   1236 N  N   . VAL A 1 156 ? 7.230   1.204   -10.692 1.00 35.88  ? 195 VAL A N   1 
ATOM   1237 C  CA  . VAL A 1 156 ? 8.339   1.211   -11.703 1.00 35.61  ? 195 VAL A CA  1 
ATOM   1238 C  C   . VAL A 1 156 ? 8.768   -0.228  -12.002 1.00 35.67  ? 195 VAL A C   1 
ATOM   1239 O  O   . VAL A 1 156 ? 8.679   -1.079  -11.106 1.00 35.56  ? 195 VAL A O   1 
ATOM   1240 C  CB  . VAL A 1 156 ? 9.511   2.098   -11.243 1.00 34.86  ? 195 VAL A CB  1 
ATOM   1241 C  CG1 . VAL A 1 156 ? 9.062   3.540   -11.010 1.00 34.90  ? 195 VAL A CG1 1 
ATOM   1242 C  CG2 . VAL A 1 156 ? 10.254  1.536   -10.034 1.00 35.11  ? 195 VAL A CG2 1 
ATOM   1243 N  N   . THR A 1 157 ? 9.253   -0.510  -13.218 1.00 36.01  ? 196 THR A N   1 
ATOM   1244 C  CA  . THR A 1 157 ? 9.826   -1.846  -13.534 1.00 41.20  ? 196 THR A CA  1 
ATOM   1245 C  C   . THR A 1 157 ? 11.302  -1.895  -13.106 1.00 39.86  ? 196 THR A C   1 
ATOM   1246 O  O   . THR A 1 157 ? 11.793  -3.018  -12.958 1.00 37.71  ? 196 THR A O   1 
ATOM   1247 C  CB  . THR A 1 157 ? 9.728   -2.216  -15.021 1.00 43.35  ? 196 THR A CB  1 
ATOM   1248 O  OG1 . THR A 1 157 ? 10.399  -1.176  -15.709 1.00 43.16  ? 196 THR A OG1 1 
ATOM   1249 C  CG2 . THR A 1 157 ? 8.318   -2.339  -15.539 1.00 44.49  ? 196 THR A CG2 1 
ATOM   1250 N  N   . ALA A 1 158 ? 11.969  -0.753  -12.911 1.00 39.02  ? 197 ALA A N   1 
ATOM   1251 C  CA  . ALA A 1 158 ? 13.326  -0.652  -12.303 1.00 41.47  ? 197 ALA A CA  1 
ATOM   1252 C  C   . ALA A 1 158 ? 13.477  0.709   -11.637 1.00 34.24  ? 197 ALA A C   1 
ATOM   1253 O  O   . ALA A 1 158 ? 12.849  1.648   -12.128 1.00 38.35  ? 197 ALA A O   1 
ATOM   1254 C  CB  . ALA A 1 158 ? 14.402  -0.854  -13.351 1.00 42.64  ? 197 ALA A CB  1 
ATOM   1255 N  N   . TYR A 1 159 ? 14.268  0.845   -10.568 1.00 34.89  ? 198 TYR A N   1 
ATOM   1256 C  CA  . TYR A 1 159 ? 14.440  2.154   -9.897  1.00 35.80  ? 198 TYR A CA  1 
ATOM   1257 C  C   . TYR A 1 159 ? 15.039  3.215   -10.839 1.00 44.69  ? 198 TYR A C   1 
ATOM   1258 O  O   . TYR A 1 159 ? 16.012  2.960   -11.556 1.00 36.87  ? 198 TYR A O   1 
ATOM   1259 C  CB  . TYR A 1 159 ? 15.265  2.046   -8.617  1.00 38.05  ? 198 TYR A CB  1 
ATOM   1260 C  CG  . TYR A 1 159 ? 14.624  1.219   -7.543  1.00 36.10  ? 198 TYR A CG  1 
ATOM   1261 C  CD1 . TYR A 1 159 ? 13.295  1.409   -7.185  1.00 37.58  ? 198 TYR A CD1 1 
ATOM   1262 C  CD2 . TYR A 1 159 ? 15.322  0.193   -6.938  1.00 39.19  ? 198 TYR A CD2 1 
ATOM   1263 C  CE1 . TYR A 1 159 ? 12.682  0.610   -6.237  1.00 37.77  ? 198 TYR A CE1 1 
ATOM   1264 C  CE2 . TYR A 1 159 ? 14.732  -0.612  -5.984  1.00 39.91  ? 198 TYR A CE2 1 
ATOM   1265 C  CZ  . TYR A 1 159 ? 13.424  -0.380  -5.613  1.00 42.69  ? 198 TYR A CZ  1 
ATOM   1266 O  OH  . TYR A 1 159 ? 12.873  -1.154  -4.663  1.00 42.10  ? 198 TYR A OH  1 
ATOM   1267 N  N   . GLN A 1 160 ? 14.521  4.446   -10.770 1.00 38.16  ? 199 GLN A N   1 
ATOM   1268 C  CA  . GLN A 1 160 ? 14.994  5.569   -11.606 1.00 34.95  ? 199 GLN A CA  1 
ATOM   1269 C  C   . GLN A 1 160 ? 15.905  6.465   -10.789 1.00 38.62  ? 199 GLN A C   1 
ATOM   1270 O  O   . GLN A 1 160 ? 16.928  6.866   -11.298 1.00 39.08  ? 199 GLN A O   1 
ATOM   1271 C  CB  . GLN A 1 160 ? 13.801  6.333   -12.177 1.00 39.27  ? 199 GLN A CB  1 
ATOM   1272 C  CG  . GLN A 1 160 ? 12.853  5.464   -12.980 1.00 43.97  ? 199 GLN A CG  1 
ATOM   1273 C  CD  . GLN A 1 160 ? 13.567  4.910   -14.177 1.00 48.47  ? 199 GLN A CD  1 
ATOM   1274 O  OE1 . GLN A 1 160 ? 14.110  5.662   -14.979 1.00 56.16  ? 199 GLN A OE1 1 
ATOM   1275 N  NE2 . GLN A 1 160 ? 13.595  3.592   -14.278 1.00 44.88  ? 199 GLN A NE2 1 
ATOM   1276 N  N   . ASN A 1 161 ? 15.527  6.761   -9.546  1.00 34.08  ? 200 ASN A N   1 
ATOM   1277 C  CA  . ASN A 1 161 ? 16.280  7.672   -8.677  1.00 35.54  ? 200 ASN A CA  1 
ATOM   1278 C  C   . ASN A 1 161 ? 17.207  6.788   -7.838  1.00 37.16  ? 200 ASN A C   1 
ATOM   1279 O  O   . ASN A 1 161 ? 16.719  6.046   -7.005  1.00 35.82  ? 200 ASN A O   1 
ATOM   1280 C  CB  . ASN A 1 161 ? 15.309  8.521   -7.869  1.00 37.43  ? 200 ASN A CB  1 
ATOM   1281 C  CG  . ASN A 1 161 ? 15.967  9.452   -6.895  1.00 37.08  ? 200 ASN A CG  1 
ATOM   1282 O  OD1 . ASN A 1 161 ? 17.173  9.572   -6.870  1.00 36.83  ? 200 ASN A OD1 1 
ATOM   1283 N  ND2 . ASN A 1 161 ? 15.157  10.143  -6.100  1.00 39.40  ? 200 ASN A ND2 1 
ATOM   1284 N  N   . GLU A 1 162 ? 18.517  6.883   -8.061  1.00 34.99  ? 201 GLU A N   1 
ATOM   1285 C  CA  . GLU A 1 162 ? 19.498  6.046   -7.326  1.00 33.99  ? 201 GLU A CA  1 
ATOM   1286 C  C   . GLU A 1 162 ? 19.417  6.370   -5.822  1.00 31.66  ? 201 GLU A C   1 
ATOM   1287 O  O   . GLU A 1 162 ? 19.791  5.531   -5.007  1.00 36.95  ? 201 GLU A O   1 
ATOM   1288 C  CB  . GLU A 1 162 ? 20.879  6.311   -7.958  1.00 39.86  ? 201 GLU A CB  1 
ATOM   1289 C  CG  . GLU A 1 162 ? 21.708  7.277   -7.154  1.00 50.25  ? 201 GLU A CG  1 
ATOM   1290 C  CD  . GLU A 1 162 ? 22.367  8.481   -7.809  1.00 67.00  ? 201 GLU A CD  1 
ATOM   1291 O  OE1 . GLU A 1 162 ? 23.608  8.666   -7.583  1.00 59.39  ? 201 GLU A OE1 1 
ATOM   1292 O  OE2 . GLU A 1 162 ? 21.636  9.287   -8.444  1.00 82.25  ? 201 GLU A OE2 1 
ATOM   1293 N  N   . GLU A 1 163 ? 18.974  7.571   -5.427  1.00 33.61  ? 202 GLU A N   1 
ATOM   1294 C  CA  . GLU A 1 163 ? 18.868  7.931   -3.991  1.00 36.30  ? 202 GLU A CA  1 
ATOM   1295 C  C   . GLU A 1 163 ? 17.853  6.990   -3.331  1.00 32.47  ? 202 GLU A C   1 
ATOM   1296 O  O   . GLU A 1 163 ? 18.022  6.677   -2.131  1.00 34.50  ? 202 GLU A O   1 
ATOM   1297 C  CB  . GLU A 1 163 ? 18.412  9.377   -3.766  1.00 36.79  ? 202 GLU A CB  1 
ATOM   1298 C  CG  . GLU A 1 163 ? 19.347  10.461  -4.249  1.00 42.88  ? 202 GLU A CG  1 
ATOM   1299 C  CD  . GLU A 1 163 ? 18.609  11.785  -4.432  1.00 53.20  ? 202 GLU A CD  1 
ATOM   1300 O  OE1 . GLU A 1 163 ? 19.152  12.823  -4.018  1.00 58.82  ? 202 GLU A OE1 1 
ATOM   1301 O  OE2 . GLU A 1 163 ? 17.450  11.764  -4.940  1.00 63.70  ? 202 GLU A OE2 1 
ATOM   1302 N  N   . ILE A 1 164 ? 16.813  6.583   -4.068  1.00 31.83  ? 203 ILE A N   1 
ATOM   1303 C  CA  . ILE A 1 164 ? 15.816  5.561   -3.625  1.00 31.92  ? 203 ILE A CA  1 
ATOM   1304 C  C   . ILE A 1 164 ? 16.511  4.191   -3.535  1.00 33.70  ? 203 ILE A C   1 
ATOM   1305 O  O   . ILE A 1 164 ? 16.350  3.473   -2.558  1.00 32.95  ? 203 ILE A O   1 
ATOM   1306 C  CB  . ILE A 1 164 ? 14.604  5.550   -4.569  1.00 31.48  ? 203 ILE A CB  1 
ATOM   1307 C  CG1 . ILE A 1 164 ? 13.784  6.829   -4.395  1.00 33.65  ? 203 ILE A CG1 1 
ATOM   1308 C  CG2 . ILE A 1 164 ? 13.748  4.310   -4.370  1.00 35.40  ? 203 ILE A CG2 1 
ATOM   1309 C  CD1 . ILE A 1 164 ? 13.049  6.868   -3.046  1.00 37.93  ? 203 ILE A CD1 1 
ATOM   1310 N  N   . THR A 1 165 ? 17.244  3.813   -4.569  1.00 33.67  ? 204 THR A N   1 
ATOM   1311 C  CA  . THR A 1 165 ? 17.997  2.538   -4.561  1.00 35.11  ? 204 THR A CA  1 
ATOM   1312 C  C   . THR A 1 165 ? 18.826  2.488   -3.289  1.00 31.54  ? 204 THR A C   1 
ATOM   1313 O  O   . THR A 1 165 ? 18.673  1.511   -2.567  1.00 35.90  ? 204 THR A O   1 
ATOM   1314 C  CB  . THR A 1 165 ? 18.836  2.373   -5.821  1.00 34.94  ? 204 THR A CB  1 
ATOM   1315 O  OG1 . THR A 1 165 ? 17.970  2.753   -6.891  1.00 34.16  ? 204 THR A OG1 1 
ATOM   1316 C  CG2 . THR A 1 165 ? 19.365  0.962   -5.964  1.00 37.00  ? 204 THR A CG2 1 
ATOM   1317 N  N   . ALA A 1 166 ? 19.567  3.553   -2.966  1.00 37.02  ? 205 ALA A N   1 
ATOM   1318 C  CA  . ALA A 1 166 ? 20.482  3.570   -1.806  1.00 38.57  ? 205 ALA A CA  1 
ATOM   1319 C  C   . ALA A 1 166 ? 19.669  3.419   -0.517  1.00 38.26  ? 205 ALA A C   1 
ATOM   1320 O  O   . ALA A 1 166 ? 20.105  2.715   0.400   1.00 32.05  ? 205 ALA A O   1 
ATOM   1321 C  CB  . ALA A 1 166 ? 21.317  4.828   -1.792  1.00 42.84  ? 205 ALA A CB  1 
ATOM   1322 N  N   . LEU A 1 167 ? 18.567  4.163   -0.372  1.00 38.33  ? 206 LEU A N   1 
ATOM   1323 C  CA  . LEU A 1 167 ? 17.756  4.088   0.870   1.00 34.16  ? 206 LEU A CA  1 
ATOM   1324 C  C   . LEU A 1 167 ? 17.195  2.691   1.058   1.00 31.28  ? 206 LEU A C   1 
ATOM   1325 O  O   . LEU A 1 167 ? 17.106  2.260   2.212   1.00 34.59  ? 206 LEU A O   1 
ATOM   1326 C  CB  . LEU A 1 167 ? 16.584  5.070   0.783   1.00 39.40  ? 206 LEU A CB  1 
ATOM   1327 C  CG  . LEU A 1 167 ? 16.649  6.348   1.604   1.00 46.78  ? 206 LEU A CG  1 
ATOM   1328 C  CD1 . LEU A 1 167 ? 15.215  6.790   1.922   1.00 45.77  ? 206 LEU A CD1 1 
ATOM   1329 C  CD2 . LEU A 1 167 ? 17.468  6.203   2.885   1.00 47.29  ? 206 LEU A CD2 1 
ATOM   1330 N  N   . LYS A 1 168 ? 16.680  2.074   -0.012  1.00 32.52  ? 207 LYS A N   1 
ATOM   1331 C  CA  . LYS A 1 168 ? 16.073  0.726   0.052   1.00 32.88  ? 207 LYS A CA  1 
ATOM   1332 C  C   . LYS A 1 168 ? 17.108  -0.268  0.626   1.00 40.74  ? 207 LYS A C   1 
ATOM   1333 O  O   . LYS A 1 168 ? 16.765  -1.070  1.547   1.00 38.78  ? 207 LYS A O   1 
ATOM   1334 C  CB  . LYS A 1 168 ? 15.598  0.244   -1.317  1.00 33.37  ? 207 LYS A CB  1 
ATOM   1335 C  CG  . LYS A 1 168 ? 14.498  1.084   -1.954  1.00 37.00  ? 207 LYS A CG  1 
ATOM   1336 C  CD  . LYS A 1 168 ? 13.125  0.578   -1.717  1.00 37.59  ? 207 LYS A CD  1 
ATOM   1337 C  CE  . LYS A 1 168 ? 12.081  1.477   -2.353  1.00 36.40  ? 207 LYS A CE  1 
ATOM   1338 N  NZ  . LYS A 1 168 ? 10.836  0.727   -2.582  1.00 38.74  ? 207 LYS A NZ  1 
ATOM   1339 N  N   . ILE A 1 169 ? 18.341  -0.194  0.136   1.00 36.10  ? 208 ILE A N   1 
ATOM   1340 C  CA  . ILE A 1 169 ? 19.419  -1.120  0.590   1.00 33.60  ? 208 ILE A CA  1 
ATOM   1341 C  C   . ILE A 1 169 ? 19.804  -0.728  2.021   1.00 33.41  ? 208 ILE A C   1 
ATOM   1342 O  O   . ILE A 1 169 ? 19.912  -1.627  2.886   1.00 37.31  ? 208 ILE A O   1 
ATOM   1343 C  CB  . ILE A 1 169 ? 20.598  -1.077  -0.418  1.00 32.41  ? 208 ILE A CB  1 
ATOM   1344 C  CG1 . ILE A 1 169 ? 20.180  -1.635  -1.776  1.00 31.42  ? 208 ILE A CG1 1 
ATOM   1345 C  CG2 . ILE A 1 169 ? 21.806  -1.820  0.156   1.00 33.01  ? 208 ILE A CG2 1 
ATOM   1346 C  CD1 . ILE A 1 169 ? 21.080  -1.257  -2.901  1.00 37.59  ? 208 ILE A CD1 1 
ATOM   1347 N  N   . LYS A 1 170 ? 19.971  0.563   2.312   1.00 34.17  ? 209 LYS A N   1 
ATOM   1348 C  CA  . LYS A 1 170 ? 20.500  1.003   3.638   1.00 35.20  ? 209 LYS A CA  1 
ATOM   1349 C  C   . LYS A 1 170 ? 19.591  0.464   4.745   1.00 37.67  ? 209 LYS A C   1 
ATOM   1350 O  O   . LYS A 1 170 ? 20.128  0.031   5.801   1.00 37.24  ? 209 LYS A O   1 
ATOM   1351 C  CB  . LYS A 1 170 ? 20.660  2.525   3.714   1.00 35.86  ? 209 LYS A CB  1 
ATOM   1352 C  CG  . LYS A 1 170 ? 21.404  3.073   4.926   1.00 42.60  ? 209 LYS A CG  1 
ATOM   1353 C  CD  . LYS A 1 170 ? 21.652  4.597   4.819   1.00 44.92  ? 209 LYS A CD  1 
ATOM   1354 C  CE  . LYS A 1 170 ? 22.566  5.185   5.878   1.00 49.12  ? 209 LYS A CE  1 
ATOM   1355 N  NZ  . LYS A 1 170 ? 21.872  5.315   7.183   1.00 49.71  ? 209 LYS A NZ  1 
ATOM   1356 N  N   . TYR A 1 171 ? 18.272  0.460   4.520   1.00 35.88  ? 210 TYR A N   1 
ATOM   1357 C  CA  . TYR A 1 171 ? 17.277  0.168   5.583   1.00 38.95  ? 210 TYR A CA  1 
ATOM   1358 C  C   . TYR A 1 171 ? 16.732  -1.243  5.473   1.00 38.29  ? 210 TYR A C   1 
ATOM   1359 O  O   . TYR A 1 171 ? 15.995  -1.616  6.366   1.00 43.25  ? 210 TYR A O   1 
ATOM   1360 C  CB  . TYR A 1 171 ? 16.225  1.283   5.642   1.00 38.63  ? 210 TYR A CB  1 
ATOM   1361 C  CG  . TYR A 1 171 ? 16.893  2.493   6.226   1.00 38.37  ? 210 TYR A CG  1 
ATOM   1362 C  CD1 . TYR A 1 171 ? 17.299  2.459   7.552   1.00 46.61  ? 210 TYR A CD1 1 
ATOM   1363 C  CD2 . TYR A 1 171 ? 17.272  3.580   5.458   1.00 40.60  ? 210 TYR A CD2 1 
ATOM   1364 C  CE1 . TYR A 1 171 ? 17.986  3.514   8.118   1.00 47.16  ? 210 TYR A CE1 1 
ATOM   1365 C  CE2 . TYR A 1 171 ? 17.972  4.646   6.002   1.00 44.01  ? 210 TYR A CE2 1 
ATOM   1366 C  CZ  . TYR A 1 171 ? 18.341  4.599   7.341   1.00 50.01  ? 210 TYR A CZ  1 
ATOM   1367 O  OH  . TYR A 1 171 ? 19.030  5.607   7.947   1.00 52.94  ? 210 TYR A OH  1 
ATOM   1368 N  N   . ASN A 1 172 ? 17.070  -2.013  4.451   1.00 40.90  ? 211 ASN A N   1 
ATOM   1369 C  CA  . ASN A 1 172 ? 16.560  -3.398  4.377   1.00 44.92  ? 211 ASN A CA  1 
ATOM   1370 C  C   . ASN A 1 172 ? 17.515  -4.289  5.190   1.00 61.13  ? 211 ASN A C   1 
ATOM   1371 O  O   . ASN A 1 172 ? 18.596  -3.845  5.610   1.00 53.22  ? 211 ASN A O   1 
ATOM   1372 C  CB  . ASN A 1 172 ? 16.309  -3.838  2.939   1.00 50.64  ? 211 ASN A CB  1 
ATOM   1373 C  CG  . ASN A 1 172 ? 17.553  -4.282  2.190   1.00 55.09  ? 211 ASN A CG  1 
ATOM   1374 O  OD1 . ASN A 1 172 ? 17.489  -4.488  0.979   1.00 57.41  ? 211 ASN A OD1 1 
ATOM   1375 N  ND2 . ASN A 1 172 ? 18.672  -4.439  2.880   1.00 51.24  ? 211 ASN A ND2 1 
HETATM 1376 CD CD  . CD  B 2 .   ? -6.817  9.397   0.233   0.50 29.87  ? 301 CD  A CD  1 
HETATM 1377 CD CD  . CD  C 2 .   ? -3.966  11.532  -0.457  1.00 31.41  ? 302 CD  A CD  1 
HETATM 1378 CD CD  . CD  D 2 .   ? -7.124  -9.025  -9.407  1.00 67.19  ? 303 CD  A CD  1 
HETATM 1379 CD CD  . CD  E 2 .   ? -4.778  16.049  -14.321 1.00 38.96  ? 304 CD  A CD  1 
HETATM 1380 CD CD  . CD  F 2 .   ? -10.507 -7.786  -8.318  1.00 66.17  ? 305 CD  A CD  1 
HETATM 1381 N  N1  . NY7 G 3 .   ? -5.590  0.657   -15.816 0.64 67.15  ? 306 NY7 A N1  1 
HETATM 1382 C  C4  . NY7 G 3 .   ? -3.864  -1.898  -13.007 0.64 66.25  ? 306 NY7 A C4  1 
HETATM 1383 C  C5  . NY7 G 3 .   ? -4.833  -0.996  -12.558 0.64 65.60  ? 306 NY7 A C5  1 
HETATM 1384 C  C6  . NY7 G 3 .   ? -5.232  -0.946  -11.113 0.64 66.20  ? 306 NY7 A C6  1 
HETATM 1385 C  C7  . NY7 G 3 .   ? -5.412  -0.147  -13.476 0.64 66.79  ? 306 NY7 A C7  1 
HETATM 1386 C  C8  . NY7 G 3 .   ? -5.046  -0.184  -14.817 0.64 68.81  ? 306 NY7 A C8  1 
HETATM 1387 C  C10 . NY7 G 3 .   ? -6.913  2.286   -16.992 0.64 68.12  ? 306 NY7 A C10 1 
HETATM 1388 C  C1  . NY7 G 3 .   ? -2.455  -1.361  -17.009 0.64 69.32  ? 306 NY7 A C1  1 
HETATM 1389 C  C2  . NY7 G 3 .   ? -4.068  -1.097  -15.254 0.64 69.51  ? 306 NY7 A C2  1 
HETATM 1390 C  C3  . NY7 G 3 .   ? -3.481  -1.954  -14.329 0.64 67.34  ? 306 NY7 A C3  1 
HETATM 1391 C  C9  . NY7 G 3 .   ? -6.583  1.565   -15.707 0.64 66.33  ? 306 NY7 A C9  1 
HETATM 1392 N  N2  . NY7 G 3 .   ? -8.370  2.229   -17.227 0.64 68.25  1 306 NY7 A N2  1 
HETATM 1393 O  O1  . NY7 G 3 .   ? -3.781  -1.054  -16.588 0.64 70.36  ? 306 NY7 A O1  1 
HETATM 1394 O  O2  . NY7 G 3 .   ? -7.200  1.813   -14.674 0.64 62.02  ? 306 NY7 A O2  1 
HETATM 1395 O  O   . HOH H 4 .   ? -0.599  -13.237 1.299   1.00 37.48  ? 401 HOH A O   1 
HETATM 1396 O  O   . HOH H 4 .   ? -15.638 -2.273  15.775  1.00 45.35  ? 402 HOH A O   1 
HETATM 1397 O  O   . HOH H 4 .   ? 19.616  7.892   -0.688  1.00 44.74  ? 403 HOH A O   1 
HETATM 1398 O  O   . HOH H 4 .   ? 4.931   0.933   8.171   1.00 37.18  ? 404 HOH A O   1 
HETATM 1399 O  O   . HOH H 4 .   ? -8.056  -16.380 10.930  0.50 54.42  ? 405 HOH A O   1 
HETATM 1400 O  O   . HOH H 4 .   ? 8.459   -9.246  -14.943 1.00 52.27  ? 406 HOH A O   1 
HETATM 1401 O  O   . HOH H 4 .   ? 7.444   -0.573  7.861   1.00 46.11  ? 407 HOH A O   1 
HETATM 1402 O  O   . HOH H 4 .   ? 0.218   -12.236 12.692  1.00 54.24  ? 408 HOH A O   1 
HETATM 1403 O  O   . HOH H 4 .   ? -0.462  8.307   -11.655 1.00 34.00  ? 409 HOH A O   1 
HETATM 1404 O  O   . HOH H 4 .   ? -1.609  -9.225  11.787  1.00 45.50  ? 410 HOH A O   1 
HETATM 1405 O  O   . HOH H 4 .   ? 0.628   -2.336  -15.723 0.64 41.88  ? 411 HOH A O   1 
HETATM 1406 O  O   . HOH H 4 .   ? 4.895   -6.678  0.564   1.00 37.20  ? 412 HOH A O   1 
HETATM 1407 O  O   . HOH H 4 .   ? -3.183  -1.880  19.687  1.00 56.69  ? 413 HOH A O   1 
HETATM 1408 O  O   . HOH H 4 .   ? -14.800 3.561   3.754   1.00 32.18  ? 414 HOH A O   1 
HETATM 1409 O  O   . HOH H 4 .   ? 12.319  8.835   -7.100  1.00 31.19  ? 415 HOH A O   1 
HETATM 1410 O  O   . HOH H 4 .   ? 7.035   -3.860  -4.818  1.00 37.24  ? 416 HOH A O   1 
HETATM 1411 O  O   . HOH H 4 .   ? -5.308  -4.731  -9.254  1.00 44.72  ? 417 HOH A O   1 
HETATM 1412 O  O   . HOH H 4 .   ? -10.915 7.753   6.859   1.00 46.44  ? 418 HOH A O   1 
HETATM 1413 O  O   . HOH H 4 .   ? 22.162  0.496   7.588   1.00 37.51  ? 419 HOH A O   1 
HETATM 1414 O  O   . HOH H 4 .   ? -16.088 3.835   6.006   1.00 41.78  ? 420 HOH A O   1 
HETATM 1415 O  O   . HOH H 4 .   ? -1.715  -8.004  14.746  1.00 41.37  ? 421 HOH A O   1 
HETATM 1416 O  O   . HOH H 4 .   ? 19.491  8.749   -10.139 1.00 47.82  ? 422 HOH A O   1 
HETATM 1417 O  O   . HOH H 4 .   ? -2.460  -2.951  15.844  1.00 46.47  ? 423 HOH A O   1 
HETATM 1418 O  O   . HOH H 4 .   ? 6.490   6.900   0.426   1.00 29.97  ? 424 HOH A O   1 
HETATM 1419 O  O   . HOH H 4 .   ? 0.982   -8.667  10.906  1.00 35.69  ? 425 HOH A O   1 
HETATM 1420 O  O   . HOH H 4 .   ? 6.497   9.292   -2.584  1.00 35.51  ? 426 HOH A O   1 
HETATM 1421 O  O   . HOH H 4 .   ? -0.326  -10.379 -3.431  1.00 41.01  ? 427 HOH A O   1 
HETATM 1422 O  O   . HOH H 4 .   ? -13.854 5.138   7.081   1.00 38.84  ? 428 HOH A O   1 
HETATM 1423 O  O   . HOH H 4 .   ? -10.327 -1.272  -4.533  1.00 44.23  ? 429 HOH A O   1 
HETATM 1424 O  O   . HOH H 4 .   ? 20.406  11.810  -8.868  1.00 39.19  ? 430 HOH A O   1 
HETATM 1425 O  O   . HOH H 4 .   ? 1.031   -13.048 9.528   1.00 43.29  ? 431 HOH A O   1 
HETATM 1426 O  O   . HOH H 4 .   ? -6.751  -16.721 8.301   1.00 47.64  ? 432 HOH A O   1 
HETATM 1427 O  O   . HOH H 4 .   ? -5.096  9.979   5.979   1.00 49.65  ? 433 HOH A O   1 
HETATM 1428 O  O   . HOH H 4 .   ? 16.047  -1.319  -9.962  1.00 41.77  ? 434 HOH A O   1 
HETATM 1429 O  O   . HOH H 4 .   ? 11.447  14.047  -8.706  1.00 44.49  ? 435 HOH A O   1 
HETATM 1430 O  O   . HOH H 4 .   ? 9.251   -10.280 -3.785  1.00 47.12  ? 436 HOH A O   1 
HETATM 1431 O  O   . HOH H 4 .   ? 3.329   -3.688  2.299   1.00 35.46  ? 437 HOH A O   1 
HETATM 1432 O  O   . HOH H 4 .   ? 14.269  -4.105  -11.861 1.00 50.45  ? 438 HOH A O   1 
HETATM 1433 O  O   . HOH H 4 .   ? 0.839   -9.507  4.133   1.00 31.86  ? 439 HOH A O   1 
HETATM 1434 O  O   . HOH H 4 .   ? 5.884   5.751   13.371  1.00 56.69  ? 440 HOH A O   1 
HETATM 1435 O  O   . HOH H 4 .   ? -10.213 6.917   -0.221  1.00 30.17  ? 441 HOH A O   1 
HETATM 1436 O  O   . HOH H 4 .   ? -15.019 -1.214  10.799  1.00 48.11  ? 442 HOH A O   1 
HETATM 1437 O  O   . HOH H 4 .   ? 9.553   -2.377  6.421   1.00 41.25  ? 443 HOH A O   1 
HETATM 1438 O  O   . HOH H 4 .   ? 8.411   7.082   13.336  1.00 47.39  ? 444 HOH A O   1 
HETATM 1439 O  O   . HOH H 4 .   ? 3.079   12.809  3.938   1.00 50.24  ? 445 HOH A O   1 
HETATM 1440 O  O   . HOH H 4 .   ? -7.698  7.010   12.746  1.00 44.33  ? 446 HOH A O   1 
HETATM 1441 O  O   . HOH H 4 .   ? 9.604   1.805   -15.300 1.00 48.78  ? 447 HOH A O   1 
HETATM 1442 O  O   . HOH H 4 .   ? -0.294  11.658  -18.592 1.00 36.57  ? 448 HOH A O   1 
HETATM 1443 O  O   . HOH H 4 .   ? -10.443 -7.498  -5.779  1.00 36.85  ? 449 HOH A O   1 
HETATM 1444 O  O   . HOH H 4 .   ? -5.912  -9.820  -6.994  1.00 53.85  ? 450 HOH A O   1 
HETATM 1445 O  O   . HOH H 4 .   ? 6.367   -16.355 1.504   1.00 50.14  ? 451 HOH A O   1 
HETATM 1446 O  O   . HOH H 4 .   ? 1.504   -10.996 6.351   1.00 38.49  ? 452 HOH A O   1 
HETATM 1447 O  O   . HOH H 4 .   ? -8.183  8.523   5.546   1.00 27.30  ? 453 HOH A O   1 
HETATM 1448 O  O   . HOH H 4 .   ? -5.027  -7.907  -9.759  1.00 41.05  ? 454 HOH A O   1 
HETATM 1449 O  O   . HOH H 4 .   ? -7.481  9.030   -1.816  0.50 28.44  ? 455 HOH A O   1 
HETATM 1450 O  O   . HOH H 4 .   ? 1.681   -10.704 9.155   1.00 42.55  ? 456 HOH A O   1 
HETATM 1451 O  O   . HOH H 4 .   ? 17.484  -1.208  -4.292  1.00 53.07  ? 457 HOH A O   1 
HETATM 1452 O  O   . HOH H 4 .   ? -4.297  16.050  -11.953 1.00 27.52  ? 458 HOH A O   1 
HETATM 1453 O  O   . HOH H 4 .   ? -4.620  18.096  -15.690 1.00 27.15  ? 459 HOH A O   1 
HETATM 1454 O  O   . HOH H 4 .   ? -6.730  15.034  -14.560 1.00 31.26  ? 460 HOH A O   1 
HETATM 1455 O  O   . HOH H 4 .   ? -3.759  12.188  -2.748  1.00 23.47  ? 461 HOH A O   1 
HETATM 1456 O  O   . HOH H 4 .   ? 20.898  6.337   1.536   1.00 43.17  ? 462 HOH A O   1 
HETATM 1457 O  O   . HOH H 4 .   ? -7.332  -13.375 19.378  1.00 51.12  ? 463 HOH A O   1 
HETATM 1458 O  O   . HOH H 4 .   ? 23.837  -0.056  3.186   1.00 39.89  ? 464 HOH A O   1 
HETATM 1459 O  O   . HOH H 4 .   ? -14.505 -9.987  3.478   1.00 52.43  ? 465 HOH A O   1 
HETATM 1460 O  O   . HOH H 4 .   ? 22.338  11.470  -1.296  1.00 40.52  ? 466 HOH A O   1 
HETATM 1461 O  O   . HOH H 4 .   ? 0.603   -15.284 2.639   1.00 39.27  ? 467 HOH A O   1 
HETATM 1462 O  O   . HOH H 4 .   ? -16.198 -1.421  13.176  1.00 38.52  ? 468 HOH A O   1 
HETATM 1463 O  O   . HOH H 4 .   ? 18.602  -2.277  -6.337  1.00 52.00  ? 469 HOH A O   1 
HETATM 1464 O  O   . HOH H 4 .   ? -9.223  -10.240 -8.608  1.00 44.89  ? 470 HOH A O   1 
HETATM 1465 O  O   . HOH H 4 .   ? -10.748 -8.377  -10.857 1.00 53.22  ? 471 HOH A O   1 
# 
